data_1E9I
#
_entry.id   1E9I
#
_cell.length_a   107.883
_cell.length_b   150.006
_cell.length_c   127.411
_cell.angle_alpha   90.00
_cell.angle_beta   109.18
_cell.angle_gamma   90.00
#
_symmetry.space_group_name_H-M   'C 1 2 1'
#
loop_
_entity.id
_entity.type
_entity.pdbx_description
1 polymer ENOLASE
2 non-polymer 'MAGNESIUM ION'
3 non-polymer 'SULFATE ION'
4 water water
#
_entity_poly.entity_id   1
_entity_poly.type   'polypeptide(L)'
_entity_poly.pdbx_seq_one_letter_code
;SKIVKIIGREIIDSRGNPTVEAEVHLEGGFVGMAAAPSGASTGSREALELRDGDKSRFLGKGVTKAVAAVNGPIAQALIG
KDAKDQAGIDKIMIDLDGTENKSKFGANAILAVSLANAKAAAAAKGMPLYEHIAELNGTPGKYSMPVPMMNIINGGEHAD
NNVDIQEFMIQPVGAKTVKEAIRMGSEVFHHLAKVLKAKGMNTAVGDEGGYAPNLGSNAEALAVIAEAVKAAGYELGKDI
TLAMDCAASEFYKDGKYVLAGEGNKAFTSEEFTHFLEELTKQYPIVSIEDGLDESDWDGFAYQTKVLGDKIQLVGDDLFV
TNTKILKEGIEKGIANSILIKFNQIGSLTETLAAIKMAKDAGYTAVISHRSGETEDATIADLAVGTAAGQIKTGSMSRSD
RVAKYNQLIRIEEALGEKAPYNGRKEIKGQA
;
_entity_poly.pdbx_strand_id   A,B,C,D
#
# COMPACT_ATOMS: atom_id res chain seq x y z
N SER A 1 21.21 -4.64 24.85
CA SER A 1 21.16 -3.16 24.92
C SER A 1 19.86 -2.66 25.55
N LYS A 2 19.37 -1.52 25.08
CA LYS A 2 18.14 -0.94 25.62
C LYS A 2 16.91 -1.24 24.76
N ILE A 3 15.80 -1.53 25.44
CA ILE A 3 14.54 -1.82 24.77
C ILE A 3 13.92 -0.51 24.31
N VAL A 4 13.60 -0.40 23.02
CA VAL A 4 13.01 0.81 22.48
C VAL A 4 11.57 0.63 22.04
N LYS A 5 11.09 -0.61 22.06
CA LYS A 5 9.72 -0.89 21.65
C LYS A 5 9.34 -2.35 21.88
N ILE A 6 8.10 -2.57 22.31
CA ILE A 6 7.59 -3.91 22.56
C ILE A 6 6.19 -4.06 21.95
N ILE A 7 6.09 -4.94 20.96
CA ILE A 7 4.82 -5.19 20.28
C ILE A 7 4.21 -6.51 20.71
N GLY A 8 2.89 -6.52 20.88
CA GLY A 8 2.18 -7.72 21.28
C GLY A 8 0.97 -7.93 20.39
N ARG A 9 0.80 -9.14 19.86
CA ARG A 9 -0.33 -9.43 19.00
C ARG A 9 -1.00 -10.75 19.38
N GLU A 10 -2.12 -11.03 18.74
CA GLU A 10 -2.87 -12.25 18.99
C GLU A 10 -2.80 -13.16 17.75
N ILE A 11 -2.18 -14.33 17.92
CA ILE A 11 -2.05 -15.28 16.82
C ILE A 11 -2.75 -16.60 17.17
N ILE A 12 -2.77 -17.53 16.21
CA ILE A 12 -3.41 -18.83 16.42
C ILE A 12 -2.37 -19.94 16.61
N ASP A 13 -2.66 -20.87 17.53
CA ASP A 13 -1.76 -21.97 17.79
C ASP A 13 -2.02 -23.13 16.84
N SER A 14 -1.44 -24.30 17.15
CA SER A 14 -1.59 -25.48 16.31
C SER A 14 -2.95 -26.15 16.40
N ARG A 15 -3.76 -25.74 17.36
CA ARG A 15 -5.08 -26.32 17.52
C ARG A 15 -6.21 -25.36 17.14
N GLY A 16 -5.85 -24.16 16.68
CA GLY A 16 -6.85 -23.19 16.28
C GLY A 16 -7.31 -22.26 17.40
N ASN A 17 -6.55 -22.20 18.48
CA ASN A 17 -6.88 -21.35 19.61
C ASN A 17 -5.87 -20.23 19.73
N PRO A 18 -6.33 -18.99 19.95
CA PRO A 18 -5.49 -17.80 20.09
C PRO A 18 -4.38 -17.94 21.13
N THR A 19 -3.33 -17.16 20.95
CA THR A 19 -2.21 -17.15 21.88
C THR A 19 -1.40 -15.87 21.70
N VAL A 20 -0.56 -15.56 22.68
CA VAL A 20 0.25 -14.36 22.64
C VAL A 20 1.61 -14.55 21.96
N GLU A 21 2.08 -13.49 21.32
CA GLU A 21 3.36 -13.50 20.63
C GLU A 21 3.99 -12.11 20.76
N ALA A 22 4.94 -11.97 21.68
CA ALA A 22 5.61 -10.70 21.90
C ALA A 22 6.54 -10.35 20.74
N GLU A 23 7.29 -9.28 20.90
CA GLU A 23 8.23 -8.80 19.89
C GLU A 23 9.03 -7.66 20.48
N VAL A 24 10.13 -7.98 21.14
CA VAL A 24 10.99 -6.98 21.78
C VAL A 24 11.98 -6.34 20.81
N HIS A 25 11.95 -5.01 20.74
CA HIS A 25 12.85 -4.27 19.86
C HIS A 25 13.91 -3.53 20.68
N LEU A 26 15.17 -3.70 20.30
CA LEU A 26 16.27 -3.05 21.00
C LEU A 26 16.89 -1.96 20.14
N GLU A 27 17.69 -1.12 20.78
CA GLU A 27 18.36 -0.02 20.08
C GLU A 27 19.42 -0.58 19.13
N GLY A 28 19.24 -0.32 17.84
CA GLY A 28 20.17 -0.82 16.84
C GLY A 28 19.46 -1.60 15.76
N GLY A 29 18.14 -1.74 15.89
CA GLY A 29 17.36 -2.47 14.92
C GLY A 29 17.18 -3.94 15.28
N PHE A 30 17.88 -4.39 16.32
CA PHE A 30 17.77 -5.78 16.75
C PHE A 30 16.35 -6.10 17.20
N VAL A 31 15.90 -7.32 16.92
CA VAL A 31 14.55 -7.74 17.29
C VAL A 31 14.50 -9.21 17.69
N GLY A 32 13.56 -9.53 18.57
CA GLY A 32 13.38 -10.89 19.04
C GLY A 32 11.90 -11.19 19.18
N MET A 33 11.38 -12.09 18.35
CA MET A 33 9.97 -12.46 18.39
C MET A 33 9.76 -13.87 18.93
N ALA A 34 8.77 -14.03 19.82
CA ALA A 34 8.47 -15.33 20.40
C ALA A 34 6.99 -15.44 20.77
N ALA A 35 6.47 -16.65 20.72
CA ALA A 35 5.07 -16.91 21.04
C ALA A 35 5.00 -17.80 22.28
N ALA A 36 3.80 -17.94 22.83
CA ALA A 36 3.60 -18.75 24.01
C ALA A 36 2.69 -19.93 23.72
N PRO A 37 3.01 -21.11 24.27
CA PRO A 37 2.20 -22.31 24.06
C PRO A 37 0.95 -22.29 24.96
N SER A 38 0.00 -23.16 24.68
CA SER A 38 -1.22 -23.23 25.47
C SER A 38 -0.90 -23.63 26.90
N GLY A 39 -1.63 -23.05 27.84
CA GLY A 39 -1.42 -23.35 29.25
C GLY A 39 -2.72 -23.53 29.99
N ALA A 40 -2.65 -23.60 31.32
CA ALA A 40 -3.83 -23.77 32.14
C ALA A 40 -4.42 -22.41 32.48
N SER A 41 -5.71 -22.24 32.18
CA SER A 41 -6.40 -20.97 32.47
C SER A 41 -7.00 -20.98 33.86
N THR A 42 -7.08 -22.17 34.45
CA THR A 42 -7.63 -22.32 35.79
C THR A 42 -6.74 -23.25 36.63
N GLY A 43 -6.90 -23.18 37.95
CA GLY A 43 -6.10 -24.02 38.82
C GLY A 43 -5.42 -23.20 39.91
N SER A 44 -5.01 -23.89 40.97
CA SER A 44 -4.33 -23.22 42.08
C SER A 44 -2.99 -23.85 42.37
N ARG A 45 -2.25 -24.20 41.31
CA ARG A 45 -0.95 -24.83 41.48
C ARG A 45 0.09 -24.29 40.49
N GLU A 46 -0.37 -23.92 39.30
CA GLU A 46 0.53 -23.40 38.27
C GLU A 46 0.12 -22.02 37.79
N ALA A 47 1.07 -21.28 37.23
CA ALA A 47 0.81 -19.95 36.72
C ALA A 47 -0.23 -20.05 35.62
N LEU A 48 -1.32 -19.31 35.76
CA LEU A 48 -2.40 -19.36 34.79
C LEU A 48 -2.23 -18.39 33.64
N GLU A 49 -2.88 -18.72 32.52
CA GLU A 49 -2.84 -17.87 31.34
C GLU A 49 -4.17 -17.12 31.26
N LEU A 50 -4.11 -15.84 30.92
CA LEU A 50 -5.30 -15.02 30.81
C LEU A 50 -5.97 -15.08 29.45
N ARG A 51 -7.24 -15.49 29.43
CA ARG A 51 -8.03 -15.56 28.21
C ARG A 51 -9.32 -14.78 28.44
N ASP A 52 -9.78 -14.08 27.40
CA ASP A 52 -10.99 -13.30 27.50
C ASP A 52 -12.21 -14.22 27.51
N GLY A 53 -13.13 -13.97 28.44
CA GLY A 53 -14.32 -14.79 28.52
C GLY A 53 -15.29 -14.44 27.39
N ASP A 54 -14.87 -13.49 26.55
CA ASP A 54 -15.67 -13.04 25.42
C ASP A 54 -16.06 -14.23 24.54
N LYS A 55 -17.29 -14.71 24.71
CA LYS A 55 -17.78 -15.84 23.94
C LYS A 55 -18.09 -15.52 22.48
N SER A 56 -18.01 -14.24 22.13
CA SER A 56 -18.30 -13.84 20.75
C SER A 56 -17.00 -13.83 19.94
N ARG A 57 -15.95 -14.40 20.52
CA ARG A 57 -14.64 -14.47 19.88
C ARG A 57 -13.93 -15.77 20.22
N PHE A 58 -13.67 -16.57 19.19
CA PHE A 58 -12.97 -17.84 19.38
C PHE A 58 -13.60 -18.68 20.48
N LEU A 59 -14.94 -18.70 20.52
CA LEU A 59 -15.66 -19.46 21.53
C LEU A 59 -15.20 -19.12 22.95
N GLY A 60 -14.72 -17.89 23.14
CA GLY A 60 -14.28 -17.45 24.45
C GLY A 60 -12.85 -17.79 24.81
N LYS A 61 -12.02 -18.07 23.82
CA LYS A 61 -10.61 -18.39 24.07
C LYS A 61 -9.66 -17.35 23.50
N GLY A 62 -10.13 -16.11 23.43
CA GLY A 62 -9.30 -15.04 22.91
C GLY A 62 -8.30 -14.61 23.97
N VAL A 63 -7.30 -13.82 23.56
CA VAL A 63 -6.29 -13.36 24.51
C VAL A 63 -5.96 -11.88 24.35
N THR A 64 -6.96 -11.09 23.99
CA THR A 64 -6.77 -9.65 23.81
C THR A 64 -6.34 -9.00 25.12
N LYS A 65 -6.89 -9.48 26.24
CA LYS A 65 -6.54 -8.92 27.54
C LYS A 65 -5.04 -9.07 27.79
N ALA A 66 -4.55 -10.31 27.66
CA ALA A 66 -3.14 -10.61 27.86
C ALA A 66 -2.31 -9.78 26.87
N VAL A 67 -2.75 -9.75 25.62
CA VAL A 67 -2.06 -8.98 24.59
C VAL A 67 -2.01 -7.52 25.00
N ALA A 68 -3.10 -7.04 25.60
CA ALA A 68 -3.18 -5.66 26.05
C ALA A 68 -2.12 -5.40 27.11
N ALA A 69 -1.96 -6.36 28.02
CA ALA A 69 -0.97 -6.24 29.08
C ALA A 69 0.41 -5.98 28.49
N VAL A 70 0.73 -6.73 27.43
CA VAL A 70 2.02 -6.59 26.76
C VAL A 70 2.20 -5.17 26.21
N ASN A 71 1.26 -4.75 25.37
CA ASN A 71 1.31 -3.41 24.79
C ASN A 71 1.21 -2.33 25.85
N GLY A 72 0.26 -2.50 26.77
CA GLY A 72 0.05 -1.53 27.83
C GLY A 72 1.18 -1.38 28.83
N PRO A 73 0.95 -1.79 30.10
CA PRO A 73 1.95 -1.70 31.17
C PRO A 73 3.29 -2.34 30.89
N ILE A 74 3.28 -3.65 30.64
CA ILE A 74 4.50 -4.41 30.36
C ILE A 74 5.47 -3.62 29.48
N ALA A 75 4.98 -3.13 28.35
CA ALA A 75 5.81 -2.38 27.43
C ALA A 75 6.46 -1.18 28.11
N GLN A 76 5.62 -0.24 28.55
CA GLN A 76 6.11 0.98 29.21
C GLN A 76 7.03 0.68 30.38
N ALA A 77 6.83 -0.47 31.02
CA ALA A 77 7.64 -0.86 32.17
C ALA A 77 9.02 -1.37 31.77
N LEU A 78 9.11 -1.93 30.56
CA LEU A 78 10.37 -2.48 30.07
C LEU A 78 11.13 -1.49 29.20
N ILE A 79 10.43 -0.49 28.68
CA ILE A 79 11.07 0.52 27.83
C ILE A 79 12.26 1.15 28.55
N GLY A 80 13.39 1.23 27.87
CA GLY A 80 14.57 1.82 28.46
C GLY A 80 15.43 0.85 29.23
N LYS A 81 14.84 -0.28 29.65
CA LYS A 81 15.58 -1.29 30.40
C LYS A 81 16.58 -2.04 29.53
N ASP A 82 17.60 -2.62 30.18
CA ASP A 82 18.63 -3.37 29.48
C ASP A 82 18.19 -4.81 29.25
N ALA A 83 17.75 -5.12 28.03
CA ALA A 83 17.30 -6.44 27.68
C ALA A 83 18.37 -7.49 27.92
N LYS A 84 19.63 -7.08 27.88
CA LYS A 84 20.73 -8.00 28.10
C LYS A 84 20.61 -8.69 29.46
N ASP A 85 20.03 -7.98 30.43
CA ASP A 85 19.82 -8.53 31.76
C ASP A 85 18.46 -9.22 31.81
N GLN A 86 18.48 -10.56 31.71
CA GLN A 86 17.27 -11.35 31.71
C GLN A 86 16.54 -11.35 33.05
N ALA A 87 17.24 -11.73 34.11
CA ALA A 87 16.66 -11.77 35.44
C ALA A 87 15.95 -10.47 35.80
N GLY A 88 16.53 -9.35 35.38
CA GLY A 88 15.95 -8.06 35.66
C GLY A 88 14.67 -7.80 34.92
N ILE A 89 14.65 -8.13 33.63
CA ILE A 89 13.46 -7.92 32.81
C ILE A 89 12.30 -8.78 33.28
N ASP A 90 12.60 -10.02 33.67
CA ASP A 90 11.56 -10.91 34.16
C ASP A 90 11.09 -10.50 35.56
N LYS A 91 11.93 -9.74 36.26
CA LYS A 91 11.59 -9.29 37.60
C LYS A 91 10.61 -8.12 37.59
N ILE A 92 10.89 -7.12 36.77
CA ILE A 92 10.02 -5.96 36.68
C ILE A 92 8.68 -6.25 36.02
N MET A 93 8.51 -7.48 35.53
CA MET A 93 7.26 -7.89 34.90
C MET A 93 6.43 -8.71 35.87
N ILE A 94 7.09 -9.58 36.63
CA ILE A 94 6.41 -10.42 37.60
C ILE A 94 5.94 -9.60 38.79
N ASP A 95 6.65 -8.52 39.08
CA ASP A 95 6.27 -7.65 40.19
C ASP A 95 5.10 -6.77 39.81
N LEU A 96 5.12 -6.26 38.58
CA LEU A 96 4.05 -5.41 38.10
C LEU A 96 2.74 -6.18 38.17
N ASP A 97 2.80 -7.46 37.82
CA ASP A 97 1.63 -8.32 37.85
C ASP A 97 1.07 -8.36 39.27
N GLY A 98 1.99 -8.37 40.25
CA GLY A 98 1.58 -8.41 41.64
C GLY A 98 1.21 -9.78 42.17
N THR A 99 0.38 -10.50 41.44
CA THR A 99 -0.05 -11.83 41.87
C THR A 99 1.09 -12.85 41.78
N GLU A 100 0.87 -14.03 42.36
CA GLU A 100 1.86 -15.09 42.35
C GLU A 100 1.73 -15.95 41.10
N ASN A 101 0.49 -16.28 40.73
CA ASN A 101 0.22 -17.10 39.57
C ASN A 101 0.11 -16.28 38.28
N LYS A 102 0.60 -15.05 38.32
CA LYS A 102 0.55 -14.17 37.14
C LYS A 102 -0.86 -14.13 36.55
N SER A 103 -1.84 -13.75 37.36
CA SER A 103 -3.22 -13.66 36.92
C SER A 103 -3.57 -12.32 36.28
N LYS A 104 -2.91 -11.26 36.72
CA LYS A 104 -3.18 -9.94 36.19
C LYS A 104 -2.95 -9.89 34.68
N PHE A 105 -1.68 -9.92 34.27
CA PHE A 105 -1.34 -9.88 32.84
C PHE A 105 -1.46 -11.26 32.20
N GLY A 106 -1.20 -12.29 32.99
CA GLY A 106 -1.28 -13.65 32.47
C GLY A 106 0.10 -14.20 32.12
N ALA A 107 0.32 -15.47 32.45
CA ALA A 107 1.60 -16.12 32.17
C ALA A 107 1.87 -16.16 30.67
N ASN A 108 0.81 -16.20 29.88
CA ASN A 108 0.92 -16.25 28.43
C ASN A 108 1.38 -14.91 27.87
N ALA A 109 1.48 -13.91 28.72
CA ALA A 109 1.92 -12.58 28.31
C ALA A 109 3.35 -12.32 28.79
N ILE A 110 3.61 -12.67 30.04
CA ILE A 110 4.93 -12.48 30.62
C ILE A 110 5.96 -13.38 29.94
N LEU A 111 5.53 -14.60 29.61
CA LEU A 111 6.41 -15.55 28.94
C LEU A 111 6.72 -15.10 27.53
N ALA A 112 5.69 -14.65 26.81
CA ALA A 112 5.86 -14.18 25.44
C ALA A 112 6.94 -13.11 25.38
N VAL A 113 6.83 -12.11 26.26
CA VAL A 113 7.81 -11.04 26.31
C VAL A 113 9.15 -11.52 26.85
N SER A 114 9.09 -12.35 27.89
CA SER A 114 10.29 -12.91 28.51
C SER A 114 11.21 -13.53 27.47
N LEU A 115 10.66 -14.42 26.65
CA LEU A 115 11.42 -15.10 25.62
C LEU A 115 11.84 -14.15 24.50
N ALA A 116 10.90 -13.34 24.03
CA ALA A 116 11.17 -12.38 22.97
C ALA A 116 12.35 -11.51 23.39
N ASN A 117 12.40 -11.17 24.67
CA ASN A 117 13.46 -10.35 25.23
C ASN A 117 14.80 -11.06 25.05
N ALA A 118 14.85 -12.32 25.49
CA ALA A 118 16.06 -13.12 25.39
C ALA A 118 16.56 -13.15 23.94
N LYS A 119 15.67 -13.49 23.02
CA LYS A 119 16.03 -13.55 21.61
C LYS A 119 16.55 -12.22 21.12
N ALA A 120 15.88 -11.14 21.52
CA ALA A 120 16.27 -9.80 21.14
C ALA A 120 17.69 -9.51 21.62
N ALA A 121 17.95 -9.85 22.89
CA ALA A 121 19.25 -9.64 23.49
C ALA A 121 20.32 -10.47 22.77
N ALA A 122 19.99 -11.72 22.50
CA ALA A 122 20.91 -12.62 21.81
C ALA A 122 21.31 -12.06 20.44
N ALA A 123 20.38 -11.37 19.80
CA ALA A 123 20.63 -10.79 18.49
C ALA A 123 21.65 -9.66 18.60
N ALA A 124 21.45 -8.80 19.60
CA ALA A 124 22.34 -7.66 19.81
C ALA A 124 23.78 -8.12 20.08
N LYS A 125 23.93 -9.27 20.72
CA LYS A 125 25.25 -9.79 21.03
C LYS A 125 25.82 -10.63 19.90
N GLY A 126 25.13 -10.62 18.76
CA GLY A 126 25.59 -11.39 17.61
C GLY A 126 25.80 -12.87 17.88
N MET A 127 24.81 -13.53 18.47
CA MET A 127 24.91 -14.95 18.77
C MET A 127 23.54 -15.62 18.80
N PRO A 128 23.51 -16.94 18.56
CA PRO A 128 22.24 -17.69 18.59
C PRO A 128 21.61 -17.64 19.98
N LEU A 129 20.34 -18.03 20.09
CA LEU A 129 19.66 -18.02 21.35
C LEU A 129 20.27 -19.04 22.32
N TYR A 130 20.62 -20.21 21.79
CA TYR A 130 21.18 -21.27 22.61
C TYR A 130 22.52 -20.86 23.23
N GLU A 131 23.20 -19.90 22.60
CA GLU A 131 24.49 -19.44 23.11
C GLU A 131 24.25 -18.40 24.20
N HIS A 132 23.25 -17.54 23.97
CA HIS A 132 22.91 -16.50 24.94
C HIS A 132 22.38 -17.12 26.23
N ILE A 133 21.53 -18.15 26.09
CA ILE A 133 20.98 -18.82 27.24
C ILE A 133 22.10 -19.43 28.07
N ALA A 134 23.06 -20.06 27.40
CA ALA A 134 24.19 -20.69 28.08
C ALA A 134 24.92 -19.67 28.94
N GLU A 135 25.07 -18.45 28.42
CA GLU A 135 25.76 -17.40 29.15
C GLU A 135 24.94 -16.96 30.34
N LEU A 136 23.64 -16.74 30.12
CA LEU A 136 22.74 -16.34 31.19
C LEU A 136 22.78 -17.37 32.31
N ASN A 137 23.05 -18.61 31.94
CA ASN A 137 23.11 -19.69 32.91
C ASN A 137 24.45 -19.71 33.60
N GLY A 138 25.44 -19.07 32.98
CA GLY A 138 26.78 -19.05 33.56
C GLY A 138 27.60 -20.23 33.09
N THR A 139 27.12 -20.86 32.02
CA THR A 139 27.80 -22.02 31.44
C THR A 139 27.84 -21.85 29.91
N PRO A 140 28.63 -20.89 29.42
CA PRO A 140 28.78 -20.59 28.00
C PRO A 140 28.97 -21.77 27.04
N GLY A 141 30.15 -22.35 27.05
CA GLY A 141 30.42 -23.45 26.12
C GLY A 141 29.79 -24.79 26.43
N LYS A 142 29.13 -24.92 27.58
CA LYS A 142 28.52 -26.20 27.96
C LYS A 142 27.24 -26.49 27.18
N TYR A 143 27.37 -27.28 26.13
CA TYR A 143 26.25 -27.63 25.28
C TYR A 143 26.06 -29.15 25.20
N SER A 144 24.94 -29.55 24.58
CA SER A 144 24.62 -30.96 24.37
C SER A 144 23.30 -31.04 23.62
N MET A 145 23.17 -32.04 22.75
CA MET A 145 21.95 -32.23 22.01
C MET A 145 21.06 -33.19 22.79
N PRO A 146 19.88 -32.70 23.23
CA PRO A 146 18.92 -33.48 24.01
C PRO A 146 18.43 -34.78 23.38
N VAL A 147 18.31 -35.81 24.20
CA VAL A 147 17.81 -37.10 23.76
C VAL A 147 16.30 -36.94 23.72
N PRO A 148 15.68 -37.14 22.55
CA PRO A 148 14.24 -36.99 22.43
C PRO A 148 13.38 -38.22 22.70
N MET A 149 12.29 -38.00 23.42
CA MET A 149 11.34 -39.07 23.69
C MET A 149 10.14 -38.65 22.82
N MET A 150 9.96 -39.34 21.71
CA MET A 150 8.92 -39.02 20.75
C MET A 150 7.59 -39.73 20.93
N ASN A 151 6.52 -38.93 21.01
CA ASN A 151 5.17 -39.45 21.13
C ASN A 151 4.92 -40.36 19.93
N ILE A 152 4.31 -41.51 20.15
CA ILE A 152 4.04 -42.43 19.05
C ILE A 152 2.62 -43.00 19.15
N ILE A 153 2.20 -43.34 20.35
CA ILE A 153 0.87 -43.89 20.59
C ILE A 153 0.19 -43.10 21.70
N ASN A 154 -1.04 -42.67 21.44
CA ASN A 154 -1.80 -41.89 22.42
C ASN A 154 -2.95 -42.68 23.02
N GLY A 155 -3.20 -42.45 24.30
CA GLY A 155 -4.28 -43.14 24.98
C GLY A 155 -4.93 -42.25 26.02
N GLY A 156 -5.62 -42.87 26.98
CA GLY A 156 -6.28 -42.11 28.03
C GLY A 156 -7.19 -41.01 27.51
N GLU A 157 -7.05 -39.81 28.06
CA GLU A 157 -7.86 -38.68 27.67
C GLU A 157 -7.49 -38.13 26.29
N HIS A 158 -6.30 -38.48 25.80
CA HIS A 158 -5.84 -38.01 24.50
C HIS A 158 -6.24 -38.95 23.37
N ALA A 159 -7.08 -39.92 23.67
CA ALA A 159 -7.52 -40.87 22.66
C ALA A 159 -8.84 -41.55 23.03
N ASP A 160 -9.36 -42.33 22.10
CA ASP A 160 -10.60 -43.07 22.31
C ASP A 160 -10.37 -44.55 22.04
N ASN A 161 -9.59 -45.17 22.92
CA ASN A 161 -9.27 -46.60 22.82
C ASN A 161 -9.19 -47.19 24.21
N ASN A 162 -8.79 -48.46 24.29
CA ASN A 162 -8.68 -49.10 25.60
C ASN A 162 -7.24 -49.03 26.11
N VAL A 163 -6.66 -47.84 26.03
CA VAL A 163 -5.30 -47.60 26.50
C VAL A 163 -5.35 -46.55 27.59
N ASP A 164 -4.79 -46.88 28.75
CA ASP A 164 -4.78 -45.99 29.88
C ASP A 164 -3.65 -44.97 29.82
N ILE A 165 -2.45 -45.46 29.45
CA ILE A 165 -1.28 -44.60 29.35
C ILE A 165 -1.56 -43.47 28.37
N GLN A 166 -1.57 -42.24 28.87
CA GLN A 166 -1.85 -41.08 28.03
C GLN A 166 -1.02 -41.04 26.76
N GLU A 167 0.23 -41.47 26.84
CA GLU A 167 1.08 -41.47 25.65
C GLU A 167 2.32 -42.36 25.76
N PHE A 168 2.61 -43.07 24.67
CA PHE A 168 3.78 -43.93 24.61
C PHE A 168 4.81 -43.25 23.71
N MET A 169 6.05 -43.18 24.19
CA MET A 169 7.11 -42.53 23.43
C MET A 169 8.30 -43.44 23.14
N ILE A 170 9.10 -43.07 22.15
CA ILE A 170 10.29 -43.81 21.79
C ILE A 170 11.51 -42.89 21.89
N GLN A 171 12.65 -43.45 22.30
CA GLN A 171 13.87 -42.66 22.45
C GLN A 171 15.03 -43.26 21.67
N PRO A 172 15.44 -42.60 20.56
CA PRO A 172 16.56 -43.06 19.71
C PRO A 172 17.90 -42.96 20.43
N VAL A 173 18.04 -43.69 21.53
CA VAL A 173 19.27 -43.67 22.32
C VAL A 173 20.49 -44.22 21.55
N GLY A 174 20.24 -45.08 20.57
CA GLY A 174 21.32 -45.64 19.81
C GLY A 174 21.99 -44.66 18.85
N ALA A 175 21.32 -43.54 18.58
CA ALA A 175 21.86 -42.54 17.67
C ALA A 175 23.14 -41.91 18.22
N LYS A 176 23.95 -41.36 17.32
CA LYS A 176 25.21 -40.72 17.68
C LYS A 176 25.09 -39.20 17.55
N THR A 177 24.03 -38.75 16.89
CA THR A 177 23.75 -37.34 16.69
C THR A 177 22.23 -37.14 16.74
N VAL A 178 21.78 -35.95 17.10
CA VAL A 178 20.35 -35.71 17.18
C VAL A 178 19.75 -35.85 15.78
N LYS A 179 20.57 -35.62 14.75
CA LYS A 179 20.12 -35.74 13.39
C LYS A 179 19.74 -37.17 13.09
N GLU A 180 20.61 -38.10 13.46
CA GLU A 180 20.35 -39.54 13.24
C GLU A 180 19.14 -39.97 14.05
N ALA A 181 19.01 -39.40 15.24
CA ALA A 181 17.89 -39.71 16.13
C ALA A 181 16.57 -39.34 15.47
N ILE A 182 16.52 -38.13 14.92
CA ILE A 182 15.30 -37.66 14.26
C ILE A 182 14.92 -38.57 13.09
N ARG A 183 15.94 -39.05 12.37
CA ARG A 183 15.71 -39.93 11.23
C ARG A 183 15.10 -41.26 11.71
N MET A 184 15.70 -41.82 12.76
CA MET A 184 15.23 -43.08 13.32
C MET A 184 13.77 -42.95 13.74
N GLY A 185 13.45 -41.84 14.39
CA GLY A 185 12.08 -41.60 14.84
C GLY A 185 11.12 -41.51 13.66
N SER A 186 11.58 -40.85 12.60
CA SER A 186 10.78 -40.70 11.39
C SER A 186 10.48 -42.05 10.76
N GLU A 187 11.51 -42.88 10.63
CA GLU A 187 11.35 -44.21 10.03
C GLU A 187 10.41 -45.10 10.83
N VAL A 188 10.56 -45.12 12.16
CA VAL A 188 9.70 -45.94 12.98
C VAL A 188 8.29 -45.41 12.87
N PHE A 189 8.18 -44.09 12.88
CA PHE A 189 6.88 -43.41 12.77
C PHE A 189 6.12 -43.90 11.55
N HIS A 190 6.77 -43.86 10.38
CA HIS A 190 6.13 -44.29 9.16
C HIS A 190 5.84 -45.79 9.14
N HIS A 191 6.72 -46.57 9.76
CA HIS A 191 6.53 -48.01 9.83
C HIS A 191 5.34 -48.39 10.72
N LEU A 192 5.14 -47.63 11.79
CA LEU A 192 4.04 -47.89 12.69
C LEU A 192 2.74 -47.72 11.93
N ALA A 193 2.67 -46.68 11.12
CA ALA A 193 1.47 -46.39 10.34
C ALA A 193 1.15 -47.59 9.46
N LYS A 194 2.19 -48.25 8.95
CA LYS A 194 2.00 -49.41 8.10
C LYS A 194 1.39 -50.55 8.91
N VAL A 195 1.84 -50.69 10.15
CA VAL A 195 1.35 -51.75 11.03
C VAL A 195 -0.11 -51.47 11.44
N LEU A 196 -0.42 -50.20 11.67
CA LEU A 196 -1.76 -49.81 12.07
C LEU A 196 -2.77 -49.98 10.93
N LYS A 197 -2.34 -49.73 9.71
CA LYS A 197 -3.22 -49.89 8.57
C LYS A 197 -3.53 -51.36 8.33
N ALA A 198 -2.50 -52.20 8.47
CA ALA A 198 -2.65 -53.63 8.28
C ALA A 198 -3.63 -54.18 9.33
N LYS A 199 -3.71 -53.51 10.47
CA LYS A 199 -4.60 -53.92 11.54
C LYS A 199 -5.95 -53.23 11.38
N GLY A 200 -6.12 -52.53 10.26
CA GLY A 200 -7.35 -51.83 9.99
C GLY A 200 -7.66 -50.74 10.98
N MET A 201 -6.63 -50.04 11.43
CA MET A 201 -6.83 -48.95 12.40
C MET A 201 -6.61 -47.59 11.74
N ASN A 202 -7.10 -46.54 12.39
CA ASN A 202 -6.96 -45.18 11.89
C ASN A 202 -5.54 -44.66 12.09
N THR A 203 -4.96 -44.09 11.04
CA THR A 203 -3.60 -43.56 11.09
C THR A 203 -3.57 -42.04 11.15
N ALA A 204 -4.73 -41.42 11.36
CA ALA A 204 -4.82 -39.97 11.45
C ALA A 204 -4.13 -39.49 12.72
N VAL A 205 -3.08 -38.68 12.56
CA VAL A 205 -2.32 -38.18 13.70
C VAL A 205 -3.19 -37.41 14.68
N GLY A 206 -2.62 -37.07 15.84
CA GLY A 206 -3.35 -36.33 16.84
C GLY A 206 -2.75 -34.94 17.05
N ASP A 207 -2.89 -34.39 18.26
CA ASP A 207 -2.37 -33.07 18.56
C ASP A 207 -0.84 -33.01 18.55
N GLU A 208 -0.21 -34.11 18.94
CA GLU A 208 1.24 -34.20 19.00
C GLU A 208 1.85 -34.87 17.78
N GLY A 209 1.01 -35.19 16.80
CA GLY A 209 1.49 -35.83 15.58
C GLY A 209 1.53 -37.35 15.66
N GLY A 210 1.24 -37.89 16.84
CA GLY A 210 1.25 -39.33 17.01
C GLY A 210 -0.06 -39.97 16.62
N TYR A 211 -0.11 -41.29 16.70
CA TYR A 211 -1.31 -42.05 16.32
C TYR A 211 -2.15 -42.39 17.55
N ALA A 212 -3.46 -42.43 17.37
CA ALA A 212 -4.38 -42.76 18.46
C ALA A 212 -5.34 -43.85 18.00
N PRO A 213 -4.81 -45.00 17.54
CA PRO A 213 -5.65 -46.10 17.07
C PRO A 213 -6.47 -46.70 18.19
N ASN A 214 -7.57 -47.36 17.82
CA ASN A 214 -8.46 -47.97 18.82
C ASN A 214 -7.92 -49.34 19.23
N LEU A 215 -6.89 -49.34 20.07
CA LEU A 215 -6.26 -50.54 20.58
C LEU A 215 -7.07 -51.08 21.76
N GLY A 216 -7.19 -52.40 21.83
CA GLY A 216 -7.97 -53.02 22.89
C GLY A 216 -7.33 -53.11 24.27
N SER A 217 -6.05 -52.76 24.38
CA SER A 217 -5.37 -52.84 25.67
C SER A 217 -4.01 -52.16 25.66
N ASN A 218 -3.41 -52.02 26.83
CA ASN A 218 -2.10 -51.39 26.94
C ASN A 218 -1.06 -52.24 26.24
N ALA A 219 -1.13 -53.55 26.44
CA ALA A 219 -0.19 -54.48 25.83
C ALA A 219 -0.15 -54.31 24.31
N GLU A 220 -1.33 -54.15 23.69
CA GLU A 220 -1.42 -54.00 22.26
C GLU A 220 -0.66 -52.73 21.79
N ALA A 221 -0.79 -51.66 22.56
CA ALA A 221 -0.12 -50.42 22.24
C ALA A 221 1.39 -50.67 22.24
N LEU A 222 1.86 -51.43 23.24
CA LEU A 222 3.28 -51.75 23.35
C LEU A 222 3.70 -52.71 22.24
N ALA A 223 2.75 -53.53 21.79
CA ALA A 223 3.03 -54.50 20.74
C ALA A 223 3.21 -53.83 19.38
N VAL A 224 2.25 -52.99 18.99
CA VAL A 224 2.33 -52.29 17.70
C VAL A 224 3.60 -51.47 17.59
N ILE A 225 4.03 -50.90 18.72
CA ILE A 225 5.25 -50.09 18.74
C ILE A 225 6.48 -50.98 18.54
N ALA A 226 6.48 -52.12 19.20
CA ALA A 226 7.58 -53.06 19.11
C ALA A 226 7.72 -53.58 17.68
N GLU A 227 6.59 -53.86 17.05
CA GLU A 227 6.58 -54.35 15.68
C GLU A 227 7.13 -53.30 14.72
N ALA A 228 6.80 -52.04 14.99
CA ALA A 228 7.24 -50.93 14.16
C ALA A 228 8.77 -50.79 14.20
N VAL A 229 9.33 -50.72 15.40
CA VAL A 229 10.78 -50.59 15.56
C VAL A 229 11.52 -51.68 14.79
N LYS A 230 10.96 -52.90 14.80
CA LYS A 230 11.58 -54.02 14.11
C LYS A 230 11.47 -53.86 12.59
N ALA A 231 10.30 -53.48 12.11
CA ALA A 231 10.07 -53.30 10.69
C ALA A 231 10.97 -52.18 10.15
N ALA A 232 11.34 -51.24 11.02
CA ALA A 232 12.20 -50.13 10.65
C ALA A 232 13.68 -50.53 10.67
N GLY A 233 13.94 -51.79 11.03
CA GLY A 233 15.31 -52.28 11.08
C GLY A 233 16.10 -51.86 12.30
N TYR A 234 15.40 -51.68 13.41
CA TYR A 234 16.05 -51.29 14.67
C TYR A 234 15.71 -52.29 15.78
N GLU A 235 16.59 -52.37 16.78
CA GLU A 235 16.38 -53.31 17.88
C GLU A 235 15.95 -52.61 19.17
N LEU A 236 14.84 -53.07 19.75
CA LEU A 236 14.33 -52.50 20.99
C LEU A 236 15.35 -52.65 22.12
N GLY A 237 15.55 -51.58 22.88
CA GLY A 237 16.49 -51.61 23.97
C GLY A 237 17.87 -51.13 23.59
N LYS A 238 18.34 -51.52 22.41
CA LYS A 238 19.66 -51.11 21.96
C LYS A 238 19.61 -49.80 21.19
N ASP A 239 18.77 -49.76 20.15
CA ASP A 239 18.65 -48.54 19.34
C ASP A 239 17.59 -47.62 19.92
N ILE A 240 16.47 -48.19 20.35
CA ILE A 240 15.37 -47.42 20.90
C ILE A 240 14.90 -47.90 22.27
N THR A 241 14.65 -46.96 23.17
CA THR A 241 14.16 -47.25 24.51
C THR A 241 12.75 -46.68 24.60
N LEU A 242 11.95 -47.15 25.55
CA LEU A 242 10.59 -46.67 25.66
C LEU A 242 10.32 -45.80 26.88
N ALA A 243 9.68 -44.66 26.65
CA ALA A 243 9.32 -43.72 27.69
C ALA A 243 7.80 -43.64 27.65
N MET A 244 7.17 -43.22 28.75
CA MET A 244 5.72 -43.11 28.78
C MET A 244 5.21 -42.12 29.79
N ASP A 245 4.04 -41.56 29.50
CA ASP A 245 3.39 -40.61 30.40
C ASP A 245 2.08 -41.25 30.88
N CYS A 246 2.09 -41.74 32.12
CA CYS A 246 0.91 -42.39 32.69
C CYS A 246 -0.25 -41.42 32.89
N ALA A 247 0.05 -40.22 33.37
CA ALA A 247 -0.96 -39.22 33.64
C ALA A 247 -1.95 -39.89 34.59
N ALA A 248 -1.39 -40.71 35.48
CA ALA A 248 -2.14 -41.47 36.48
C ALA A 248 -3.31 -40.73 37.15
N SER A 249 -3.20 -39.41 37.25
CA SER A 249 -4.26 -38.62 37.85
C SER A 249 -5.57 -38.83 37.10
N GLU A 250 -5.48 -39.25 35.84
CA GLU A 250 -6.66 -39.47 35.03
C GLU A 250 -7.43 -40.72 35.41
N PHE A 251 -6.71 -41.77 35.86
CA PHE A 251 -7.37 -43.00 36.26
C PHE A 251 -7.21 -43.27 37.75
N TYR A 252 -7.28 -42.19 38.54
CA TYR A 252 -7.16 -42.27 39.99
C TYR A 252 -8.52 -42.00 40.61
N LYS A 253 -9.23 -43.07 40.95
CA LYS A 253 -10.56 -42.91 41.56
C LYS A 253 -10.68 -43.59 42.91
N ASP A 254 -11.22 -42.85 43.88
CA ASP A 254 -11.43 -43.35 45.23
C ASP A 254 -10.17 -43.91 45.87
N GLY A 255 -9.05 -43.20 45.69
CA GLY A 255 -7.79 -43.63 46.28
C GLY A 255 -7.14 -44.82 45.60
N LYS A 256 -7.69 -45.22 44.45
CA LYS A 256 -7.13 -46.35 43.70
C LYS A 256 -6.99 -46.01 42.22
N TYR A 257 -6.12 -46.74 41.54
CA TYR A 257 -5.87 -46.53 40.12
C TYR A 257 -6.56 -47.62 39.30
N VAL A 258 -7.62 -47.25 38.60
CA VAL A 258 -8.38 -48.20 37.80
C VAL A 258 -7.98 -48.13 36.34
N LEU A 259 -7.37 -49.20 35.85
CA LEU A 259 -6.93 -49.25 34.45
C LEU A 259 -7.91 -50.01 33.57
N ALA A 260 -8.55 -49.31 32.63
CA ALA A 260 -9.49 -49.93 31.73
C ALA A 260 -8.75 -50.81 30.72
N GLY A 261 -7.51 -50.45 30.43
CA GLY A 261 -6.72 -51.20 29.48
C GLY A 261 -6.21 -52.50 30.08
N GLU A 262 -6.57 -52.75 31.34
CA GLU A 262 -6.16 -53.95 32.05
C GLU A 262 -7.41 -54.73 32.46
N GLY A 263 -8.53 -54.44 31.80
CA GLY A 263 -9.77 -55.11 32.10
C GLY A 263 -10.47 -54.45 33.28
N ASN A 264 -10.26 -53.15 33.42
CA ASN A 264 -10.86 -52.39 34.52
C ASN A 264 -10.40 -52.88 35.88
N LYS A 265 -9.16 -53.36 35.97
CA LYS A 265 -8.63 -53.83 37.23
C LYS A 265 -8.24 -52.64 38.10
N ALA A 266 -8.35 -52.82 39.42
CA ALA A 266 -8.02 -51.76 40.36
C ALA A 266 -6.65 -52.02 41.00
N PHE A 267 -5.91 -50.94 41.26
CA PHE A 267 -4.60 -51.06 41.88
C PHE A 267 -4.43 -50.05 43.01
N THR A 268 -3.78 -50.50 44.09
CA THR A 268 -3.50 -49.60 45.20
C THR A 268 -2.21 -48.91 44.78
N SER A 269 -1.91 -47.78 45.40
CA SER A 269 -0.68 -47.05 45.07
C SER A 269 0.51 -47.98 44.94
N GLU A 270 0.67 -48.85 45.93
CA GLU A 270 1.78 -49.80 45.95
C GLU A 270 1.69 -50.84 44.85
N GLU A 271 0.48 -51.33 44.60
CA GLU A 271 0.27 -52.33 43.56
C GLU A 271 0.60 -51.81 42.17
N PHE A 272 0.23 -50.56 41.90
CA PHE A 272 0.49 -49.96 40.60
C PHE A 272 2.00 -49.80 40.38
N THR A 273 2.72 -49.41 41.43
CA THR A 273 4.16 -49.23 41.34
C THR A 273 4.79 -50.55 40.91
N HIS A 274 4.21 -51.65 41.36
CA HIS A 274 4.72 -52.97 41.02
C HIS A 274 4.25 -53.40 39.64
N PHE A 275 3.11 -52.85 39.21
CA PHE A 275 2.58 -53.14 37.89
C PHE A 275 3.53 -52.51 36.86
N LEU A 276 3.90 -51.26 37.12
CA LEU A 276 4.81 -50.52 36.25
C LEU A 276 6.16 -51.23 36.24
N GLU A 277 6.61 -51.63 37.44
CA GLU A 277 7.88 -52.32 37.57
C GLU A 277 7.92 -53.56 36.69
N GLU A 278 6.82 -54.29 36.66
CA GLU A 278 6.73 -55.50 35.86
C GLU A 278 6.79 -55.16 34.37
N LEU A 279 6.30 -53.97 34.01
CA LEU A 279 6.32 -53.53 32.62
C LEU A 279 7.75 -53.22 32.19
N THR A 280 8.50 -52.56 33.07
CA THR A 280 9.87 -52.19 32.78
C THR A 280 10.76 -53.43 32.69
N LYS A 281 10.18 -54.58 32.96
CA LYS A 281 10.90 -55.85 32.90
C LYS A 281 10.65 -56.56 31.58
N GLN A 282 9.41 -56.51 31.11
CA GLN A 282 9.04 -57.17 29.86
C GLN A 282 9.24 -56.23 28.66
N TYR A 283 9.47 -54.95 28.95
CA TYR A 283 9.68 -53.95 27.92
C TYR A 283 10.75 -52.94 28.29
N PRO A 284 11.54 -52.49 27.30
CA PRO A 284 12.62 -51.51 27.47
C PRO A 284 12.16 -50.13 27.93
N ILE A 285 11.17 -50.09 28.80
CA ILE A 285 10.68 -48.82 29.33
C ILE A 285 11.69 -48.31 30.34
N VAL A 286 12.21 -47.12 30.10
CA VAL A 286 13.21 -46.53 30.99
C VAL A 286 12.81 -45.18 31.57
N SER A 287 11.60 -44.74 31.25
CA SER A 287 11.14 -43.45 31.74
C SER A 287 9.63 -43.46 31.95
N ILE A 288 9.21 -43.06 33.15
CA ILE A 288 7.80 -43.03 33.51
C ILE A 288 7.42 -41.67 34.06
N GLU A 289 6.52 -40.99 33.37
CA GLU A 289 6.07 -39.65 33.80
C GLU A 289 4.74 -39.77 34.54
N ASP A 290 4.64 -39.10 35.66
CA ASP A 290 3.44 -39.13 36.50
C ASP A 290 2.89 -40.55 36.65
N GLY A 291 3.71 -41.42 37.25
CA GLY A 291 3.32 -42.79 37.46
C GLY A 291 2.24 -42.91 38.52
N LEU A 292 1.97 -41.81 39.22
CA LEU A 292 0.96 -41.77 40.27
C LEU A 292 0.30 -40.40 40.28
N ASP A 293 -0.70 -40.24 41.14
CA ASP A 293 -1.41 -38.97 41.23
C ASP A 293 -0.53 -37.91 41.91
N GLU A 294 -0.64 -36.68 41.43
CA GLU A 294 0.12 -35.57 41.96
C GLU A 294 0.02 -35.42 43.48
N SER A 295 -1.06 -35.93 44.07
CA SER A 295 -1.26 -35.83 45.51
C SER A 295 -0.72 -37.05 46.25
N ASP A 296 -0.60 -38.17 45.53
CA ASP A 296 -0.11 -39.41 46.11
C ASP A 296 1.40 -39.37 46.35
N TRP A 297 1.84 -38.45 47.21
CA TRP A 297 3.24 -38.30 47.54
C TRP A 297 3.77 -39.51 48.30
N ASP A 298 2.94 -40.06 49.18
CA ASP A 298 3.34 -41.23 49.97
C ASP A 298 3.63 -42.37 49.01
N GLY A 299 2.81 -42.46 47.96
CA GLY A 299 3.00 -43.51 46.96
C GLY A 299 4.24 -43.25 46.10
N PHE A 300 4.48 -41.99 45.79
CA PHE A 300 5.65 -41.61 44.98
C PHE A 300 6.94 -41.94 45.73
N ALA A 301 6.92 -41.78 47.04
CA ALA A 301 8.09 -42.07 47.85
C ALA A 301 8.42 -43.56 47.72
N TYR A 302 7.37 -44.37 47.60
CA TYR A 302 7.53 -45.82 47.47
C TYR A 302 7.97 -46.17 46.06
N GLN A 303 7.35 -45.54 45.07
CA GLN A 303 7.68 -45.81 43.66
C GLN A 303 9.12 -45.42 43.37
N THR A 304 9.59 -44.35 44.00
CA THR A 304 10.96 -43.89 43.80
C THR A 304 11.96 -44.85 44.42
N LYS A 305 11.61 -45.39 45.58
CA LYS A 305 12.50 -46.32 46.28
C LYS A 305 12.61 -47.65 45.56
N VAL A 306 11.60 -47.98 44.75
CA VAL A 306 11.60 -49.25 44.02
C VAL A 306 12.05 -49.13 42.57
N LEU A 307 11.70 -48.03 41.92
CA LEU A 307 12.06 -47.83 40.52
C LEU A 307 13.15 -46.79 40.30
N GLY A 308 13.15 -45.76 41.13
CA GLY A 308 14.13 -44.68 41.00
C GLY A 308 15.57 -45.04 40.71
N ASP A 309 15.99 -46.24 41.05
CA ASP A 309 17.36 -46.67 40.82
C ASP A 309 17.66 -47.17 39.41
N LYS A 310 16.64 -47.65 38.71
CA LYS A 310 16.85 -48.17 37.36
C LYS A 310 15.98 -47.47 36.30
N ILE A 311 14.88 -46.86 36.74
CA ILE A 311 13.98 -46.18 35.83
C ILE A 311 13.82 -44.70 36.17
N GLN A 312 13.77 -43.87 35.14
CA GLN A 312 13.61 -42.43 35.32
C GLN A 312 12.15 -42.11 35.66
N LEU A 313 11.96 -41.43 36.79
CA LEU A 313 10.62 -41.07 37.25
C LEU A 313 10.43 -39.58 37.05
N VAL A 314 9.79 -39.22 35.95
CA VAL A 314 9.59 -37.81 35.61
C VAL A 314 8.29 -37.27 36.18
N GLY A 315 8.38 -36.12 36.83
CA GLY A 315 7.20 -35.49 37.40
C GLY A 315 6.75 -34.34 36.53
N ASP A 316 5.52 -34.43 36.02
CA ASP A 316 4.97 -33.37 35.18
C ASP A 316 3.91 -32.60 35.95
N ASP A 317 2.77 -33.22 36.17
CA ASP A 317 1.69 -32.59 36.93
C ASP A 317 2.10 -32.55 38.40
N LEU A 318 3.06 -33.40 38.75
CA LEU A 318 3.57 -33.50 40.11
C LEU A 318 4.32 -32.25 40.57
N PHE A 319 5.11 -31.66 39.69
CA PHE A 319 5.88 -30.47 40.04
C PHE A 319 5.42 -29.19 39.35
N VAL A 320 4.66 -29.32 38.27
CA VAL A 320 4.20 -28.17 37.49
C VAL A 320 5.26 -27.06 37.38
N THR A 321 6.48 -27.48 37.05
CA THR A 321 7.61 -26.56 36.88
C THR A 321 7.68 -25.51 37.98
N ASN A 322 7.53 -25.95 39.23
CA ASN A 322 7.57 -25.04 40.37
C ASN A 322 8.73 -25.40 41.29
N THR A 323 9.55 -24.39 41.60
CA THR A 323 10.70 -24.60 42.47
C THR A 323 10.35 -25.01 43.89
N LYS A 324 9.30 -24.41 44.45
CA LYS A 324 8.87 -24.74 45.81
C LYS A 324 8.54 -26.23 45.90
N ILE A 325 7.62 -26.68 45.06
CA ILE A 325 7.20 -28.07 45.04
C ILE A 325 8.40 -29.01 44.81
N LEU A 326 9.11 -28.79 43.71
CA LEU A 326 10.27 -29.61 43.38
C LEU A 326 11.27 -29.66 44.52
N LYS A 327 11.45 -28.53 45.19
CA LYS A 327 12.40 -28.46 46.31
C LYS A 327 11.98 -29.46 47.39
N GLU A 328 10.70 -29.47 47.71
CA GLU A 328 10.18 -30.37 48.74
C GLU A 328 10.33 -31.83 48.29
N GLY A 329 10.03 -32.09 47.03
CA GLY A 329 10.14 -33.43 46.50
C GLY A 329 11.54 -33.98 46.66
N ILE A 330 12.53 -33.14 46.34
CA ILE A 330 13.94 -33.55 46.44
C ILE A 330 14.27 -34.00 47.86
N GLU A 331 13.84 -33.22 48.84
CA GLU A 331 14.09 -33.53 50.24
C GLU A 331 13.36 -34.79 50.69
N LYS A 332 12.13 -34.97 50.21
CA LYS A 332 11.34 -36.14 50.57
C LYS A 332 11.62 -37.33 49.67
N GLY A 333 12.57 -37.17 48.75
CA GLY A 333 12.91 -38.26 47.85
C GLY A 333 11.79 -38.62 46.87
N ILE A 334 11.06 -37.62 46.39
CA ILE A 334 9.98 -37.84 45.46
C ILE A 334 10.47 -37.79 44.01
N ALA A 335 10.35 -38.90 43.31
CA ALA A 335 10.78 -39.00 41.92
C ALA A 335 12.28 -38.77 41.77
N ASN A 336 12.71 -38.46 40.55
CA ASN A 336 14.11 -38.19 40.26
C ASN A 336 14.26 -37.45 38.92
N SER A 337 13.17 -36.86 38.45
CA SER A 337 13.16 -36.12 37.21
C SER A 337 12.02 -35.11 37.18
N ILE A 338 12.13 -34.12 36.31
CA ILE A 338 11.10 -33.10 36.18
C ILE A 338 10.93 -32.63 34.75
N LEU A 339 9.69 -32.44 34.34
CA LEU A 339 9.37 -31.98 33.00
C LEU A 339 9.27 -30.46 33.05
N ILE A 340 10.04 -29.80 32.19
CA ILE A 340 10.06 -28.33 32.17
C ILE A 340 9.12 -27.71 31.15
N LYS A 341 8.20 -26.88 31.64
CA LYS A 341 7.25 -26.17 30.80
C LYS A 341 7.31 -24.70 31.19
N PHE A 342 8.12 -23.92 30.48
CA PHE A 342 8.28 -22.52 30.81
C PHE A 342 7.00 -21.68 30.82
N ASN A 343 5.95 -22.16 30.14
CA ASN A 343 4.72 -21.39 30.09
C ASN A 343 3.91 -21.72 31.33
N GLN A 344 4.32 -22.79 32.01
CA GLN A 344 3.65 -23.24 33.22
C GLN A 344 4.21 -22.48 34.43
N ILE A 345 5.31 -21.77 34.22
CA ILE A 345 5.93 -21.01 35.29
C ILE A 345 5.84 -19.51 34.99
N GLY A 346 6.02 -19.13 33.74
CA GLY A 346 5.90 -17.73 33.37
C GLY A 346 7.09 -17.04 32.74
N SER A 347 8.30 -17.27 33.26
CA SER A 347 9.48 -16.61 32.71
C SER A 347 10.65 -17.56 32.43
N LEU A 348 11.66 -17.02 31.74
CA LEU A 348 12.85 -17.78 31.41
C LEU A 348 13.76 -17.91 32.63
N THR A 349 13.78 -16.85 33.46
CA THR A 349 14.61 -16.84 34.65
C THR A 349 14.17 -17.97 35.58
N GLU A 350 12.88 -18.02 35.86
CA GLU A 350 12.33 -19.06 36.73
C GLU A 350 12.55 -20.43 36.12
N THR A 351 12.34 -20.54 34.81
CA THR A 351 12.54 -21.81 34.12
C THR A 351 13.99 -22.29 34.31
N LEU A 352 14.93 -21.36 34.20
CA LEU A 352 16.34 -21.69 34.39
C LEU A 352 16.60 -22.14 35.83
N ALA A 353 15.92 -21.49 36.76
CA ALA A 353 16.05 -21.81 38.17
C ALA A 353 15.59 -23.23 38.45
N ALA A 354 14.51 -23.64 37.77
CA ALA A 354 13.96 -24.98 37.92
C ALA A 354 14.92 -26.02 37.35
N ILE A 355 15.55 -25.70 36.22
CA ILE A 355 16.48 -26.62 35.58
C ILE A 355 17.75 -26.80 36.44
N LYS A 356 18.24 -25.69 36.99
CA LYS A 356 19.43 -25.72 37.83
C LYS A 356 19.18 -26.55 39.10
N MET A 357 18.06 -26.30 39.75
CA MET A 357 17.71 -27.03 40.97
C MET A 357 17.69 -28.53 40.77
N ALA A 358 17.10 -28.96 39.65
CA ALA A 358 17.03 -30.38 39.33
C ALA A 358 18.44 -30.92 39.14
N LYS A 359 19.24 -30.19 38.39
CA LYS A 359 20.63 -30.59 38.12
C LYS A 359 21.46 -30.72 39.40
N ASP A 360 21.31 -29.75 40.31
CA ASP A 360 22.05 -29.79 41.56
C ASP A 360 21.62 -30.97 42.43
N ALA A 361 20.33 -31.31 42.35
CA ALA A 361 19.80 -32.42 43.13
C ALA A 361 20.07 -33.77 42.49
N GLY A 362 20.54 -33.75 41.25
CA GLY A 362 20.82 -34.99 40.55
C GLY A 362 19.65 -35.41 39.67
N TYR A 363 18.60 -34.60 39.68
CA TYR A 363 17.42 -34.85 38.88
C TYR A 363 17.69 -34.50 37.41
N THR A 364 16.92 -35.10 36.52
CA THR A 364 17.05 -34.83 35.10
C THR A 364 15.96 -33.83 34.67
N ALA A 365 16.31 -32.93 33.76
CA ALA A 365 15.36 -31.94 33.27
C ALA A 365 14.94 -32.27 31.84
N VAL A 366 13.63 -32.41 31.62
CA VAL A 366 13.11 -32.71 30.31
C VAL A 366 12.29 -31.53 29.77
N ILE A 367 12.92 -30.69 28.94
CA ILE A 367 12.25 -29.54 28.38
C ILE A 367 11.09 -30.07 27.55
N SER A 368 9.88 -29.62 27.86
CA SER A 368 8.69 -30.10 27.18
C SER A 368 7.91 -29.05 26.41
N HIS A 369 7.11 -29.52 25.45
CA HIS A 369 6.25 -28.68 24.65
C HIS A 369 4.87 -28.68 25.34
N ARG A 370 3.85 -28.23 24.63
CA ARG A 370 2.50 -28.20 25.13
C ARG A 370 1.57 -28.68 24.02
N SER A 371 0.37 -29.11 24.39
CA SER A 371 -0.61 -29.58 23.41
C SER A 371 -0.86 -28.54 22.32
N GLY A 372 -0.90 -27.28 22.72
CA GLY A 372 -1.11 -26.20 21.76
C GLY A 372 0.19 -25.47 21.50
N GLU A 373 0.86 -25.83 20.41
CA GLU A 373 2.13 -25.21 20.04
C GLU A 373 2.00 -24.23 18.89
N THR A 374 3.14 -23.69 18.47
CA THR A 374 3.21 -22.75 17.37
C THR A 374 4.50 -23.05 16.59
N GLU A 375 4.84 -22.19 15.63
CA GLU A 375 6.04 -22.38 14.82
C GLU A 375 7.27 -22.22 15.70
N ASP A 376 7.10 -21.57 16.85
CA ASP A 376 8.18 -21.34 17.80
C ASP A 376 8.91 -22.64 18.14
N ALA A 377 10.22 -22.54 18.35
CA ALA A 377 11.06 -23.70 18.69
C ALA A 377 12.06 -23.32 19.78
N THR A 378 11.68 -22.38 20.64
CA THR A 378 12.53 -21.93 21.71
C THR A 378 12.98 -23.05 22.64
N ILE A 379 12.09 -24.01 22.91
CA ILE A 379 12.43 -25.12 23.78
C ILE A 379 13.65 -25.89 23.25
N ALA A 380 13.87 -25.82 21.94
CA ALA A 380 14.99 -26.50 21.31
C ALA A 380 16.29 -25.77 21.73
N ASP A 381 16.28 -24.45 21.62
CA ASP A 381 17.43 -23.65 22.00
C ASP A 381 17.63 -23.70 23.52
N LEU A 382 16.52 -23.85 24.25
CA LEU A 382 16.58 -23.93 25.69
C LEU A 382 17.22 -25.23 26.14
N ALA A 383 16.82 -26.33 25.51
CA ALA A 383 17.37 -27.65 25.82
C ALA A 383 18.87 -27.70 25.62
N VAL A 384 19.32 -27.14 24.51
CA VAL A 384 20.75 -27.12 24.18
C VAL A 384 21.52 -26.09 25.00
N GLY A 385 20.89 -24.91 25.19
CA GLY A 385 21.54 -23.86 25.95
C GLY A 385 21.79 -24.16 27.40
N THR A 386 20.99 -25.06 27.98
CA THR A 386 21.15 -25.43 29.38
C THR A 386 21.67 -26.85 29.51
N ALA A 387 21.86 -27.51 28.38
CA ALA A 387 22.33 -28.89 28.37
C ALA A 387 21.40 -29.78 29.18
N ALA A 388 20.10 -29.55 29.02
CA ALA A 388 19.07 -30.32 29.72
C ALA A 388 19.31 -31.82 29.55
N GLY A 389 19.70 -32.23 28.34
CA GLY A 389 19.97 -33.63 28.09
C GLY A 389 18.80 -34.37 27.49
N GLN A 390 17.59 -33.86 27.69
CA GLN A 390 16.38 -34.52 27.15
C GLN A 390 15.33 -33.50 26.72
N ILE A 391 14.51 -33.91 25.76
CA ILE A 391 13.46 -33.04 25.29
C ILE A 391 12.22 -33.85 24.90
N LYS A 392 11.05 -33.23 25.06
CA LYS A 392 9.78 -33.88 24.72
C LYS A 392 8.99 -32.89 23.87
N THR A 393 9.05 -33.06 22.56
CA THR A 393 8.37 -32.13 21.65
C THR A 393 7.49 -32.78 20.58
N GLY A 394 6.86 -33.89 20.93
CA GLY A 394 5.95 -34.54 20.00
C GLY A 394 6.47 -35.66 19.10
N SER A 395 5.62 -36.08 18.17
CA SER A 395 5.93 -37.13 17.24
C SER A 395 6.61 -36.52 15.99
N MET A 396 6.96 -37.37 15.05
CA MET A 396 7.63 -36.90 13.84
C MET A 396 6.60 -36.48 12.77
N SER A 397 5.63 -35.67 13.20
CA SER A 397 4.60 -35.17 12.30
C SER A 397 4.06 -33.87 12.86
N ARG A 398 3.53 -33.01 11.97
CA ARG A 398 3.00 -31.70 12.35
C ARG A 398 4.15 -30.73 12.61
N SER A 399 4.22 -29.66 11.81
CA SER A 399 5.28 -28.68 11.97
C SER A 399 5.39 -28.10 13.37
N ASP A 400 4.27 -28.00 14.08
CA ASP A 400 4.30 -27.48 15.44
C ASP A 400 5.20 -28.36 16.33
N ARG A 401 5.50 -29.56 15.85
CA ARG A 401 6.37 -30.47 16.57
C ARG A 401 7.71 -30.57 15.84
N VAL A 402 7.64 -30.87 14.56
CA VAL A 402 8.82 -31.00 13.72
C VAL A 402 9.66 -29.74 13.68
N ALA A 403 9.03 -28.58 13.90
CA ALA A 403 9.76 -27.32 13.90
C ALA A 403 10.88 -27.39 14.92
N LYS A 404 10.60 -27.97 16.06
CA LYS A 404 11.60 -28.11 17.13
C LYS A 404 12.73 -29.08 16.69
N TYR A 405 12.36 -30.14 15.98
CA TYR A 405 13.33 -31.11 15.52
C TYR A 405 14.25 -30.51 14.47
N ASN A 406 13.68 -29.66 13.60
CA ASN A 406 14.45 -29.02 12.56
C ASN A 406 15.43 -28.02 13.18
N GLN A 407 15.00 -27.38 14.27
CA GLN A 407 15.84 -26.41 14.94
C GLN A 407 17.04 -27.14 15.57
N LEU A 408 16.78 -28.32 16.12
CA LEU A 408 17.84 -29.11 16.73
C LEU A 408 18.88 -29.51 15.66
N ILE A 409 18.39 -29.84 14.47
CA ILE A 409 19.27 -30.20 13.38
C ILE A 409 20.15 -29.01 13.01
N ARG A 410 19.54 -27.83 12.88
CA ARG A 410 20.28 -26.62 12.55
C ARG A 410 21.32 -26.32 13.62
N ILE A 411 20.92 -26.46 14.88
CA ILE A 411 21.81 -26.20 16.00
C ILE A 411 23.00 -27.16 16.05
N GLU A 412 22.72 -28.46 15.94
CA GLU A 412 23.76 -29.46 15.96
C GLU A 412 24.70 -29.28 14.76
N GLU A 413 24.15 -28.79 13.67
CA GLU A 413 24.93 -28.56 12.45
C GLU A 413 25.99 -27.48 12.68
N ALA A 414 25.64 -26.47 13.48
CA ALA A 414 26.56 -25.37 13.77
C ALA A 414 27.47 -25.63 14.97
N LEU A 415 27.12 -26.61 15.81
CA LEU A 415 27.92 -26.90 16.99
C LEU A 415 28.76 -28.17 16.85
N GLY A 416 28.29 -29.12 16.07
CA GLY A 416 29.01 -30.35 15.88
C GLY A 416 29.38 -31.03 17.19
N GLU A 417 30.66 -31.29 17.38
CA GLU A 417 31.15 -31.96 18.58
C GLU A 417 31.02 -31.12 19.85
N LYS A 418 30.78 -29.82 19.70
CA LYS A 418 30.64 -28.95 20.86
C LYS A 418 29.33 -29.22 21.61
N ALA A 419 28.42 -29.92 20.96
CA ALA A 419 27.13 -30.27 21.55
C ALA A 419 26.87 -31.74 21.25
N PRO A 420 27.52 -32.63 22.00
CA PRO A 420 27.36 -34.08 21.86
C PRO A 420 25.99 -34.67 22.21
N TYR A 421 25.68 -35.79 21.58
CA TYR A 421 24.45 -36.51 21.82
C TYR A 421 24.84 -37.70 22.71
N ASN A 422 24.63 -37.55 24.00
CA ASN A 422 24.99 -38.57 24.98
C ASN A 422 24.08 -39.80 25.02
N GLY A 423 22.93 -39.73 24.37
CA GLY A 423 22.02 -40.86 24.37
C GLY A 423 21.56 -41.29 25.75
N ARG A 424 21.63 -42.60 25.99
CA ARG A 424 21.23 -43.21 27.27
C ARG A 424 21.72 -42.50 28.52
N LYS A 425 23.02 -42.21 28.56
CA LYS A 425 23.64 -41.55 29.70
C LYS A 425 22.86 -40.36 30.26
N GLU A 426 21.98 -39.78 29.46
CA GLU A 426 21.17 -38.63 29.88
C GLU A 426 19.97 -39.09 30.72
N ILE A 427 19.55 -40.33 30.50
CA ILE A 427 18.41 -40.89 31.20
C ILE A 427 18.77 -41.38 32.61
N LYS A 428 18.11 -40.80 33.61
CA LYS A 428 18.35 -41.16 35.01
C LYS A 428 18.15 -42.65 35.24
N GLY A 429 19.06 -43.25 36.01
CA GLY A 429 18.98 -44.65 36.31
C GLY A 429 19.63 -45.53 35.25
N GLN A 430 20.26 -44.90 34.28
CA GLN A 430 20.92 -45.64 33.20
C GLN A 430 22.42 -45.80 33.46
N SER B 1 24.28 -7.08 -0.68
CA SER B 1 23.61 -7.56 -1.93
C SER B 1 24.47 -8.62 -2.62
N LYS B 2 25.71 -8.74 -2.18
CA LYS B 2 26.65 -9.71 -2.75
C LYS B 2 26.59 -11.01 -1.95
N ILE B 3 26.30 -12.12 -2.61
CA ILE B 3 26.23 -13.41 -1.94
C ILE B 3 27.62 -13.87 -1.51
N VAL B 4 27.77 -14.18 -0.22
CA VAL B 4 29.04 -14.62 0.31
C VAL B 4 29.01 -16.08 0.79
N LYS B 5 27.81 -16.56 1.15
CA LYS B 5 27.67 -17.92 1.62
C LYS B 5 26.28 -18.47 1.30
N ILE B 6 26.22 -19.76 1.00
CA ILE B 6 24.97 -20.44 0.68
C ILE B 6 25.06 -21.89 1.10
N ILE B 7 24.38 -22.24 2.19
CA ILE B 7 24.40 -23.61 2.68
C ILE B 7 23.03 -24.25 2.58
N GLY B 8 23.01 -25.55 2.32
CA GLY B 8 21.76 -26.28 2.24
C GLY B 8 21.76 -27.38 3.27
N ARG B 9 20.58 -27.84 3.66
CA ARG B 9 20.48 -28.91 4.66
C ARG B 9 19.21 -29.73 4.49
N GLU B 10 19.24 -30.93 5.05
CA GLU B 10 18.10 -31.83 4.97
C GLU B 10 17.28 -31.74 6.26
N ILE B 11 16.07 -31.20 6.14
CA ILE B 11 15.18 -31.07 7.30
C ILE B 11 13.95 -31.95 7.10
N ILE B 12 13.10 -32.00 8.11
CA ILE B 12 11.88 -32.82 8.03
C ILE B 12 10.62 -31.95 7.79
N ASP B 13 9.69 -32.46 7.01
CA ASP B 13 8.46 -31.72 6.73
C ASP B 13 7.32 -32.16 7.67
N SER B 14 6.22 -31.42 7.60
CA SER B 14 5.05 -31.66 8.44
C SER B 14 4.54 -33.09 8.38
N ARG B 15 4.99 -33.85 7.40
CA ARG B 15 4.53 -35.21 7.24
C ARG B 15 5.61 -36.24 7.69
N GLY B 16 6.74 -35.73 8.16
CA GLY B 16 7.80 -36.60 8.60
C GLY B 16 8.80 -36.96 7.53
N ASN B 17 8.59 -36.45 6.32
CA ASN B 17 9.46 -36.73 5.20
C ASN B 17 10.50 -35.64 5.04
N PRO B 18 11.70 -36.00 4.58
CA PRO B 18 12.78 -35.01 4.40
C PRO B 18 12.46 -33.97 3.30
N THR B 19 13.06 -32.80 3.43
CA THR B 19 12.87 -31.76 2.46
C THR B 19 14.11 -30.85 2.50
N VAL B 20 14.24 -29.97 1.51
CA VAL B 20 15.39 -29.09 1.43
C VAL B 20 15.16 -27.69 1.97
N GLU B 21 16.17 -27.19 2.70
CA GLU B 21 16.16 -25.86 3.26
C GLU B 21 17.48 -25.21 2.88
N ALA B 22 17.44 -23.94 2.49
CA ALA B 22 18.65 -23.25 2.08
C ALA B 22 18.85 -21.91 2.78
N GLU B 23 20.12 -21.52 2.92
CA GLU B 23 20.47 -20.26 3.57
C GLU B 23 21.35 -19.45 2.62
N VAL B 24 20.92 -18.22 2.34
CA VAL B 24 21.68 -17.35 1.46
C VAL B 24 22.21 -16.18 2.27
N HIS B 25 23.53 -16.18 2.47
CA HIS B 25 24.19 -15.12 3.24
C HIS B 25 24.80 -14.07 2.32
N LEU B 26 24.49 -12.80 2.60
CA LEU B 26 24.99 -11.68 1.80
C LEU B 26 26.00 -10.85 2.58
N GLU B 27 26.93 -10.23 1.86
CA GLU B 27 27.94 -9.39 2.46
C GLU B 27 27.27 -8.30 3.28
N GLY B 28 27.51 -8.32 4.59
CA GLY B 28 26.90 -7.32 5.45
C GLY B 28 26.10 -7.92 6.58
N GLY B 29 26.10 -9.26 6.66
CA GLY B 29 25.37 -9.93 7.73
C GLY B 29 23.92 -10.26 7.41
N PHE B 30 23.50 -10.01 6.18
CA PHE B 30 22.13 -10.29 5.77
C PHE B 30 22.00 -11.76 5.38
N VAL B 31 20.97 -12.42 5.90
CA VAL B 31 20.75 -13.82 5.62
C VAL B 31 19.29 -14.17 5.41
N GLY B 32 19.02 -15.03 4.44
CA GLY B 32 17.67 -15.46 4.17
C GLY B 32 17.58 -16.97 4.22
N MET B 33 16.53 -17.48 4.84
CA MET B 33 16.37 -18.94 4.96
C MET B 33 14.97 -19.36 4.50
N ALA B 34 14.90 -20.46 3.75
CA ALA B 34 13.64 -20.94 3.26
C ALA B 34 13.72 -22.42 2.94
N ALA B 35 12.60 -23.11 3.04
CA ALA B 35 12.54 -24.54 2.76
C ALA B 35 11.48 -24.77 1.69
N ALA B 36 11.67 -25.81 0.88
CA ALA B 36 10.75 -26.15 -0.17
C ALA B 36 9.73 -27.16 0.30
N PRO B 37 8.48 -27.05 -0.18
CA PRO B 37 7.44 -28.00 0.22
C PRO B 37 7.59 -29.28 -0.60
N SER B 38 6.97 -30.36 -0.15
CA SER B 38 7.08 -31.64 -0.85
C SER B 38 6.38 -31.52 -2.21
N GLY B 39 7.01 -32.09 -3.24
CA GLY B 39 6.44 -32.04 -4.56
C GLY B 39 6.33 -33.42 -5.21
N ALA B 40 6.64 -33.47 -6.50
CA ALA B 40 6.58 -34.74 -7.24
C ALA B 40 7.98 -35.18 -7.67
N SER B 41 8.34 -36.41 -7.32
CA SER B 41 9.66 -36.95 -7.67
C SER B 41 9.72 -37.32 -9.14
N THR B 42 8.58 -37.70 -9.69
CA THR B 42 8.48 -38.08 -11.10
C THR B 42 7.54 -37.15 -11.84
N GLY B 43 6.88 -37.68 -12.87
CA GLY B 43 5.96 -36.87 -13.65
C GLY B 43 6.60 -36.38 -14.94
N SER B 44 5.78 -36.10 -15.94
CA SER B 44 6.28 -35.62 -17.23
C SER B 44 5.65 -34.30 -17.61
N ARG B 45 5.28 -33.50 -16.61
CA ARG B 45 4.65 -32.22 -16.87
C ARG B 45 5.19 -31.11 -15.98
N GLU B 46 5.19 -31.35 -14.67
CA GLU B 46 5.68 -30.37 -13.72
C GLU B 46 7.16 -30.57 -13.37
N ALA B 47 7.70 -29.69 -12.54
CA ALA B 47 9.09 -29.78 -12.12
C ALA B 47 9.24 -30.98 -11.18
N LEU B 48 10.32 -31.74 -11.38
CA LEU B 48 10.57 -32.93 -10.58
C LEU B 48 11.49 -32.67 -9.39
N GLU B 49 11.01 -32.97 -8.18
CA GLU B 49 11.81 -32.80 -7.00
C GLU B 49 12.74 -34.01 -6.93
N LEU B 50 13.98 -33.79 -6.51
CA LEU B 50 14.94 -34.90 -6.43
C LEU B 50 14.96 -35.61 -5.07
N ARG B 51 14.80 -36.92 -5.11
CA ARG B 51 14.83 -37.77 -3.92
C ARG B 51 15.96 -38.77 -4.12
N ASP B 52 16.58 -39.21 -3.02
CA ASP B 52 17.70 -40.15 -3.09
C ASP B 52 17.29 -41.54 -3.57
N GLY B 53 16.18 -42.05 -3.07
CA GLY B 53 15.71 -43.36 -3.48
C GLY B 53 16.38 -44.52 -2.73
N ASP B 54 17.07 -44.21 -1.64
CA ASP B 54 17.73 -45.24 -0.84
C ASP B 54 16.80 -45.80 0.24
N LYS B 55 16.41 -47.05 0.08
CA LYS B 55 15.50 -47.72 1.03
C LYS B 55 16.07 -47.68 2.45
N SER B 56 17.38 -47.61 2.57
CA SER B 56 18.05 -47.55 3.86
C SER B 56 17.77 -46.29 4.65
N ARG B 57 17.48 -45.19 3.96
CA ARG B 57 17.21 -43.92 4.63
C ARG B 57 15.85 -43.32 4.31
N PHE B 58 15.13 -42.94 5.36
CA PHE B 58 13.81 -42.31 5.21
C PHE B 58 12.93 -43.03 4.19
N LEU B 59 13.06 -44.35 4.12
CA LEU B 59 12.28 -45.16 3.20
C LEU B 59 12.44 -44.65 1.76
N GLY B 60 13.63 -44.16 1.44
CA GLY B 60 13.90 -43.66 0.10
C GLY B 60 13.48 -42.23 -0.19
N LYS B 61 13.12 -41.48 0.85
CA LYS B 61 12.69 -40.09 0.65
C LYS B 61 13.77 -39.06 1.02
N GLY B 62 14.99 -39.52 1.22
CA GLY B 62 16.06 -38.59 1.57
C GLY B 62 16.34 -37.64 0.44
N VAL B 63 16.87 -36.46 0.76
CA VAL B 63 17.18 -35.47 -0.28
C VAL B 63 18.61 -34.97 -0.16
N THR B 64 19.52 -35.86 0.21
CA THR B 64 20.93 -35.50 0.37
C THR B 64 21.53 -35.05 -0.97
N LYS B 65 21.04 -35.63 -2.06
CA LYS B 65 21.53 -35.28 -3.39
C LYS B 65 21.18 -33.82 -3.72
N ALA B 66 19.90 -33.48 -3.57
CA ALA B 66 19.44 -32.12 -3.83
C ALA B 66 20.14 -31.15 -2.90
N VAL B 67 20.42 -31.61 -1.68
CA VAL B 67 21.08 -30.78 -0.69
C VAL B 67 22.50 -30.50 -1.14
N ALA B 68 23.16 -31.51 -1.70
CA ALA B 68 24.52 -31.36 -2.18
C ALA B 68 24.52 -30.31 -3.28
N ALA B 69 23.56 -30.44 -4.20
CA ALA B 69 23.44 -29.49 -5.31
C ALA B 69 23.48 -28.06 -4.82
N VAL B 70 22.82 -27.81 -3.70
CA VAL B 70 22.78 -26.48 -3.11
C VAL B 70 24.13 -26.06 -2.55
N ASN B 71 24.73 -26.94 -1.76
CA ASN B 71 26.04 -26.65 -1.15
C ASN B 71 27.19 -26.64 -2.16
N GLY B 72 27.11 -27.47 -3.18
CA GLY B 72 28.17 -27.57 -4.17
C GLY B 72 28.09 -26.65 -5.37
N PRO B 73 27.63 -27.18 -6.52
CA PRO B 73 27.50 -26.43 -7.78
C PRO B 73 26.70 -25.13 -7.72
N ILE B 74 25.48 -25.23 -7.23
CA ILE B 74 24.62 -24.04 -7.13
C ILE B 74 25.29 -22.91 -6.37
N ALA B 75 25.80 -23.22 -5.19
CA ALA B 75 26.47 -22.22 -4.36
C ALA B 75 27.68 -21.61 -5.05
N GLN B 76 28.57 -22.47 -5.55
CA GLN B 76 29.77 -22.01 -6.23
C GLN B 76 29.46 -21.16 -7.46
N ALA B 77 28.28 -21.37 -8.03
CA ALA B 77 27.88 -20.61 -9.21
C ALA B 77 27.10 -19.36 -8.87
N LEU B 78 26.92 -19.10 -7.58
CA LEU B 78 26.17 -17.92 -7.14
C LEU B 78 26.98 -16.96 -6.29
N ILE B 79 28.10 -17.43 -5.75
CA ILE B 79 28.96 -16.60 -4.92
C ILE B 79 29.40 -15.34 -5.66
N GLY B 80 29.22 -14.20 -5.01
CA GLY B 80 29.61 -12.95 -5.62
C GLY B 80 28.55 -12.31 -6.50
N LYS B 81 27.52 -13.07 -6.84
CA LYS B 81 26.44 -12.56 -7.68
C LYS B 81 25.56 -11.60 -6.90
N ASP B 82 24.76 -10.83 -7.62
CA ASP B 82 23.87 -9.85 -6.99
C ASP B 82 22.55 -10.51 -6.63
N ALA B 83 22.40 -10.86 -5.36
CA ALA B 83 21.19 -11.50 -4.86
C ALA B 83 19.99 -10.59 -4.99
N LYS B 84 20.25 -9.29 -5.18
CA LYS B 84 19.18 -8.31 -5.30
C LYS B 84 18.42 -8.49 -6.61
N ASP B 85 19.04 -9.16 -7.57
CA ASP B 85 18.41 -9.41 -8.87
C ASP B 85 17.91 -10.85 -8.93
N GLN B 86 16.70 -11.08 -8.42
CA GLN B 86 16.08 -12.40 -8.38
C GLN B 86 16.08 -13.10 -9.73
N ALA B 87 15.67 -12.40 -10.78
CA ALA B 87 15.62 -12.98 -12.12
C ALA B 87 16.98 -13.48 -12.58
N GLY B 88 18.03 -12.80 -12.15
CA GLY B 88 19.37 -13.19 -12.53
C GLY B 88 19.86 -14.42 -11.78
N ILE B 89 19.52 -14.50 -10.49
CA ILE B 89 19.92 -15.62 -9.66
C ILE B 89 19.30 -16.91 -10.16
N ASP B 90 18.00 -16.86 -10.46
CA ASP B 90 17.29 -18.03 -10.94
C ASP B 90 17.75 -18.51 -12.30
N LYS B 91 18.11 -17.56 -13.16
CA LYS B 91 18.57 -17.92 -14.50
C LYS B 91 19.83 -18.78 -14.41
N ILE B 92 20.81 -18.32 -13.66
CA ILE B 92 22.06 -19.06 -13.48
C ILE B 92 21.77 -20.49 -13.01
N MET B 93 20.83 -20.63 -12.07
CA MET B 93 20.46 -21.93 -11.56
C MET B 93 19.75 -22.76 -12.62
N ILE B 94 18.76 -22.16 -13.26
CA ILE B 94 18.00 -22.84 -14.32
C ILE B 94 18.89 -23.31 -15.46
N ASP B 95 19.82 -22.46 -15.88
CA ASP B 95 20.73 -22.81 -16.96
C ASP B 95 21.78 -23.80 -16.51
N LEU B 96 22.18 -23.71 -15.24
CA LEU B 96 23.19 -24.63 -14.70
C LEU B 96 22.60 -26.04 -14.63
N ASP B 97 21.32 -26.11 -14.24
CA ASP B 97 20.62 -27.39 -14.16
C ASP B 97 20.65 -28.03 -15.55
N GLY B 98 20.27 -27.24 -16.56
CA GLY B 98 20.29 -27.72 -17.93
C GLY B 98 19.15 -28.62 -18.36
N THR B 99 18.05 -28.62 -17.61
CA THR B 99 16.91 -29.45 -17.97
C THR B 99 15.62 -28.64 -17.83
N GLU B 100 14.55 -29.15 -18.43
CA GLU B 100 13.25 -28.47 -18.36
C GLU B 100 12.63 -28.62 -16.99
N ASN B 101 12.43 -29.86 -16.56
CA ASN B 101 11.83 -30.14 -15.26
C ASN B 101 12.81 -30.00 -14.09
N LYS B 102 14.00 -29.48 -14.37
CA LYS B 102 15.01 -29.31 -13.34
C LYS B 102 15.28 -30.64 -12.63
N SER B 103 15.33 -31.72 -13.41
CA SER B 103 15.57 -33.04 -12.86
C SER B 103 17.03 -33.36 -12.53
N LYS B 104 17.93 -32.38 -12.66
CA LYS B 104 19.33 -32.61 -12.36
C LYS B 104 19.61 -32.26 -10.89
N PHE B 105 19.41 -30.99 -10.52
CA PHE B 105 19.62 -30.56 -9.17
C PHE B 105 18.35 -30.80 -8.35
N GLY B 106 17.20 -30.78 -9.03
CA GLY B 106 15.94 -30.97 -8.37
C GLY B 106 15.26 -29.64 -8.10
N ALA B 107 13.97 -29.56 -8.42
CA ALA B 107 13.20 -28.34 -8.23
C ALA B 107 13.26 -27.89 -6.79
N ASN B 108 13.35 -28.84 -5.87
CA ASN B 108 13.41 -28.54 -4.45
C ASN B 108 14.71 -27.83 -4.05
N ALA B 109 15.81 -28.20 -4.69
CA ALA B 109 17.09 -27.58 -4.39
C ALA B 109 17.10 -26.14 -4.89
N ILE B 110 16.73 -25.96 -6.16
CA ILE B 110 16.70 -24.64 -6.77
C ILE B 110 15.70 -23.72 -6.06
N LEU B 111 14.49 -24.23 -5.84
CA LEU B 111 13.44 -23.45 -5.18
C LEU B 111 13.89 -22.95 -3.81
N ALA B 112 14.41 -23.85 -2.98
CA ALA B 112 14.87 -23.48 -1.65
C ALA B 112 15.85 -22.32 -1.70
N VAL B 113 16.79 -22.38 -2.62
CA VAL B 113 17.79 -21.32 -2.78
C VAL B 113 17.14 -20.04 -3.32
N SER B 114 16.32 -20.20 -4.35
CA SER B 114 15.63 -19.07 -4.96
C SER B 114 14.85 -18.27 -3.92
N LEU B 115 14.16 -18.97 -3.02
CA LEU B 115 13.37 -18.29 -1.99
C LEU B 115 14.25 -17.71 -0.90
N ALA B 116 15.30 -18.42 -0.52
CA ALA B 116 16.21 -17.95 0.51
C ALA B 116 16.90 -16.69 0.01
N ASN B 117 17.21 -16.68 -1.28
CA ASN B 117 17.86 -15.56 -1.93
C ASN B 117 16.99 -14.31 -1.77
N ALA B 118 15.72 -14.44 -2.18
CA ALA B 118 14.78 -13.33 -2.10
C ALA B 118 14.67 -12.79 -0.69
N LYS B 119 14.63 -13.67 0.30
CA LYS B 119 14.53 -13.27 1.69
C LYS B 119 15.78 -12.56 2.14
N ALA B 120 16.91 -12.94 1.55
CA ALA B 120 18.19 -12.33 1.91
C ALA B 120 18.23 -10.91 1.34
N ALA B 121 17.88 -10.78 0.06
CA ALA B 121 17.88 -9.48 -0.61
C ALA B 121 16.96 -8.52 0.13
N ALA B 122 15.76 -8.97 0.44
CA ALA B 122 14.78 -8.16 1.16
C ALA B 122 15.40 -7.52 2.40
N ALA B 123 16.12 -8.34 3.18
CA ALA B 123 16.75 -7.85 4.39
C ALA B 123 17.84 -6.84 4.04
N ALA B 124 18.61 -7.14 3.01
CA ALA B 124 19.69 -6.26 2.57
C ALA B 124 19.14 -4.88 2.21
N LYS B 125 17.88 -4.84 1.78
CA LYS B 125 17.26 -3.59 1.40
C LYS B 125 16.43 -3.03 2.56
N GLY B 126 16.74 -3.48 3.76
CA GLY B 126 16.03 -3.03 4.94
C GLY B 126 14.52 -3.05 4.80
N MET B 127 13.99 -4.08 4.14
CA MET B 127 12.54 -4.19 3.94
C MET B 127 12.04 -5.63 4.04
N PRO B 128 10.78 -5.81 4.45
CA PRO B 128 10.16 -7.14 4.59
C PRO B 128 10.17 -7.90 3.27
N LEU B 129 9.75 -9.16 3.31
CA LEU B 129 9.73 -10.00 2.12
C LEU B 129 8.63 -9.60 1.13
N TYR B 130 7.44 -9.33 1.64
CA TYR B 130 6.31 -8.95 0.80
C TYR B 130 6.57 -7.65 0.03
N GLU B 131 7.43 -6.78 0.57
CA GLU B 131 7.77 -5.54 -0.08
C GLU B 131 8.78 -5.78 -1.19
N HIS B 132 9.73 -6.68 -0.92
CA HIS B 132 10.77 -7.02 -1.91
C HIS B 132 10.11 -7.70 -3.10
N ILE B 133 9.14 -8.56 -2.82
CA ILE B 133 8.43 -9.27 -3.87
C ILE B 133 7.69 -8.29 -4.79
N ALA B 134 6.80 -7.50 -4.20
CA ALA B 134 6.03 -6.52 -4.96
C ALA B 134 6.94 -5.73 -5.90
N GLU B 135 8.10 -5.33 -5.41
CA GLU B 135 9.05 -4.58 -6.23
C GLU B 135 9.57 -5.41 -7.39
N LEU B 136 9.96 -6.65 -7.10
CA LEU B 136 10.47 -7.56 -8.13
C LEU B 136 9.39 -7.82 -9.18
N ASN B 137 8.14 -7.65 -8.77
CA ASN B 137 7.01 -7.88 -9.65
C ASN B 137 6.72 -6.65 -10.51
N GLY B 138 7.30 -5.51 -10.13
CA GLY B 138 7.08 -4.29 -10.88
C GLY B 138 5.87 -3.51 -10.40
N THR B 139 5.41 -3.82 -9.19
CA THR B 139 4.26 -3.16 -8.59
C THR B 139 4.52 -2.93 -7.11
N PRO B 140 5.56 -2.14 -6.79
CA PRO B 140 5.95 -1.82 -5.41
C PRO B 140 4.85 -1.30 -4.51
N GLY B 141 3.80 -0.73 -5.10
CA GLY B 141 2.72 -0.21 -4.30
C GLY B 141 1.65 -1.23 -3.96
N LYS B 142 1.17 -1.95 -4.97
CA LYS B 142 0.14 -2.95 -4.79
C LYS B 142 0.35 -3.88 -3.61
N TYR B 143 -0.70 -4.03 -2.80
CA TYR B 143 -0.70 -4.90 -1.63
C TYR B 143 -2.15 -5.29 -1.35
N SER B 144 -2.34 -6.48 -0.78
CA SER B 144 -3.69 -6.94 -0.46
C SER B 144 -3.66 -8.26 0.29
N MET B 145 -4.48 -8.37 1.33
CA MET B 145 -4.56 -9.58 2.10
C MET B 145 -5.50 -10.53 1.38
N PRO B 146 -4.98 -11.68 0.91
CA PRO B 146 -5.75 -12.69 0.18
C PRO B 146 -6.89 -13.33 0.96
N VAL B 147 -7.93 -13.74 0.23
CA VAL B 147 -9.08 -14.41 0.82
C VAL B 147 -8.71 -15.88 0.95
N PRO B 148 -8.48 -16.34 2.18
CA PRO B 148 -8.11 -17.73 2.46
C PRO B 148 -9.23 -18.75 2.35
N MET B 149 -9.09 -19.70 1.42
CA MET B 149 -10.07 -20.76 1.27
C MET B 149 -9.58 -21.92 2.13
N MET B 150 -10.02 -21.91 3.39
CA MET B 150 -9.63 -22.91 4.36
C MET B 150 -10.28 -24.27 4.15
N ASN B 151 -9.44 -25.31 4.06
CA ASN B 151 -9.92 -26.67 3.89
C ASN B 151 -10.64 -27.03 5.20
N ILE B 152 -11.60 -27.95 5.15
CA ILE B 152 -12.33 -28.30 6.34
C ILE B 152 -12.88 -29.73 6.35
N ILE B 153 -13.20 -30.23 5.16
CA ILE B 153 -13.72 -31.59 5.03
C ILE B 153 -13.14 -32.23 3.76
N ASN B 154 -12.33 -33.26 3.96
CA ASN B 154 -11.71 -33.96 2.84
C ASN B 154 -12.47 -35.22 2.43
N GLY B 155 -12.24 -35.65 1.20
CA GLY B 155 -12.89 -36.84 0.69
C GLY B 155 -12.02 -37.54 -0.33
N GLY B 156 -12.64 -38.36 -1.18
CA GLY B 156 -11.88 -39.07 -2.19
C GLY B 156 -10.67 -39.78 -1.62
N GLU B 157 -9.54 -39.68 -2.31
CA GLU B 157 -8.30 -40.33 -1.86
C GLU B 157 -7.62 -39.56 -0.73
N HIS B 158 -8.34 -38.62 -0.12
CA HIS B 158 -7.79 -37.84 0.98
C HIS B 158 -8.53 -38.13 2.28
N ALA B 159 -9.22 -39.26 2.33
CA ALA B 159 -9.98 -39.65 3.51
C ALA B 159 -10.68 -40.98 3.24
N ASP B 160 -10.92 -41.73 4.31
CA ASP B 160 -11.59 -43.02 4.18
C ASP B 160 -13.08 -42.87 4.47
N ASN B 161 -13.80 -42.28 3.52
CA ASN B 161 -15.24 -42.08 3.66
C ASN B 161 -15.96 -42.48 2.37
N ASN B 162 -16.96 -41.70 1.98
CA ASN B 162 -17.71 -41.99 0.77
C ASN B 162 -17.84 -40.75 -0.10
N VAL B 163 -17.23 -39.65 0.34
CA VAL B 163 -17.26 -38.40 -0.39
C VAL B 163 -16.31 -38.48 -1.57
N ASP B 164 -16.82 -38.19 -2.77
CA ASP B 164 -16.00 -38.24 -3.97
C ASP B 164 -15.09 -37.02 -4.10
N ILE B 165 -15.62 -35.85 -3.76
CA ILE B 165 -14.84 -34.62 -3.83
C ILE B 165 -13.63 -34.74 -2.93
N GLN B 166 -12.47 -34.35 -3.44
CA GLN B 166 -11.23 -34.43 -2.67
C GLN B 166 -11.21 -33.57 -1.41
N GLU B 167 -11.76 -32.38 -1.49
CA GLU B 167 -11.78 -31.50 -0.32
C GLU B 167 -12.78 -30.35 -0.41
N PHE B 168 -13.42 -30.06 0.71
CA PHE B 168 -14.39 -28.96 0.80
C PHE B 168 -13.77 -27.86 1.66
N MET B 169 -13.89 -26.62 1.21
CA MET B 169 -13.32 -25.49 1.94
C MET B 169 -14.35 -24.40 2.22
N ILE B 170 -13.97 -23.47 3.09
CA ILE B 170 -14.83 -22.34 3.46
C ILE B 170 -14.06 -21.05 3.23
N GLN B 171 -14.75 -20.03 2.75
CA GLN B 171 -14.12 -18.75 2.48
C GLN B 171 -14.73 -17.62 3.30
N PRO B 172 -13.96 -17.07 4.25
CA PRO B 172 -14.41 -15.96 5.11
C PRO B 172 -14.55 -14.64 4.35
N VAL B 173 -15.38 -14.64 3.31
CA VAL B 173 -15.60 -13.44 2.50
C VAL B 173 -16.33 -12.34 3.27
N GLY B 174 -17.10 -12.72 4.29
CA GLY B 174 -17.82 -11.75 5.07
C GLY B 174 -16.93 -10.93 5.99
N ALA B 175 -15.64 -11.22 5.95
CA ALA B 175 -14.68 -10.51 6.81
C ALA B 175 -14.26 -9.17 6.20
N LYS B 176 -13.77 -8.28 7.05
CA LYS B 176 -13.31 -6.97 6.61
C LYS B 176 -11.78 -6.99 6.52
N THR B 177 -11.17 -7.95 7.20
CA THR B 177 -9.72 -8.10 7.21
C THR B 177 -9.37 -9.57 7.35
N VAL B 178 -8.17 -9.95 6.91
CA VAL B 178 -7.74 -11.34 6.98
C VAL B 178 -7.71 -11.81 8.43
N LYS B 179 -7.42 -10.89 9.34
CA LYS B 179 -7.36 -11.21 10.76
C LYS B 179 -8.71 -11.76 11.23
N GLU B 180 -9.77 -11.06 10.86
CA GLU B 180 -11.12 -11.48 11.23
C GLU B 180 -11.49 -12.76 10.49
N ALA B 181 -11.09 -12.83 9.21
CA ALA B 181 -11.37 -13.99 8.39
C ALA B 181 -10.82 -15.25 9.08
N ILE B 182 -9.60 -15.11 9.59
CA ILE B 182 -8.93 -16.21 10.29
C ILE B 182 -9.75 -16.59 11.53
N ARG B 183 -10.26 -15.60 12.24
CA ARG B 183 -11.06 -15.85 13.43
C ARG B 183 -12.32 -16.63 13.06
N MET B 184 -12.93 -16.26 11.94
CA MET B 184 -14.13 -16.96 11.47
C MET B 184 -13.83 -18.43 11.24
N GLY B 185 -12.81 -18.69 10.43
CA GLY B 185 -12.43 -20.07 10.16
C GLY B 185 -12.19 -20.83 11.45
N SER B 186 -11.38 -20.24 12.33
CA SER B 186 -11.09 -20.85 13.62
C SER B 186 -12.37 -21.27 14.32
N GLU B 187 -13.35 -20.36 14.32
CA GLU B 187 -14.64 -20.61 14.95
C GLU B 187 -15.43 -21.71 14.24
N VAL B 188 -15.54 -21.59 12.92
CA VAL B 188 -16.26 -22.59 12.14
C VAL B 188 -15.58 -23.94 12.32
N PHE B 189 -14.24 -23.92 12.30
CA PHE B 189 -13.43 -25.11 12.46
C PHE B 189 -13.78 -25.87 13.73
N HIS B 190 -13.78 -25.16 14.85
CA HIS B 190 -14.08 -25.78 16.14
C HIS B 190 -15.51 -26.32 16.26
N HIS B 191 -16.48 -25.60 15.70
CA HIS B 191 -17.86 -26.04 15.77
C HIS B 191 -18.09 -27.35 15.01
N LEU B 192 -17.50 -27.47 13.83
CA LEU B 192 -17.66 -28.68 13.04
C LEU B 192 -17.18 -29.89 13.83
N ALA B 193 -16.25 -29.65 14.76
CA ALA B 193 -15.71 -30.72 15.59
C ALA B 193 -16.80 -31.24 16.52
N LYS B 194 -17.57 -30.32 17.09
CA LYS B 194 -18.64 -30.67 18.00
C LYS B 194 -19.73 -31.42 17.23
N VAL B 195 -19.96 -31.01 15.99
CA VAL B 195 -20.96 -31.65 15.15
C VAL B 195 -20.56 -33.09 14.90
N LEU B 196 -19.30 -33.30 14.54
CA LEU B 196 -18.78 -34.64 14.27
C LEU B 196 -18.65 -35.42 15.58
N LYS B 197 -18.14 -34.76 16.61
CA LYS B 197 -17.96 -35.39 17.92
C LYS B 197 -19.28 -35.98 18.40
N ALA B 198 -20.34 -35.18 18.32
CA ALA B 198 -21.67 -35.60 18.77
C ALA B 198 -22.25 -36.69 17.87
N LYS B 199 -21.78 -36.75 16.63
CA LYS B 199 -22.28 -37.73 15.68
C LYS B 199 -21.42 -39.00 15.71
N GLY B 200 -20.60 -39.13 16.74
CA GLY B 200 -19.73 -40.29 16.87
C GLY B 200 -18.69 -40.38 15.77
N MET B 201 -18.42 -39.25 15.12
CA MET B 201 -17.44 -39.19 14.03
C MET B 201 -16.06 -38.93 14.61
N ASN B 202 -15.02 -39.31 13.87
CA ASN B 202 -13.64 -39.10 14.31
C ASN B 202 -13.23 -37.67 13.99
N THR B 203 -12.65 -36.97 14.95
CA THR B 203 -12.23 -35.59 14.76
C THR B 203 -10.76 -35.43 14.40
N ALA B 204 -10.04 -36.54 14.30
CA ALA B 204 -8.63 -36.51 13.94
C ALA B 204 -8.44 -35.72 12.65
N VAL B 205 -7.39 -34.91 12.59
CA VAL B 205 -7.11 -34.11 11.41
C VAL B 205 -6.19 -34.79 10.41
N GLY B 206 -6.29 -34.37 9.15
CA GLY B 206 -5.45 -34.93 8.11
C GLY B 206 -4.21 -34.09 7.94
N ASP B 207 -3.53 -34.22 6.81
CA ASP B 207 -2.31 -33.46 6.55
C ASP B 207 -2.60 -31.98 6.42
N GLU B 208 -3.79 -31.66 5.94
CA GLU B 208 -4.21 -30.27 5.73
C GLU B 208 -4.65 -29.65 7.04
N GLY B 209 -4.89 -30.50 8.05
CA GLY B 209 -5.32 -30.00 9.34
C GLY B 209 -6.83 -30.02 9.46
N GLY B 210 -7.49 -30.46 8.39
CA GLY B 210 -8.94 -30.51 8.38
C GLY B 210 -9.48 -31.81 8.95
N TYR B 211 -10.74 -32.09 8.67
CA TYR B 211 -11.38 -33.31 9.18
C TYR B 211 -11.58 -34.35 8.09
N ALA B 212 -11.53 -35.62 8.50
CA ALA B 212 -11.71 -36.73 7.59
C ALA B 212 -12.73 -37.72 8.15
N PRO B 213 -13.93 -37.21 8.49
CA PRO B 213 -14.98 -38.07 9.05
C PRO B 213 -15.47 -39.09 8.03
N ASN B 214 -16.16 -40.13 8.50
CA ASN B 214 -16.65 -41.17 7.62
C ASN B 214 -18.06 -40.80 7.11
N LEU B 215 -18.13 -39.75 6.30
CA LEU B 215 -19.38 -39.27 5.75
C LEU B 215 -19.90 -40.26 4.71
N GLY B 216 -21.18 -40.15 4.36
CA GLY B 216 -21.76 -41.07 3.39
C GLY B 216 -21.96 -40.50 2.00
N SER B 217 -21.88 -39.17 1.87
CA SER B 217 -22.07 -38.53 0.58
C SER B 217 -21.59 -37.09 0.57
N ASN B 218 -21.48 -36.52 -0.63
CA ASN B 218 -21.02 -35.15 -0.79
C ASN B 218 -22.04 -34.18 -0.18
N ALA B 219 -23.32 -34.56 -0.24
CA ALA B 219 -24.38 -33.73 0.30
C ALA B 219 -24.26 -33.63 1.81
N GLU B 220 -23.87 -34.73 2.45
CA GLU B 220 -23.71 -34.74 3.90
C GLU B 220 -22.50 -33.90 4.32
N ALA B 221 -21.47 -33.90 3.49
CA ALA B 221 -20.27 -33.12 3.77
C ALA B 221 -20.67 -31.65 3.79
N LEU B 222 -21.48 -31.26 2.82
CA LEU B 222 -21.97 -29.89 2.69
C LEU B 222 -23.01 -29.64 3.77
N ALA B 223 -23.46 -30.70 4.42
CA ALA B 223 -24.47 -30.61 5.47
C ALA B 223 -23.82 -30.26 6.80
N VAL B 224 -22.83 -31.07 7.21
CA VAL B 224 -22.12 -30.84 8.46
C VAL B 224 -21.43 -29.49 8.44
N ILE B 225 -20.89 -29.11 7.28
CA ILE B 225 -20.21 -27.83 7.13
C ILE B 225 -21.21 -26.69 7.34
N ALA B 226 -22.32 -26.74 6.60
CA ALA B 226 -23.35 -25.72 6.71
C ALA B 226 -23.88 -25.67 8.14
N GLU B 227 -24.09 -26.85 8.73
CA GLU B 227 -24.59 -26.94 10.09
C GLU B 227 -23.57 -26.35 11.07
N ALA B 228 -22.30 -26.45 10.70
CA ALA B 228 -21.21 -25.94 11.53
C ALA B 228 -21.13 -24.42 11.45
N VAL B 229 -21.26 -23.88 10.25
CA VAL B 229 -21.20 -22.44 10.03
C VAL B 229 -22.35 -21.73 10.75
N LYS B 230 -23.54 -22.32 10.69
CA LYS B 230 -24.71 -21.74 11.33
C LYS B 230 -24.57 -21.79 12.85
N ALA B 231 -24.10 -22.93 13.37
CA ALA B 231 -23.91 -23.10 14.80
C ALA B 231 -22.87 -22.11 15.33
N ALA B 232 -21.99 -21.67 14.43
CA ALA B 232 -20.94 -20.72 14.79
C ALA B 232 -21.48 -19.30 14.77
N GLY B 233 -22.71 -19.14 14.28
CA GLY B 233 -23.32 -17.82 14.22
C GLY B 233 -23.01 -17.08 12.94
N TYR B 234 -22.90 -17.82 11.83
CA TYR B 234 -22.60 -17.22 10.55
C TYR B 234 -23.61 -17.68 9.49
N GLU B 235 -23.77 -16.90 8.44
CA GLU B 235 -24.69 -17.23 7.36
C GLU B 235 -23.95 -17.51 6.07
N LEU B 236 -24.25 -18.66 5.46
CA LEU B 236 -23.62 -19.04 4.21
C LEU B 236 -23.89 -18.02 3.12
N GLY B 237 -23.03 -17.98 2.11
CA GLY B 237 -23.19 -17.05 1.02
C GLY B 237 -22.83 -15.62 1.38
N LYS B 238 -23.37 -15.14 2.50
CA LYS B 238 -23.11 -13.77 2.94
C LYS B 238 -21.78 -13.63 3.69
N ASP B 239 -21.58 -14.48 4.69
CA ASP B 239 -20.35 -14.42 5.47
C ASP B 239 -19.32 -15.47 5.05
N ILE B 240 -19.80 -16.68 4.75
CA ILE B 240 -18.90 -17.76 4.35
C ILE B 240 -19.37 -18.52 3.11
N THR B 241 -18.63 -18.39 2.02
CA THR B 241 -18.95 -19.09 0.79
C THR B 241 -18.25 -20.44 0.82
N LEU B 242 -18.37 -21.22 -0.26
CA LEU B 242 -17.74 -22.52 -0.31
C LEU B 242 -16.87 -22.73 -1.54
N ALA B 243 -15.85 -23.59 -1.39
CA ALA B 243 -14.94 -23.92 -2.47
C ALA B 243 -14.61 -25.40 -2.35
N MET B 244 -14.36 -26.04 -3.49
CA MET B 244 -14.06 -27.48 -3.48
C MET B 244 -13.06 -27.88 -4.55
N ASP B 245 -12.36 -28.98 -4.28
CA ASP B 245 -11.36 -29.51 -5.22
C ASP B 245 -11.82 -30.89 -5.68
N CYS B 246 -12.51 -30.93 -6.81
CA CYS B 246 -13.02 -32.18 -7.35
C CYS B 246 -11.91 -33.19 -7.60
N ALA B 247 -10.84 -32.74 -8.26
CA ALA B 247 -9.72 -33.62 -8.58
C ALA B 247 -10.25 -34.80 -9.39
N ALA B 248 -11.02 -34.49 -10.43
CA ALA B 248 -11.62 -35.50 -11.29
C ALA B 248 -10.63 -36.54 -11.79
N SER B 249 -9.34 -36.24 -11.64
CA SER B 249 -8.30 -37.17 -12.07
C SER B 249 -8.34 -38.48 -11.29
N GLU B 250 -9.05 -38.47 -10.17
CA GLU B 250 -9.16 -39.64 -9.32
C GLU B 250 -10.31 -40.57 -9.70
N PHE B 251 -11.30 -40.04 -10.41
CA PHE B 251 -12.44 -40.84 -10.83
C PHE B 251 -12.77 -40.66 -12.31
N TYR B 252 -11.74 -40.49 -13.13
CA TYR B 252 -11.90 -40.32 -14.56
C TYR B 252 -11.39 -41.55 -15.29
N LYS B 253 -12.31 -42.32 -15.87
CA LYS B 253 -11.95 -43.53 -16.61
C LYS B 253 -13.00 -43.86 -17.65
N ASP B 254 -12.56 -44.44 -18.77
CA ASP B 254 -13.45 -44.82 -19.85
C ASP B 254 -14.13 -43.59 -20.47
N GLY B 255 -13.52 -42.42 -20.27
CA GLY B 255 -14.07 -41.19 -20.83
C GLY B 255 -15.16 -40.60 -19.96
N LYS B 256 -15.61 -41.34 -18.96
CA LYS B 256 -16.65 -40.86 -18.06
C LYS B 256 -16.09 -40.52 -16.68
N TYR B 257 -17.00 -40.17 -15.77
CA TYR B 257 -16.62 -39.81 -14.41
C TYR B 257 -17.45 -40.60 -13.40
N VAL B 258 -16.82 -41.55 -12.72
CA VAL B 258 -17.50 -42.38 -11.74
C VAL B 258 -17.62 -41.67 -10.39
N LEU B 259 -18.60 -42.10 -9.59
CA LEU B 259 -18.84 -41.51 -8.28
C LEU B 259 -19.32 -42.56 -7.29
N ALA B 260 -18.39 -43.17 -6.56
CA ALA B 260 -18.74 -44.19 -5.57
C ALA B 260 -19.68 -43.61 -4.52
N GLY B 261 -19.51 -42.33 -4.21
CA GLY B 261 -20.36 -41.68 -3.23
C GLY B 261 -21.80 -41.60 -3.72
N GLU B 262 -21.96 -41.51 -5.03
CA GLU B 262 -23.29 -41.43 -5.63
C GLU B 262 -23.67 -42.83 -6.11
N GLY B 263 -23.18 -43.84 -5.40
CA GLY B 263 -23.46 -45.21 -5.77
C GLY B 263 -22.72 -45.55 -7.05
N ASN B 264 -22.64 -46.83 -7.37
CA ASN B 264 -21.96 -47.25 -8.60
C ASN B 264 -22.61 -46.55 -9.79
N LYS B 265 -21.99 -45.45 -10.22
CA LYS B 265 -22.52 -44.70 -11.35
C LYS B 265 -21.47 -43.78 -11.95
N ALA B 266 -21.68 -43.39 -13.20
CA ALA B 266 -20.76 -42.52 -13.92
C ALA B 266 -21.48 -41.91 -15.10
N PHE B 267 -21.03 -40.73 -15.54
CA PHE B 267 -21.67 -40.06 -16.66
C PHE B 267 -20.67 -39.28 -17.53
N THR B 268 -21.13 -38.92 -18.73
CA THR B 268 -20.31 -38.19 -19.68
C THR B 268 -19.71 -36.94 -19.05
N SER B 269 -18.63 -36.44 -19.64
CA SER B 269 -17.97 -35.24 -19.15
C SER B 269 -18.93 -34.05 -19.18
N GLU B 270 -19.89 -34.10 -20.10
CA GLU B 270 -20.86 -33.02 -20.25
C GLU B 270 -21.83 -33.02 -19.06
N GLU B 271 -22.24 -34.22 -18.64
CA GLU B 271 -23.16 -34.36 -17.52
C GLU B 271 -22.57 -33.88 -16.20
N PHE B 272 -21.31 -34.26 -15.95
CA PHE B 272 -20.65 -33.86 -14.71
C PHE B 272 -20.57 -32.33 -14.63
N THR B 273 -20.36 -31.70 -15.78
CA THR B 273 -20.29 -30.24 -15.83
C THR B 273 -21.60 -29.64 -15.35
N HIS B 274 -22.70 -30.35 -15.60
CA HIS B 274 -24.01 -29.90 -15.17
C HIS B 274 -24.29 -30.36 -13.75
N PHE B 275 -23.70 -31.49 -13.37
CA PHE B 275 -23.87 -32.03 -12.03
C PHE B 275 -23.37 -31.01 -11.01
N LEU B 276 -22.21 -30.43 -11.29
CA LEU B 276 -21.61 -29.44 -10.41
C LEU B 276 -22.43 -28.16 -10.45
N GLU B 277 -22.97 -27.85 -11.62
CA GLU B 277 -23.79 -26.66 -11.79
C GLU B 277 -24.99 -26.70 -10.84
N GLU B 278 -25.34 -27.90 -10.40
CA GLU B 278 -26.45 -28.07 -9.48
C GLU B 278 -26.00 -27.73 -8.07
N LEU B 279 -24.77 -28.14 -7.74
CA LEU B 279 -24.20 -27.88 -6.42
C LEU B 279 -24.04 -26.39 -6.22
N THR B 280 -23.73 -25.68 -7.31
CA THR B 280 -23.55 -24.24 -7.26
C THR B 280 -24.89 -23.51 -7.20
N LYS B 281 -25.96 -24.29 -7.09
CA LYS B 281 -27.32 -23.74 -7.01
C LYS B 281 -27.88 -24.02 -5.63
N GLN B 282 -27.68 -25.25 -5.17
CA GLN B 282 -28.17 -25.70 -3.87
C GLN B 282 -27.25 -25.19 -2.76
N TYR B 283 -25.97 -24.99 -3.11
CA TYR B 283 -24.98 -24.52 -2.15
C TYR B 283 -24.19 -23.34 -2.71
N PRO B 284 -23.67 -22.47 -1.82
CA PRO B 284 -22.90 -21.30 -2.21
C PRO B 284 -21.47 -21.63 -2.66
N ILE B 285 -21.35 -22.59 -3.56
CA ILE B 285 -20.04 -23.00 -4.08
C ILE B 285 -19.65 -22.07 -5.22
N VAL B 286 -18.67 -21.21 -4.96
CA VAL B 286 -18.20 -20.26 -5.95
C VAL B 286 -16.86 -20.63 -6.58
N SER B 287 -16.20 -21.64 -6.02
CA SER B 287 -14.90 -22.08 -6.54
C SER B 287 -14.80 -23.59 -6.69
N ILE B 288 -14.41 -24.03 -7.87
CA ILE B 288 -14.28 -25.45 -8.15
C ILE B 288 -12.92 -25.74 -8.78
N GLU B 289 -12.07 -26.47 -8.05
CA GLU B 289 -10.75 -26.81 -8.54
C GLU B 289 -10.77 -28.16 -9.25
N ASP B 290 -10.12 -28.21 -10.41
CA ASP B 290 -10.06 -29.43 -11.22
C ASP B 290 -11.40 -30.15 -11.27
N GLY B 291 -12.40 -29.52 -11.89
CA GLY B 291 -13.71 -30.12 -12.00
C GLY B 291 -13.74 -31.13 -13.14
N LEU B 292 -12.57 -31.36 -13.74
CA LEU B 292 -12.42 -32.30 -14.85
C LEU B 292 -10.96 -32.72 -14.92
N ASP B 293 -10.67 -33.78 -15.65
CA ASP B 293 -9.30 -34.24 -15.79
C ASP B 293 -8.47 -33.25 -16.58
N GLU B 294 -7.18 -33.19 -16.31
CA GLU B 294 -6.29 -32.26 -17.00
C GLU B 294 -6.21 -32.51 -18.50
N SER B 295 -6.65 -33.69 -18.93
CA SER B 295 -6.61 -34.04 -20.35
C SER B 295 -7.90 -33.66 -21.07
N ASP B 296 -9.00 -33.56 -20.31
CA ASP B 296 -10.29 -33.22 -20.88
C ASP B 296 -10.40 -31.73 -21.17
N TRP B 297 -9.57 -31.24 -22.09
CA TRP B 297 -9.58 -29.83 -22.46
C TRP B 297 -10.91 -29.40 -23.09
N ASP B 298 -11.52 -30.30 -23.86
CA ASP B 298 -12.80 -30.00 -24.48
C ASP B 298 -13.85 -29.84 -23.40
N GLY B 299 -13.84 -30.76 -22.43
CA GLY B 299 -14.79 -30.70 -21.34
C GLY B 299 -14.68 -29.38 -20.60
N PHE B 300 -13.45 -28.94 -20.36
CA PHE B 300 -13.21 -27.69 -19.66
C PHE B 300 -13.79 -26.52 -20.44
N ALA B 301 -13.70 -26.59 -21.77
CA ALA B 301 -14.23 -25.55 -22.63
C ALA B 301 -15.71 -25.33 -22.33
N TYR B 302 -16.45 -26.43 -22.19
CA TYR B 302 -17.87 -26.36 -21.90
C TYR B 302 -18.11 -25.88 -20.48
N GLN B 303 -17.40 -26.46 -19.53
CA GLN B 303 -17.54 -26.08 -18.13
C GLN B 303 -17.21 -24.60 -17.94
N THR B 304 -16.36 -24.07 -18.82
CA THR B 304 -15.98 -22.67 -18.75
C THR B 304 -17.12 -21.80 -19.29
N LYS B 305 -17.95 -22.40 -20.15
CA LYS B 305 -19.08 -21.68 -20.73
C LYS B 305 -20.37 -22.01 -19.98
N VAL B 306 -20.28 -22.97 -19.06
CA VAL B 306 -21.44 -23.39 -18.27
C VAL B 306 -21.35 -22.83 -16.86
N LEU B 307 -20.14 -22.77 -16.32
CA LEU B 307 -19.93 -22.27 -14.97
C LEU B 307 -18.95 -21.11 -14.92
N GLY B 308 -18.14 -20.97 -15.96
CA GLY B 308 -17.16 -19.90 -16.02
C GLY B 308 -17.74 -18.50 -15.93
N ASP B 309 -19.07 -18.41 -15.88
CA ASP B 309 -19.73 -17.11 -15.80
C ASP B 309 -19.98 -16.66 -14.37
N LYS B 310 -20.40 -17.60 -13.52
CA LYS B 310 -20.68 -17.28 -12.12
C LYS B 310 -19.88 -18.13 -11.14
N ILE B 311 -19.07 -19.06 -11.66
CA ILE B 311 -18.25 -19.92 -10.83
C ILE B 311 -16.78 -19.82 -11.19
N GLN B 312 -15.92 -19.91 -10.18
CA GLN B 312 -14.47 -19.85 -10.40
C GLN B 312 -13.91 -21.24 -10.70
N LEU B 313 -13.27 -21.36 -11.85
CA LEU B 313 -12.68 -22.63 -12.27
C LEU B 313 -11.17 -22.60 -12.05
N VAL B 314 -10.74 -23.10 -10.89
CA VAL B 314 -9.33 -23.13 -10.54
C VAL B 314 -8.64 -24.34 -11.16
N GLY B 315 -7.57 -24.08 -11.91
CA GLY B 315 -6.84 -25.17 -12.54
C GLY B 315 -5.57 -25.49 -11.79
N ASP B 316 -5.52 -26.68 -11.20
CA ASP B 316 -4.34 -27.12 -10.45
C ASP B 316 -3.55 -28.15 -11.25
N ASP B 317 -4.05 -29.39 -11.29
CA ASP B 317 -3.39 -30.44 -12.04
C ASP B 317 -3.51 -30.14 -13.53
N LEU B 318 -4.37 -29.19 -13.85
CA LEU B 318 -4.60 -28.78 -15.22
C LEU B 318 -3.46 -27.94 -15.76
N PHE B 319 -3.07 -26.93 -14.99
CA PHE B 319 -1.99 -26.03 -15.37
C PHE B 319 -0.66 -26.36 -14.71
N VAL B 320 -0.73 -27.08 -13.58
CA VAL B 320 0.46 -27.46 -12.81
C VAL B 320 1.50 -26.34 -12.79
N THR B 321 1.02 -25.12 -12.63
CA THR B 321 1.87 -23.93 -12.58
C THR B 321 2.90 -23.97 -13.70
N ASN B 322 2.44 -23.79 -14.93
CA ASN B 322 3.33 -23.81 -16.09
C ASN B 322 2.82 -22.87 -17.18
N THR B 323 3.59 -21.82 -17.45
CA THR B 323 3.22 -20.83 -18.45
C THR B 323 2.91 -21.44 -19.82
N LYS B 324 3.72 -22.41 -20.23
CA LYS B 324 3.52 -23.06 -21.53
C LYS B 324 2.15 -23.72 -21.63
N ILE B 325 1.59 -24.10 -20.49
CA ILE B 325 0.28 -24.75 -20.47
C ILE B 325 -0.85 -23.77 -20.18
N LEU B 326 -0.58 -22.79 -19.32
CA LEU B 326 -1.60 -21.81 -18.96
C LEU B 326 -1.91 -20.93 -20.17
N LYS B 327 -0.86 -20.52 -20.89
CA LYS B 327 -1.02 -19.69 -22.08
C LYS B 327 -1.99 -20.32 -23.06
N GLU B 328 -1.69 -21.54 -23.49
CA GLU B 328 -2.54 -22.25 -24.43
C GLU B 328 -3.96 -22.39 -23.90
N GLY B 329 -4.08 -22.49 -22.57
CA GLY B 329 -5.38 -22.63 -21.96
C GLY B 329 -6.20 -21.36 -22.03
N ILE B 330 -5.55 -20.22 -21.80
CA ILE B 330 -6.22 -18.93 -21.84
C ILE B 330 -6.82 -18.70 -23.22
N GLU B 331 -6.08 -19.09 -24.25
CA GLU B 331 -6.52 -18.92 -25.63
C GLU B 331 -7.73 -19.80 -25.94
N LYS B 332 -7.67 -21.06 -25.53
CA LYS B 332 -8.74 -22.01 -25.78
C LYS B 332 -9.91 -21.78 -24.81
N GLY B 333 -9.75 -20.81 -23.92
CA GLY B 333 -10.80 -20.50 -22.97
C GLY B 333 -11.03 -21.61 -21.97
N ILE B 334 -9.97 -22.01 -21.27
CA ILE B 334 -10.06 -23.07 -20.27
C ILE B 334 -9.89 -22.51 -18.86
N ALA B 335 -10.93 -22.70 -18.04
CA ALA B 335 -10.90 -22.22 -16.66
C ALA B 335 -10.74 -20.70 -16.60
N ASN B 336 -10.70 -20.17 -15.37
CA ASN B 336 -10.54 -18.75 -15.16
C ASN B 336 -9.73 -18.46 -13.89
N SER B 337 -9.10 -19.50 -13.36
CA SER B 337 -8.29 -19.38 -12.15
C SER B 337 -7.23 -20.48 -12.13
N ILE B 338 -6.07 -20.16 -11.54
CA ILE B 338 -4.98 -21.13 -11.48
C ILE B 338 -4.36 -21.22 -10.08
N LEU B 339 -4.10 -22.44 -9.63
CA LEU B 339 -3.50 -22.68 -8.34
C LEU B 339 -1.98 -22.56 -8.49
N ILE B 340 -1.38 -21.63 -7.75
CA ILE B 340 0.05 -21.40 -7.85
C ILE B 340 0.88 -22.15 -6.80
N LYS B 341 1.76 -23.02 -7.28
CA LYS B 341 2.66 -23.80 -6.42
C LYS B 341 4.08 -23.57 -6.94
N PHE B 342 4.82 -22.67 -6.30
CA PHE B 342 6.18 -22.40 -6.74
C PHE B 342 7.13 -23.60 -6.76
N ASN B 343 6.88 -24.59 -5.91
CA ASN B 343 7.76 -25.77 -5.88
C ASN B 343 7.44 -26.65 -7.07
N GLN B 344 6.35 -26.31 -7.75
CA GLN B 344 5.91 -27.07 -8.92
C GLN B 344 6.57 -26.51 -10.19
N ILE B 345 7.06 -25.27 -10.11
CA ILE B 345 7.72 -24.66 -11.26
C ILE B 345 9.22 -24.66 -11.04
N GLY B 346 9.66 -24.38 -9.82
CA GLY B 346 11.09 -24.42 -9.54
C GLY B 346 11.73 -23.17 -8.96
N SER B 347 11.22 -21.99 -9.31
CA SER B 347 11.79 -20.75 -8.81
C SER B 347 10.78 -19.65 -8.61
N LEU B 348 11.19 -18.59 -7.92
CA LEU B 348 10.33 -17.45 -7.65
C LEU B 348 10.09 -16.63 -8.92
N THR B 349 11.14 -16.45 -9.72
CA THR B 349 11.04 -15.69 -10.96
C THR B 349 10.01 -16.32 -11.89
N GLU B 350 10.07 -17.65 -12.02
CA GLU B 350 9.14 -18.37 -12.87
C GLU B 350 7.75 -18.39 -12.28
N THR B 351 7.67 -18.23 -10.95
CA THR B 351 6.38 -18.24 -10.28
C THR B 351 5.65 -16.91 -10.51
N LEU B 352 6.41 -15.81 -10.39
CA LEU B 352 5.85 -14.48 -10.62
C LEU B 352 5.35 -14.38 -12.07
N ALA B 353 6.08 -15.02 -12.98
CA ALA B 353 5.73 -15.03 -14.38
C ALA B 353 4.39 -15.71 -14.59
N ALA B 354 4.15 -16.78 -13.86
CA ALA B 354 2.91 -17.53 -13.96
C ALA B 354 1.75 -16.70 -13.43
N ILE B 355 1.97 -16.03 -12.31
CA ILE B 355 0.95 -15.21 -11.69
C ILE B 355 0.60 -14.02 -12.59
N LYS B 356 1.63 -13.43 -13.21
CA LYS B 356 1.44 -12.28 -14.08
C LYS B 356 0.56 -12.64 -15.28
N MET B 357 0.87 -13.76 -15.92
CA MET B 357 0.09 -14.21 -17.07
C MET B 357 -1.37 -14.48 -16.68
N ALA B 358 -1.56 -14.84 -15.41
CA ALA B 358 -2.91 -15.13 -14.92
C ALA B 358 -3.75 -13.86 -14.87
N LYS B 359 -3.22 -12.81 -14.24
CA LYS B 359 -3.93 -11.55 -14.13
C LYS B 359 -4.06 -10.85 -15.49
N ASP B 360 -3.05 -11.02 -16.33
CA ASP B 360 -3.04 -10.41 -17.65
C ASP B 360 -4.07 -11.07 -18.57
N ALA B 361 -4.78 -12.06 -18.04
CA ALA B 361 -5.80 -12.77 -18.83
C ALA B 361 -7.14 -12.77 -18.10
N GLY B 362 -7.18 -12.08 -16.96
CA GLY B 362 -8.41 -12.03 -16.19
C GLY B 362 -8.47 -13.15 -15.17
N TYR B 363 -7.69 -14.19 -15.39
CA TYR B 363 -7.63 -15.34 -14.48
C TYR B 363 -7.13 -14.91 -13.11
N THR B 364 -7.62 -15.56 -12.07
CA THR B 364 -7.19 -15.28 -10.71
C THR B 364 -6.13 -16.30 -10.31
N ALA B 365 -5.17 -15.86 -9.49
CA ALA B 365 -4.08 -16.73 -9.04
C ALA B 365 -4.26 -17.07 -7.57
N VAL B 366 -4.27 -18.36 -7.26
CA VAL B 366 -4.41 -18.82 -5.88
C VAL B 366 -3.09 -19.40 -5.36
N ILE B 367 -2.39 -18.62 -4.54
CA ILE B 367 -1.13 -19.06 -3.97
C ILE B 367 -1.45 -20.28 -3.08
N SER B 368 -0.97 -21.44 -3.49
CA SER B 368 -1.25 -22.66 -2.75
C SER B 368 -0.07 -23.24 -1.95
N HIS B 369 -0.40 -24.20 -1.10
CA HIS B 369 0.57 -24.90 -0.28
C HIS B 369 0.68 -26.30 -0.85
N ARG B 370 1.41 -27.17 -0.16
CA ARG B 370 1.55 -28.57 -0.60
C ARG B 370 1.16 -29.44 0.56
N SER B 371 0.99 -30.73 0.32
CA SER B 371 0.62 -31.66 1.38
C SER B 371 1.68 -31.65 2.47
N GLY B 372 2.95 -31.67 2.05
CA GLY B 372 4.05 -31.65 2.99
C GLY B 372 4.61 -30.25 3.13
N GLU B 373 4.21 -29.55 4.19
CA GLU B 373 4.68 -28.20 4.46
C GLU B 373 5.74 -28.16 5.55
N THR B 374 6.17 -26.95 5.90
CA THR B 374 7.14 -26.74 6.95
C THR B 374 6.78 -25.46 7.68
N GLU B 375 7.60 -25.06 8.65
CA GLU B 375 7.36 -23.84 9.42
C GLU B 375 7.41 -22.63 8.50
N ASP B 376 7.89 -22.83 7.28
CA ASP B 376 8.01 -21.77 6.30
C ASP B 376 6.65 -21.14 5.95
N ALA B 377 6.63 -19.81 5.87
CA ALA B 377 5.41 -19.09 5.56
C ALA B 377 5.63 -18.14 4.39
N THR B 378 6.43 -18.57 3.43
CA THR B 378 6.74 -17.76 2.26
C THR B 378 5.52 -17.47 1.39
N ILE B 379 4.69 -18.47 1.16
CA ILE B 379 3.51 -18.29 0.32
C ILE B 379 2.62 -17.16 0.83
N ALA B 380 2.76 -16.82 2.11
CA ALA B 380 1.96 -15.75 2.68
C ALA B 380 2.47 -14.41 2.15
N ASP B 381 3.79 -14.23 2.18
CA ASP B 381 4.40 -13.00 1.70
C ASP B 381 4.31 -12.92 0.17
N LEU B 382 4.16 -14.08 -0.47
CA LEU B 382 4.06 -14.14 -1.92
C LEU B 382 2.71 -13.65 -2.37
N ALA B 383 1.67 -14.05 -1.65
CA ALA B 383 0.31 -13.67 -1.97
C ALA B 383 0.17 -12.14 -1.86
N VAL B 384 0.54 -11.59 -0.71
CA VAL B 384 0.48 -10.17 -0.47
C VAL B 384 1.32 -9.39 -1.48
N GLY B 385 2.62 -9.70 -1.54
CA GLY B 385 3.50 -9.02 -2.46
C GLY B 385 3.05 -9.04 -3.90
N THR B 386 2.12 -9.93 -4.23
CA THR B 386 1.61 -10.02 -5.59
C THR B 386 0.12 -9.69 -5.65
N ALA B 387 -0.46 -9.40 -4.50
CA ALA B 387 -1.88 -9.06 -4.41
C ALA B 387 -2.72 -10.10 -5.14
N ALA B 388 -2.37 -11.37 -4.95
CA ALA B 388 -3.10 -12.47 -5.58
C ALA B 388 -4.57 -12.46 -5.21
N GLY B 389 -4.86 -12.00 -4.00
CA GLY B 389 -6.23 -11.93 -3.55
C GLY B 389 -6.77 -13.22 -2.97
N GLN B 390 -6.13 -14.34 -3.28
CA GLN B 390 -6.57 -15.64 -2.78
C GLN B 390 -5.39 -16.52 -2.35
N ILE B 391 -5.64 -17.40 -1.39
CA ILE B 391 -4.62 -18.31 -0.90
C ILE B 391 -5.24 -19.60 -0.36
N LYS B 392 -4.58 -20.72 -0.63
CA LYS B 392 -5.05 -22.02 -0.18
C LYS B 392 -3.94 -22.65 0.66
N THR B 393 -4.00 -22.45 1.97
CA THR B 393 -2.98 -22.97 2.86
C THR B 393 -3.49 -23.83 4.02
N GLY B 394 -4.51 -24.63 3.75
CA GLY B 394 -5.05 -25.52 4.78
C GLY B 394 -6.14 -24.96 5.67
N SER B 395 -6.43 -25.67 6.75
CA SER B 395 -7.45 -25.27 7.71
C SER B 395 -6.82 -24.49 8.86
N MET B 396 -7.52 -24.41 9.98
CA MET B 396 -7.04 -23.69 11.13
C MET B 396 -6.46 -24.65 12.17
N SER B 397 -5.70 -25.63 11.69
CA SER B 397 -5.07 -26.62 12.55
C SER B 397 -3.70 -27.00 11.98
N ARG B 398 -2.78 -27.39 12.87
CA ARG B 398 -1.42 -27.77 12.46
C ARG B 398 -0.62 -26.52 12.10
N SER B 399 0.46 -26.27 12.85
CA SER B 399 1.28 -25.10 12.60
C SER B 399 1.81 -24.99 11.16
N ASP B 400 1.95 -26.12 10.48
CA ASP B 400 2.40 -26.11 9.10
C ASP B 400 1.39 -25.35 8.22
N ARG B 401 0.19 -25.16 8.74
CA ARG B 401 -0.87 -24.43 8.02
C ARG B 401 -1.05 -23.06 8.68
N VAL B 402 -1.34 -23.08 9.97
CA VAL B 402 -1.57 -21.84 10.70
C VAL B 402 -0.35 -20.91 10.73
N ALA B 403 0.79 -21.40 10.25
CA ALA B 403 1.99 -20.58 10.23
C ALA B 403 1.78 -19.50 9.17
N LYS B 404 1.16 -19.90 8.06
CA LYS B 404 0.88 -18.97 6.99
C LYS B 404 -0.07 -17.87 7.46
N TYR B 405 -1.13 -18.27 8.16
CA TYR B 405 -2.11 -17.32 8.66
C TYR B 405 -1.49 -16.34 9.66
N ASN B 406 -0.71 -16.87 10.62
CA ASN B 406 -0.08 -16.00 11.60
C ASN B 406 0.81 -14.96 10.91
N GLN B 407 1.44 -15.36 9.82
CA GLN B 407 2.28 -14.45 9.07
C GLN B 407 1.39 -13.42 8.37
N LEU B 408 0.23 -13.87 7.92
CA LEU B 408 -0.72 -12.98 7.26
C LEU B 408 -1.17 -11.92 8.25
N ILE B 409 -1.40 -12.33 9.49
CA ILE B 409 -1.80 -11.42 10.54
C ILE B 409 -0.70 -10.41 10.80
N ARG B 410 0.53 -10.88 10.91
CA ARG B 410 1.67 -9.99 11.16
C ARG B 410 1.80 -8.95 10.06
N ILE B 411 1.56 -9.36 8.83
CA ILE B 411 1.66 -8.48 7.68
C ILE B 411 0.56 -7.41 7.67
N GLU B 412 -0.68 -7.86 7.81
CA GLU B 412 -1.82 -6.93 7.81
C GLU B 412 -1.68 -5.93 8.96
N GLU B 413 -0.92 -6.31 9.97
CA GLU B 413 -0.70 -5.46 11.14
C GLU B 413 0.35 -4.42 10.84
N ALA B 414 1.13 -4.64 9.78
CA ALA B 414 2.19 -3.71 9.41
C ALA B 414 1.75 -2.79 8.28
N LEU B 415 1.04 -3.33 7.30
CA LEU B 415 0.57 -2.55 6.17
C LEU B 415 -0.72 -1.79 6.48
N GLY B 416 -1.54 -2.37 7.37
CA GLY B 416 -2.78 -1.72 7.74
C GLY B 416 -3.75 -1.60 6.58
N GLU B 417 -4.10 -0.38 6.21
CA GLU B 417 -5.03 -0.14 5.11
C GLU B 417 -4.35 -0.33 3.75
N LYS B 418 -3.03 -0.35 3.76
CA LYS B 418 -2.28 -0.52 2.51
C LYS B 418 -2.59 -1.89 1.90
N ALA B 419 -2.91 -2.85 2.75
CA ALA B 419 -3.24 -4.19 2.30
C ALA B 419 -4.73 -4.47 2.54
N PRO B 420 -5.57 -4.08 1.58
CA PRO B 420 -7.02 -4.28 1.68
C PRO B 420 -7.46 -5.74 1.55
N TYR B 421 -8.63 -6.03 2.09
CA TYR B 421 -9.20 -7.38 2.03
C TYR B 421 -10.48 -7.33 1.19
N ASN B 422 -10.32 -7.23 -0.13
CA ASN B 422 -11.42 -7.16 -1.06
C ASN B 422 -12.60 -8.08 -0.72
N GLY B 423 -12.31 -9.23 -0.13
CA GLY B 423 -13.37 -10.15 0.23
C GLY B 423 -13.84 -11.02 -0.92
N ARG B 424 -15.14 -11.26 -0.99
CA ARG B 424 -15.71 -12.09 -2.06
C ARG B 424 -15.45 -11.53 -3.45
N LYS B 425 -14.98 -10.28 -3.52
CA LYS B 425 -14.70 -9.64 -4.80
C LYS B 425 -13.52 -10.30 -5.51
N GLU B 426 -12.60 -10.87 -4.74
CA GLU B 426 -11.42 -11.53 -5.28
C GLU B 426 -11.80 -12.76 -6.10
N ILE B 427 -12.77 -13.52 -5.61
CA ILE B 427 -13.23 -14.73 -6.28
C ILE B 427 -13.68 -14.43 -7.70
N LYS B 428 -13.04 -15.06 -8.68
CA LYS B 428 -13.37 -14.88 -10.08
C LYS B 428 -14.79 -15.33 -10.39
N GLY B 429 -15.63 -14.39 -10.79
CA GLY B 429 -17.02 -14.73 -11.11
C GLY B 429 -18.01 -14.06 -10.16
N GLN B 430 -17.68 -12.86 -9.71
CA GLN B 430 -18.55 -12.12 -8.80
C GLN B 430 -18.84 -10.72 -9.34
N SER C 1 -3.34 59.12 -16.03
CA SER C 1 -2.96 58.60 -14.67
C SER C 1 -4.06 58.89 -13.66
N LYS C 2 -5.16 59.46 -14.12
CA LYS C 2 -6.29 59.78 -13.25
C LYS C 2 -7.31 58.66 -13.25
N ILE C 3 -7.62 58.13 -12.08
CA ILE C 3 -8.59 57.03 -11.97
C ILE C 3 -9.97 57.53 -12.39
N VAL C 4 -10.70 56.72 -13.15
CA VAL C 4 -12.02 57.09 -13.60
C VAL C 4 -13.04 56.01 -13.28
N LYS C 5 -12.56 54.82 -12.93
CA LYS C 5 -13.44 53.71 -12.61
C LYS C 5 -12.71 52.55 -11.93
N ILE C 6 -13.36 51.96 -10.93
CA ILE C 6 -12.80 50.81 -10.23
C ILE C 6 -13.89 49.75 -10.10
N ILE C 7 -13.61 48.55 -10.58
CA ILE C 7 -14.58 47.47 -10.53
C ILE C 7 -14.06 46.28 -9.73
N GLY C 8 -14.88 45.82 -8.79
CA GLY C 8 -14.51 44.69 -7.96
C GLY C 8 -15.41 43.50 -8.28
N ARG C 9 -14.88 42.28 -8.13
CA ARG C 9 -15.66 41.10 -8.42
C ARG C 9 -15.16 39.90 -7.63
N GLU C 10 -16.05 38.92 -7.45
CA GLU C 10 -15.72 37.71 -6.71
C GLU C 10 -15.33 36.60 -7.68
N ILE C 11 -14.11 36.10 -7.53
CA ILE C 11 -13.63 35.02 -8.39
C ILE C 11 -13.16 33.86 -7.53
N ILE C 12 -12.75 32.77 -8.16
CA ILE C 12 -12.31 31.58 -7.47
C ILE C 12 -10.79 31.42 -7.50
N ASP C 13 -10.21 30.98 -6.37
CA ASP C 13 -8.77 30.78 -6.31
C ASP C 13 -8.40 29.36 -6.69
N SER C 14 -7.12 29.02 -6.52
CA SER C 14 -6.60 27.70 -6.85
C SER C 14 -7.19 26.54 -6.05
N ARG C 15 -7.66 26.84 -4.84
CA ARG C 15 -8.23 25.79 -3.99
C ARG C 15 -9.75 25.70 -4.09
N GLY C 16 -10.35 26.57 -4.89
CA GLY C 16 -11.78 26.57 -5.06
C GLY C 16 -12.50 27.56 -4.17
N ASN C 17 -11.73 28.36 -3.44
CA ASN C 17 -12.31 29.35 -2.52
C ASN C 17 -12.37 30.72 -3.17
N PRO C 18 -13.46 31.46 -2.95
CA PRO C 18 -13.64 32.79 -3.51
C PRO C 18 -12.55 33.76 -3.08
N THR C 19 -12.31 34.77 -3.90
CA THR C 19 -11.30 35.79 -3.60
C THR C 19 -11.66 37.06 -4.37
N VAL C 20 -11.06 38.17 -3.97
CA VAL C 20 -11.31 39.46 -4.59
C VAL C 20 -10.39 39.77 -5.78
N GLU C 21 -10.99 40.36 -6.82
CA GLU C 21 -10.27 40.79 -7.99
C GLU C 21 -10.72 42.21 -8.30
N ALA C 22 -9.76 43.13 -8.42
CA ALA C 22 -10.08 44.51 -8.71
C ALA C 22 -9.65 44.95 -10.11
N GLU C 23 -10.34 45.97 -10.64
CA GLU C 23 -10.06 46.53 -11.93
C GLU C 23 -9.95 48.03 -11.77
N VAL C 24 -8.82 48.60 -12.18
CA VAL C 24 -8.63 50.05 -12.08
C VAL C 24 -8.44 50.65 -13.47
N HIS C 25 -9.39 51.51 -13.87
CA HIS C 25 -9.32 52.14 -15.18
C HIS C 25 -8.97 53.61 -15.05
N LEU C 26 -8.00 54.04 -15.84
CA LEU C 26 -7.54 55.43 -15.84
C LEU C 26 -7.98 56.13 -17.13
N GLU C 27 -7.69 57.42 -17.22
CA GLU C 27 -8.04 58.16 -18.42
C GLU C 27 -7.04 57.85 -19.51
N GLY C 28 -7.54 57.36 -20.64
CA GLY C 28 -6.66 57.01 -21.75
C GLY C 28 -6.84 55.55 -22.13
N GLY C 29 -7.73 54.87 -21.40
CA GLY C 29 -7.98 53.46 -21.67
C GLY C 29 -7.08 52.54 -20.88
N PHE C 30 -6.19 53.11 -20.09
CA PHE C 30 -5.27 52.33 -19.28
C PHE C 30 -6.03 51.56 -18.21
N VAL C 31 -5.77 50.26 -18.13
CA VAL C 31 -6.45 49.42 -17.14
C VAL C 31 -5.50 48.48 -16.42
N GLY C 32 -5.78 48.24 -15.15
CA GLY C 32 -4.97 47.35 -14.34
C GLY C 32 -5.88 46.37 -13.62
N MET C 33 -5.53 45.10 -13.63
CA MET C 33 -6.33 44.09 -12.98
C MET C 33 -5.47 43.12 -12.17
N ALA C 34 -5.88 42.88 -10.93
CA ALA C 34 -5.16 42.00 -10.04
C ALA C 34 -6.11 41.36 -9.02
N ALA C 35 -5.75 40.15 -8.56
CA ALA C 35 -6.55 39.43 -7.59
C ALA C 35 -5.71 39.19 -6.37
N ALA C 36 -6.36 39.08 -5.22
CA ALA C 36 -5.65 38.84 -3.96
C ALA C 36 -5.61 37.36 -3.63
N PRO C 37 -4.48 36.88 -3.10
CA PRO C 37 -4.35 35.46 -2.74
C PRO C 37 -5.09 35.19 -1.42
N SER C 38 -5.31 33.93 -1.10
CA SER C 38 -5.99 33.56 0.15
C SER C 38 -5.22 34.13 1.32
N GLY C 39 -5.91 34.36 2.43
CA GLY C 39 -5.26 34.89 3.62
C GLY C 39 -5.78 34.28 4.90
N ALA C 40 -6.15 35.12 5.86
CA ALA C 40 -6.68 34.66 7.14
C ALA C 40 -7.88 35.50 7.57
N SER C 41 -9.04 34.87 7.67
CA SER C 41 -10.26 35.56 8.06
C SER C 41 -10.10 36.25 9.41
N THR C 42 -9.63 35.51 10.41
CA THR C 42 -9.42 36.06 11.75
C THR C 42 -7.95 36.13 12.08
N GLY C 43 -7.61 36.96 13.06
CA GLY C 43 -6.23 37.10 13.46
C GLY C 43 -6.02 38.18 14.50
N SER C 44 -4.84 38.20 15.11
CA SER C 44 -4.51 39.19 16.14
C SER C 44 -3.28 40.00 15.74
N ARG C 45 -2.42 39.39 14.93
CA ARG C 45 -1.20 40.05 14.47
C ARG C 45 -0.98 39.82 12.98
N GLU C 46 -2.01 40.11 12.19
CA GLU C 46 -1.94 39.95 10.74
C GLU C 46 -3.17 40.59 10.10
N ALA C 47 -3.01 41.09 8.88
CA ALA C 47 -4.11 41.74 8.17
C ALA C 47 -5.21 40.72 7.92
N LEU C 48 -6.41 41.01 8.43
CA LEU C 48 -7.55 40.13 8.28
C LEU C 48 -8.27 40.23 6.94
N GLU C 49 -8.49 39.08 6.31
CA GLU C 49 -9.20 39.05 5.04
C GLU C 49 -10.68 38.95 5.38
N LEU C 50 -11.51 39.69 4.67
CA LEU C 50 -12.94 39.70 4.95
C LEU C 50 -13.71 38.58 4.25
N ARG C 51 -14.37 37.75 5.04
CA ARG C 51 -15.18 36.64 4.53
C ARG C 51 -16.63 36.93 4.91
N ASP C 52 -17.57 36.40 4.12
CA ASP C 52 -18.98 36.65 4.39
C ASP C 52 -19.49 35.86 5.60
N GLY C 53 -19.21 34.57 5.63
CA GLY C 53 -19.65 33.74 6.74
C GLY C 53 -20.95 33.00 6.46
N ASP C 54 -21.63 33.39 5.38
CA ASP C 54 -22.89 32.74 5.01
C ASP C 54 -22.64 31.27 4.71
N LYS C 55 -23.15 30.39 5.58
CA LYS C 55 -22.96 28.96 5.40
C LYS C 55 -23.67 28.40 4.17
N SER C 56 -24.49 29.22 3.53
CA SER C 56 -25.21 28.77 2.34
C SER C 56 -24.43 29.06 1.03
N ARG C 57 -23.52 30.02 1.08
CA ARG C 57 -22.72 30.38 -0.07
C ARG C 57 -21.24 30.08 0.15
N PHE C 58 -20.70 29.18 -0.68
CA PHE C 58 -19.30 28.82 -0.59
C PHE C 58 -18.90 28.38 0.81
N LEU C 59 -19.86 27.83 1.54
CA LEU C 59 -19.62 27.36 2.91
C LEU C 59 -19.08 28.46 3.80
N GLY C 60 -19.56 29.67 3.59
CA GLY C 60 -19.12 30.80 4.40
C GLY C 60 -17.83 31.44 3.97
N LYS C 61 -17.34 31.09 2.78
CA LYS C 61 -16.09 31.65 2.27
C LYS C 61 -16.33 32.78 1.26
N GLY C 62 -17.59 33.19 1.12
CA GLY C 62 -17.91 34.25 0.20
C GLY C 62 -17.18 35.53 0.54
N VAL C 63 -17.02 36.41 -0.45
CA VAL C 63 -16.32 37.68 -0.22
C VAL C 63 -17.08 38.87 -0.81
N THR C 64 -18.41 38.76 -0.86
CA THR C 64 -19.23 39.84 -1.39
C THR C 64 -19.03 41.14 -0.62
N LYS C 65 -18.77 41.03 0.67
CA LYS C 65 -18.56 42.21 1.51
C LYS C 65 -17.28 42.93 1.11
N ALA C 66 -16.23 42.15 0.89
CA ALA C 66 -14.95 42.74 0.48
C ALA C 66 -15.13 43.32 -0.94
N VAL C 67 -15.78 42.57 -1.81
CA VAL C 67 -16.03 43.01 -3.16
C VAL C 67 -16.86 44.28 -3.16
N ALA C 68 -17.86 44.33 -2.28
CA ALA C 68 -18.72 45.51 -2.18
C ALA C 68 -17.91 46.71 -1.77
N ALA C 69 -16.97 46.51 -0.84
CA ALA C 69 -16.12 47.59 -0.35
C ALA C 69 -15.34 48.22 -1.52
N VAL C 70 -14.87 47.36 -2.43
CA VAL C 70 -14.13 47.82 -3.58
C VAL C 70 -14.99 48.64 -4.54
N ASN C 71 -16.19 48.15 -4.83
CA ASN C 71 -17.11 48.84 -5.74
C ASN C 71 -17.75 50.09 -5.15
N GLY C 72 -17.95 50.11 -3.84
CA GLY C 72 -18.57 51.25 -3.20
C GLY C 72 -17.64 52.30 -2.65
N PRO C 73 -17.43 52.34 -1.33
CA PRO C 73 -16.56 53.32 -0.65
C PRO C 73 -15.15 53.49 -1.19
N ILE C 74 -14.43 52.38 -1.39
CA ILE C 74 -13.06 52.47 -1.90
C ILE C 74 -13.00 53.11 -3.28
N ALA C 75 -13.91 52.72 -4.16
CA ALA C 75 -13.95 53.27 -5.51
C ALA C 75 -14.24 54.78 -5.49
N GLN C 76 -15.33 55.16 -4.84
CA GLN C 76 -15.73 56.56 -4.76
C GLN C 76 -14.65 57.43 -4.13
N ALA C 77 -13.86 56.83 -3.23
CA ALA C 77 -12.80 57.57 -2.55
C ALA C 77 -11.50 57.66 -3.36
N LEU C 78 -11.43 56.92 -4.47
CA LEU C 78 -10.25 56.92 -5.30
C LEU C 78 -10.48 57.50 -6.70
N ILE C 79 -11.75 57.64 -7.10
CA ILE C 79 -12.07 58.19 -8.40
C ILE C 79 -11.52 59.60 -8.56
N GLY C 80 -10.81 59.84 -9.66
CA GLY C 80 -10.24 61.14 -9.92
C GLY C 80 -8.85 61.33 -9.37
N LYS C 81 -8.40 60.38 -8.55
CA LYS C 81 -7.06 60.47 -7.96
C LYS C 81 -6.00 59.96 -8.94
N ASP C 82 -4.75 60.36 -8.72
CA ASP C 82 -3.65 59.96 -9.58
C ASP C 82 -3.10 58.60 -9.20
N ALA C 83 -3.27 57.63 -10.08
CA ALA C 83 -2.82 56.26 -9.86
C ALA C 83 -1.31 56.12 -9.75
N LYS C 84 -0.56 57.08 -10.28
CA LYS C 84 0.90 57.00 -10.24
C LYS C 84 1.45 57.19 -8.82
N ASP C 85 0.63 57.74 -7.94
CA ASP C 85 1.05 57.96 -6.56
C ASP C 85 0.55 56.82 -5.67
N GLN C 86 1.20 55.67 -5.82
CA GLN C 86 0.85 54.45 -5.07
C GLN C 86 0.69 54.72 -3.57
N ALA C 87 1.65 55.40 -2.99
CA ALA C 87 1.61 55.72 -1.56
C ALA C 87 0.34 56.46 -1.18
N GLY C 88 -0.02 57.45 -1.99
CA GLY C 88 -1.22 58.22 -1.70
C GLY C 88 -2.48 57.37 -1.85
N ILE C 89 -2.52 56.56 -2.89
CA ILE C 89 -3.67 55.70 -3.14
C ILE C 89 -3.91 54.74 -1.98
N ASP C 90 -2.87 54.04 -1.55
CA ASP C 90 -3.00 53.10 -0.44
C ASP C 90 -3.36 53.82 0.84
N LYS C 91 -2.79 55.01 1.04
CA LYS C 91 -3.06 55.79 2.24
C LYS C 91 -4.56 56.10 2.34
N ILE C 92 -5.16 56.52 1.24
CA ILE C 92 -6.57 56.83 1.21
C ILE C 92 -7.40 55.61 1.64
N MET C 93 -7.03 54.44 1.13
CA MET C 93 -7.74 53.21 1.49
C MET C 93 -7.50 52.81 2.95
N ILE C 94 -6.25 52.90 3.38
CA ILE C 94 -5.90 52.55 4.74
C ILE C 94 -6.61 53.44 5.74
N ASP C 95 -6.59 54.74 5.51
CA ASP C 95 -7.24 55.68 6.40
C ASP C 95 -8.75 55.49 6.38
N LEU C 96 -9.30 55.22 5.20
CA LEU C 96 -10.73 55.02 5.04
C LEU C 96 -11.17 53.79 5.83
N ASP C 97 -10.44 52.69 5.67
CA ASP C 97 -10.76 51.45 6.38
C ASP C 97 -10.88 51.74 7.87
N GLY C 98 -10.00 52.60 8.37
CA GLY C 98 -10.04 52.98 9.77
C GLY C 98 -9.35 52.06 10.76
N THR C 99 -9.39 50.75 10.51
CA THR C 99 -8.77 49.80 11.43
C THR C 99 -7.29 49.63 11.14
N GLU C 100 -6.60 48.94 12.04
CA GLU C 100 -5.16 48.69 11.91
C GLU C 100 -4.89 47.40 11.18
N ASN C 101 -5.86 46.48 11.22
CA ASN C 101 -5.72 45.20 10.56
C ASN C 101 -6.60 45.14 9.30
N LYS C 102 -7.07 46.31 8.88
CA LYS C 102 -7.93 46.41 7.69
C LYS C 102 -9.09 45.44 7.79
N SER C 103 -9.75 45.44 8.94
CA SER C 103 -10.88 44.54 9.17
C SER C 103 -12.21 45.08 8.67
N LYS C 104 -12.28 46.39 8.41
CA LYS C 104 -13.52 46.99 7.93
C LYS C 104 -13.80 46.56 6.49
N PHE C 105 -12.92 46.95 5.57
CA PHE C 105 -13.08 46.59 4.17
C PHE C 105 -12.49 45.22 3.88
N GLY C 106 -11.41 44.89 4.59
CA GLY C 106 -10.75 43.62 4.38
C GLY C 106 -9.43 43.80 3.63
N ALA C 107 -8.39 43.13 4.11
CA ALA C 107 -7.08 43.22 3.49
C ALA C 107 -7.13 42.74 2.05
N ASN C 108 -8.04 41.80 1.79
CA ASN C 108 -8.22 41.24 0.47
C ASN C 108 -8.83 42.26 -0.50
N ALA C 109 -9.57 43.22 0.05
CA ALA C 109 -10.19 44.24 -0.77
C ALA C 109 -9.22 45.36 -1.08
N ILE C 110 -8.47 45.77 -0.05
CA ILE C 110 -7.51 46.85 -0.20
C ILE C 110 -6.31 46.41 -1.05
N LEU C 111 -5.89 45.16 -0.87
CA LEU C 111 -4.77 44.61 -1.59
C LEU C 111 -5.07 44.50 -3.07
N ALA C 112 -6.26 43.98 -3.41
CA ALA C 112 -6.66 43.81 -4.80
C ALA C 112 -6.61 45.15 -5.54
N VAL C 113 -7.14 46.19 -4.92
CA VAL C 113 -7.14 47.51 -5.52
C VAL C 113 -5.72 48.07 -5.60
N SER C 114 -4.95 47.86 -4.54
CA SER C 114 -3.57 48.34 -4.49
C SER C 114 -2.76 47.82 -5.66
N LEU C 115 -2.86 46.52 -5.90
CA LEU C 115 -2.13 45.90 -7.00
C LEU C 115 -2.70 46.31 -8.37
N ALA C 116 -4.03 46.33 -8.47
CA ALA C 116 -4.68 46.71 -9.71
C ALA C 116 -4.28 48.13 -10.09
N ASN C 117 -4.16 48.98 -9.09
CA ASN C 117 -3.76 50.36 -9.29
C ASN C 117 -2.34 50.40 -9.85
N ALA C 118 -1.43 49.67 -9.21
CA ALA C 118 -0.04 49.63 -9.63
C ALA C 118 0.09 49.27 -11.11
N LYS C 119 -0.59 48.21 -11.53
CA LYS C 119 -0.55 47.76 -12.91
C LYS C 119 -1.12 48.84 -13.84
N ALA C 120 -2.17 49.52 -13.39
CA ALA C 120 -2.78 50.57 -14.20
C ALA C 120 -1.78 51.70 -14.46
N ALA C 121 -1.15 52.16 -13.37
CA ALA C 121 -0.17 53.23 -13.45
C ALA C 121 0.97 52.83 -14.40
N ALA C 122 1.40 51.57 -14.30
CA ALA C 122 2.47 51.08 -15.15
C ALA C 122 2.09 51.21 -16.62
N ALA C 123 0.90 50.73 -16.96
CA ALA C 123 0.40 50.81 -18.31
C ALA C 123 0.35 52.26 -18.77
N ALA C 124 -0.13 53.14 -17.91
CA ALA C 124 -0.25 54.55 -18.22
C ALA C 124 1.14 55.13 -18.54
N LYS C 125 2.18 54.59 -17.92
CA LYS C 125 3.53 55.07 -18.15
C LYS C 125 4.22 54.27 -19.25
N GLY C 126 3.42 53.50 -19.99
CA GLY C 126 3.95 52.69 -21.07
C GLY C 126 5.14 51.83 -20.69
N MET C 127 5.10 51.24 -19.50
CA MET C 127 6.18 50.40 -19.03
C MET C 127 5.67 49.18 -18.24
N PRO C 128 6.43 48.09 -18.22
CA PRO C 128 6.04 46.88 -17.50
C PRO C 128 5.85 47.16 -16.02
N LEU C 129 5.04 46.34 -15.35
CA LEU C 129 4.78 46.50 -13.93
C LEU C 129 6.06 46.48 -13.11
N TYR C 130 6.95 45.52 -13.41
CA TYR C 130 8.20 45.41 -12.65
C TYR C 130 9.07 46.65 -12.76
N GLU C 131 8.96 47.35 -13.89
CA GLU C 131 9.75 48.56 -14.09
C GLU C 131 9.16 49.67 -13.23
N HIS C 132 7.83 49.74 -13.20
CA HIS C 132 7.13 50.73 -12.40
C HIS C 132 7.39 50.52 -10.93
N ILE C 133 7.37 49.25 -10.51
CA ILE C 133 7.62 48.92 -9.11
C ILE C 133 8.99 49.42 -8.69
N ALA C 134 9.98 49.23 -9.56
CA ALA C 134 11.34 49.66 -9.28
C ALA C 134 11.39 51.19 -9.05
N GLU C 135 10.64 51.94 -9.85
CA GLU C 135 10.61 53.37 -9.69
C GLU C 135 9.98 53.76 -8.36
N LEU C 136 8.87 53.12 -8.03
CA LEU C 136 8.18 53.38 -6.78
C LEU C 136 9.08 53.06 -5.60
N ASN C 137 9.93 52.04 -5.76
CA ASN C 137 10.84 51.61 -4.71
C ASN C 137 12.01 52.59 -4.60
N GLY C 138 12.07 53.55 -5.50
CA GLY C 138 13.13 54.54 -5.48
C GLY C 138 14.46 53.99 -5.97
N THR C 139 14.39 52.88 -6.71
CA THR C 139 15.58 52.24 -7.26
C THR C 139 15.33 51.82 -8.70
N PRO C 140 15.06 52.79 -9.58
CA PRO C 140 14.80 52.51 -11.00
C PRO C 140 16.00 51.88 -11.72
N GLY C 141 15.71 50.98 -12.66
CA GLY C 141 16.76 50.32 -13.42
C GLY C 141 17.38 49.15 -12.68
N LYS C 142 17.27 49.15 -11.37
CA LYS C 142 17.84 48.08 -10.54
C LYS C 142 16.91 46.87 -10.51
N TYR C 143 17.26 45.85 -11.29
CA TYR C 143 16.46 44.63 -11.37
C TYR C 143 17.29 43.40 -10.97
N SER C 144 16.60 42.29 -10.76
CA SER C 144 17.25 41.03 -10.39
C SER C 144 16.25 39.87 -10.36
N MET C 145 16.64 38.75 -10.96
CA MET C 145 15.79 37.57 -10.99
C MET C 145 16.01 36.83 -9.67
N PRO C 146 14.92 36.53 -8.95
CA PRO C 146 15.00 35.83 -7.67
C PRO C 146 15.36 34.34 -7.79
N VAL C 147 16.04 33.82 -6.77
CA VAL C 147 16.43 32.43 -6.72
C VAL C 147 15.27 31.68 -6.08
N PRO C 148 14.50 30.94 -6.88
CA PRO C 148 13.35 30.17 -6.42
C PRO C 148 13.59 28.97 -5.52
N MET C 149 12.84 28.89 -4.43
CA MET C 149 12.93 27.79 -3.50
C MET C 149 11.59 27.06 -3.60
N MET C 150 11.41 26.36 -4.72
CA MET C 150 10.19 25.63 -5.00
C MET C 150 9.97 24.34 -4.20
N ASN C 151 8.83 24.28 -3.52
CA ASN C 151 8.46 23.11 -2.72
C ASN C 151 8.46 21.86 -3.57
N ILE C 152 8.63 20.70 -2.94
CA ILE C 152 8.66 19.44 -3.67
C ILE C 152 8.06 18.32 -2.83
N ILE C 153 8.24 18.41 -1.52
CA ILE C 153 7.71 17.40 -0.59
C ILE C 153 6.92 18.08 0.51
N ASN C 154 5.70 17.62 0.73
CA ASN C 154 4.84 18.19 1.77
C ASN C 154 4.67 17.23 2.95
N GLY C 155 4.51 17.80 4.13
CA GLY C 155 4.35 16.98 5.33
C GLY C 155 3.72 17.76 6.46
N GLY C 156 3.91 17.29 7.68
CA GLY C 156 3.35 17.96 8.83
C GLY C 156 1.84 18.09 8.76
N GLU C 157 1.33 19.30 8.98
CA GLU C 157 -0.10 19.55 8.93
C GLU C 157 -0.59 19.73 7.51
N HIS C 158 0.24 19.34 6.54
CA HIS C 158 -0.11 19.45 5.13
C HIS C 158 0.05 18.12 4.43
N ALA C 159 -0.02 17.04 5.21
CA ALA C 159 0.12 15.69 4.69
C ALA C 159 -0.06 14.69 5.84
N ASP C 160 -0.90 13.69 5.62
CA ASP C 160 -1.16 12.68 6.66
C ASP C 160 0.08 11.81 6.87
N ASN C 161 1.13 12.07 6.10
CA ASN C 161 2.37 11.30 6.21
C ASN C 161 2.93 11.41 7.63
N ASN C 162 3.93 10.58 7.91
CA ASN C 162 4.55 10.58 9.23
C ASN C 162 5.73 11.56 9.26
N VAL C 163 5.54 12.70 8.59
CA VAL C 163 6.57 13.73 8.53
C VAL C 163 6.12 14.96 9.30
N ASP C 164 7.06 15.65 9.93
CA ASP C 164 6.75 16.84 10.70
C ASP C 164 6.89 18.12 9.89
N ILE C 165 7.93 18.16 9.05
CA ILE C 165 8.18 19.33 8.21
C ILE C 165 7.00 19.60 7.28
N GLN C 166 6.55 20.86 7.24
CA GLN C 166 5.44 21.22 6.38
C GLN C 166 5.77 21.08 4.91
N GLU C 167 7.01 21.41 4.55
CA GLU C 167 7.41 21.31 3.15
C GLU C 167 8.93 21.35 2.96
N PHE C 168 9.39 20.71 1.88
CA PHE C 168 10.79 20.66 1.53
C PHE C 168 10.94 21.28 0.15
N MET C 169 11.88 22.20 0.01
CA MET C 169 12.08 22.90 -1.26
C MET C 169 13.48 22.73 -1.83
N ILE C 170 13.59 22.89 -3.13
CA ILE C 170 14.87 22.80 -3.83
C ILE C 170 15.21 24.15 -4.46
N GLN C 171 16.45 24.59 -4.28
CA GLN C 171 16.88 25.88 -4.82
C GLN C 171 17.92 25.72 -5.92
N PRO C 172 17.52 25.95 -7.18
CA PRO C 172 18.41 25.83 -8.34
C PRO C 172 19.52 26.88 -8.34
N VAL C 173 20.34 26.86 -7.30
CA VAL C 173 21.45 27.80 -7.17
C VAL C 173 22.48 27.67 -8.29
N GLY C 174 22.78 26.45 -8.68
CA GLY C 174 23.74 26.22 -9.74
C GLY C 174 23.36 26.85 -11.07
N ALA C 175 22.11 27.29 -11.19
CA ALA C 175 21.63 27.89 -12.43
C ALA C 175 22.33 29.22 -12.70
N LYS C 176 22.38 29.59 -13.98
CA LYS C 176 23.00 30.84 -14.39
C LYS C 176 21.93 31.89 -14.67
N THR C 177 20.71 31.41 -14.91
CA THR C 177 19.56 32.27 -15.19
C THR C 177 18.31 31.66 -14.58
N VAL C 178 17.28 32.48 -14.37
CA VAL C 178 16.04 31.98 -13.79
C VAL C 178 15.40 30.95 -14.73
N LYS C 179 15.54 31.16 -16.03
CA LYS C 179 14.99 30.24 -17.00
C LYS C 179 15.59 28.85 -16.82
N GLU C 180 16.92 28.80 -16.68
CA GLU C 180 17.61 27.55 -16.48
C GLU C 180 17.23 26.98 -15.12
N ALA C 181 17.12 27.85 -14.14
CA ALA C 181 16.76 27.45 -12.80
C ALA C 181 15.39 26.78 -12.79
N ILE C 182 14.51 27.26 -13.68
CA ILE C 182 13.17 26.69 -13.78
C ILE C 182 13.20 25.32 -14.45
N ARG C 183 14.08 25.16 -15.43
CA ARG C 183 14.23 23.89 -16.14
C ARG C 183 14.81 22.83 -15.18
N MET C 184 15.65 23.29 -14.26
CA MET C 184 16.27 22.42 -13.28
C MET C 184 15.22 21.81 -12.35
N GLY C 185 14.40 22.67 -11.76
CA GLY C 185 13.36 22.20 -10.85
C GLY C 185 12.39 21.27 -11.55
N SER C 186 12.03 21.62 -12.79
CA SER C 186 11.10 20.81 -13.57
C SER C 186 11.60 19.36 -13.65
N GLU C 187 12.83 19.21 -14.12
CA GLU C 187 13.45 17.89 -14.25
C GLU C 187 13.47 17.12 -12.93
N VAL C 188 13.87 17.79 -11.86
CA VAL C 188 13.91 17.15 -10.56
C VAL C 188 12.50 16.78 -10.14
N PHE C 189 11.55 17.65 -10.44
CA PHE C 189 10.15 17.43 -10.10
C PHE C 189 9.64 16.14 -10.77
N HIS C 190 9.99 15.96 -12.05
CA HIS C 190 9.58 14.79 -12.79
C HIS C 190 10.28 13.51 -12.32
N HIS C 191 11.56 13.63 -11.97
CA HIS C 191 12.30 12.47 -11.50
C HIS C 191 11.83 12.03 -10.13
N LEU C 192 11.48 12.99 -9.28
CA LEU C 192 10.99 12.67 -7.95
C LEU C 192 9.74 11.81 -8.10
N ALA C 193 9.07 11.96 -9.23
CA ALA C 193 7.87 11.19 -9.51
C ALA C 193 8.27 9.76 -9.84
N LYS C 194 9.36 9.61 -10.59
CA LYS C 194 9.85 8.29 -10.97
C LYS C 194 10.34 7.54 -9.73
N VAL C 195 10.80 8.31 -8.73
CA VAL C 195 11.30 7.73 -7.51
C VAL C 195 10.13 7.32 -6.62
N LEU C 196 9.16 8.21 -6.49
CA LEU C 196 7.98 7.94 -5.68
C LEU C 196 7.15 6.78 -6.24
N LYS C 197 7.18 6.62 -7.54
CA LYS C 197 6.44 5.53 -8.18
C LYS C 197 7.21 4.22 -8.04
N ALA C 198 8.53 4.33 -7.91
CA ALA C 198 9.38 3.16 -7.76
C ALA C 198 9.14 2.54 -6.40
N LYS C 199 8.28 3.16 -5.59
CA LYS C 199 7.94 2.67 -4.27
C LYS C 199 6.43 2.69 -4.07
N GLY C 200 5.70 2.78 -5.18
CA GLY C 200 4.26 2.81 -5.11
C GLY C 200 3.70 3.92 -4.23
N MET C 201 4.26 5.11 -4.35
CA MET C 201 3.80 6.25 -3.56
C MET C 201 2.98 7.20 -4.42
N ASN C 202 2.00 7.85 -3.80
CA ASN C 202 1.12 8.80 -4.50
C ASN C 202 1.92 9.84 -5.25
N THR C 203 1.51 10.10 -6.49
CA THR C 203 2.17 11.09 -7.33
C THR C 203 1.29 12.33 -7.46
N ALA C 204 0.10 12.27 -6.84
CA ALA C 204 -0.84 13.38 -6.87
C ALA C 204 -0.23 14.59 -6.18
N VAL C 205 -0.50 15.77 -6.72
CA VAL C 205 0.04 17.01 -6.17
C VAL C 205 -0.88 17.65 -5.12
N GLY C 206 -0.30 18.52 -4.31
CA GLY C 206 -1.05 19.22 -3.29
C GLY C 206 -1.27 20.66 -3.70
N ASP C 207 -1.80 21.48 -2.79
CA ASP C 207 -2.06 22.89 -3.07
C ASP C 207 -0.84 23.58 -3.67
N GLU C 208 0.33 23.27 -3.13
CA GLU C 208 1.59 23.84 -3.59
C GLU C 208 1.97 23.27 -4.94
N GLY C 209 1.33 22.16 -5.32
CA GLY C 209 1.62 21.53 -6.58
C GLY C 209 2.66 20.44 -6.41
N GLY C 210 3.09 20.24 -5.17
CA GLY C 210 4.08 19.22 -4.88
C GLY C 210 3.47 17.90 -4.42
N TYR C 211 4.31 16.92 -4.19
CA TYR C 211 3.85 15.60 -3.75
C TYR C 211 3.74 15.53 -2.23
N ALA C 212 2.85 14.67 -1.75
CA ALA C 212 2.65 14.49 -0.32
C ALA C 212 2.42 13.01 0.01
N PRO C 213 3.35 12.13 -0.39
CA PRO C 213 3.23 10.69 -0.13
C PRO C 213 3.53 10.35 1.33
N ASN C 214 2.71 9.46 1.90
CA ASN C 214 2.89 9.04 3.29
C ASN C 214 4.28 8.45 3.48
N LEU C 215 5.15 9.20 4.14
CA LEU C 215 6.52 8.76 4.39
C LEU C 215 6.68 8.31 5.83
N GLY C 216 7.72 7.51 6.09
CA GLY C 216 7.97 7.01 7.43
C GLY C 216 8.49 8.09 8.36
N SER C 217 9.61 8.71 7.99
CA SER C 217 10.20 9.75 8.81
C SER C 217 10.50 11.00 7.98
N ASN C 218 11.18 11.96 8.61
CA ASN C 218 11.56 13.20 7.94
C ASN C 218 12.80 13.00 7.10
N ALA C 219 13.66 12.09 7.55
CA ALA C 219 14.91 11.78 6.85
C ALA C 219 14.63 11.11 5.52
N GLU C 220 13.52 10.37 5.45
CA GLU C 220 13.15 9.67 4.23
C GLU C 220 12.78 10.66 3.13
N ALA C 221 11.98 11.67 3.48
CA ALA C 221 11.58 12.69 2.53
C ALA C 221 12.82 13.27 1.88
N LEU C 222 13.79 13.65 2.70
CA LEU C 222 15.04 14.22 2.23
C LEU C 222 15.76 13.23 1.32
N ALA C 223 15.59 11.94 1.60
CA ALA C 223 16.22 10.89 0.82
C ALA C 223 15.61 10.80 -0.57
N VAL C 224 14.29 10.91 -0.64
CA VAL C 224 13.58 10.83 -1.92
C VAL C 224 14.04 11.96 -2.82
N ILE C 225 14.13 13.17 -2.25
CA ILE C 225 14.55 14.36 -2.98
C ILE C 225 16.00 14.19 -3.43
N ALA C 226 16.84 13.73 -2.50
CA ALA C 226 18.25 13.52 -2.78
C ALA C 226 18.46 12.64 -4.01
N GLU C 227 17.71 11.54 -4.08
CA GLU C 227 17.81 10.62 -5.20
C GLU C 227 17.37 11.30 -6.50
N ALA C 228 16.22 11.98 -6.43
CA ALA C 228 15.67 12.67 -7.59
C ALA C 228 16.71 13.61 -8.21
N VAL C 229 17.36 14.42 -7.37
CA VAL C 229 18.36 15.36 -7.84
C VAL C 229 19.48 14.60 -8.57
N LYS C 230 19.98 13.55 -7.93
CA LYS C 230 21.04 12.74 -8.52
C LYS C 230 20.56 12.15 -9.84
N ALA C 231 19.35 11.58 -9.81
CA ALA C 231 18.76 10.96 -11.00
C ALA C 231 18.58 11.96 -12.14
N ALA C 232 18.32 13.22 -11.79
CA ALA C 232 18.14 14.26 -12.79
C ALA C 232 19.47 14.70 -13.40
N GLY C 233 20.56 14.20 -12.83
CA GLY C 233 21.88 14.56 -13.34
C GLY C 233 22.44 15.79 -12.69
N TYR C 234 21.99 16.07 -11.47
CA TYR C 234 22.47 17.24 -10.73
C TYR C 234 23.11 16.82 -9.42
N GLU C 235 24.04 17.62 -8.92
CA GLU C 235 24.73 17.31 -7.69
C GLU C 235 24.21 18.13 -6.51
N LEU C 236 23.68 17.43 -5.52
CA LEU C 236 23.12 18.07 -4.33
C LEU C 236 24.17 18.95 -3.65
N GLY C 237 23.75 20.16 -3.28
CA GLY C 237 24.66 21.08 -2.61
C GLY C 237 25.28 22.10 -3.55
N LYS C 238 25.88 21.64 -4.64
CA LYS C 238 26.50 22.53 -5.61
C LYS C 238 25.51 23.08 -6.63
N ASP C 239 24.69 22.20 -7.19
CA ASP C 239 23.71 22.60 -8.19
C ASP C 239 22.36 22.98 -7.57
N ILE C 240 21.87 22.15 -6.65
CA ILE C 240 20.61 22.41 -6.01
C ILE C 240 20.65 22.22 -4.50
N THR C 241 20.60 23.32 -3.76
CA THR C 241 20.62 23.26 -2.30
C THR C 241 19.19 23.03 -1.83
N LEU C 242 19.05 22.67 -0.56
CA LEU C 242 17.73 22.42 0.00
C LEU C 242 17.27 23.49 0.97
N ALA C 243 15.99 23.82 0.90
CA ALA C 243 15.38 24.80 1.77
C ALA C 243 14.17 24.13 2.41
N MET C 244 14.12 24.08 3.72
CA MET C 244 13.01 23.44 4.40
C MET C 244 12.09 24.44 5.09
N ASP C 245 10.99 23.93 5.63
CA ASP C 245 10.03 24.76 6.31
C ASP C 245 9.42 24.03 7.49
N CYS C 246 9.98 24.26 8.67
CA CYS C 246 9.53 23.60 9.89
C CYS C 246 8.10 23.97 10.28
N ALA C 247 7.83 25.28 10.37
CA ALA C 247 6.50 25.75 10.75
C ALA C 247 6.08 25.04 12.03
N ALA C 248 6.98 25.05 13.01
CA ALA C 248 6.74 24.41 14.30
C ALA C 248 5.70 25.13 15.15
N SER C 249 4.59 25.53 14.53
CA SER C 249 3.53 26.23 15.25
C SER C 249 2.65 25.23 15.98
N GLU C 250 2.67 23.98 15.52
CA GLU C 250 1.87 22.92 16.14
C GLU C 250 2.74 22.05 17.02
N ASP C 254 2.12 24.71 24.40
CA ASP C 254 1.84 23.54 25.21
C ASP C 254 3.08 23.08 25.98
N GLY C 255 4.11 23.91 25.98
CA GLY C 255 5.33 23.57 26.67
C GLY C 255 6.51 23.28 25.75
N LYS C 256 6.45 22.17 25.05
CA LYS C 256 7.52 21.78 24.14
C LYS C 256 6.97 21.45 22.76
N TYR C 257 7.84 20.98 21.87
CA TYR C 257 7.41 20.63 20.52
C TYR C 257 7.76 19.18 20.21
N VAL C 258 6.75 18.31 20.26
CA VAL C 258 6.93 16.89 19.99
C VAL C 258 7.09 16.61 18.50
N LEU C 259 7.81 15.54 18.19
CA LEU C 259 8.06 15.15 16.81
C LEU C 259 7.32 13.85 16.47
N ALA C 260 6.34 13.95 15.57
CA ALA C 260 5.56 12.78 15.17
C ALA C 260 6.43 11.79 14.39
N GLY C 261 7.66 12.18 14.09
CA GLY C 261 8.57 11.31 13.35
C GLY C 261 9.79 10.95 14.17
N GLU C 262 10.90 11.62 13.90
CA GLU C 262 12.16 11.37 14.60
C GLU C 262 12.07 11.80 16.06
N GLY C 263 12.04 10.82 16.96
CA GLY C 263 11.95 11.12 18.38
C GLY C 263 10.60 11.69 18.76
N ASN C 264 9.66 10.81 19.09
CA ASN C 264 8.31 11.22 19.48
C ASN C 264 8.27 11.86 20.85
N LYS C 265 9.44 12.22 21.37
CA LYS C 265 9.53 12.85 22.69
C LYS C 265 9.43 14.37 22.56
N ALA C 266 8.94 15.01 23.61
CA ALA C 266 8.78 16.46 23.62
C ALA C 266 10.13 17.17 23.75
N PHE C 267 10.68 17.60 22.61
CA PHE C 267 11.98 18.28 22.60
C PHE C 267 11.80 19.71 23.11
N THR C 268 12.66 20.11 24.05
CA THR C 268 12.60 21.45 24.60
C THR C 268 12.93 22.44 23.49
N SER C 269 12.68 23.73 23.74
CA SER C 269 12.95 24.76 22.75
C SER C 269 14.39 24.68 22.24
N GLU C 270 15.33 24.50 23.15
CA GLU C 270 16.74 24.40 22.81
C GLU C 270 17.11 23.06 22.18
N GLU C 271 16.25 22.05 22.40
CA GLU C 271 16.51 20.72 21.85
C GLU C 271 16.23 20.65 20.36
N PHE C 272 15.10 21.18 19.94
CA PHE C 272 14.73 21.16 18.52
C PHE C 272 15.68 21.99 17.66
N THR C 273 16.27 23.01 18.26
CA THR C 273 17.21 23.88 17.55
C THR C 273 18.41 23.07 17.07
N HIS C 274 19.12 22.46 18.01
CA HIS C 274 20.30 21.65 17.70
C HIS C 274 19.89 20.48 16.81
N PHE C 275 18.64 20.05 16.97
CA PHE C 275 18.11 18.94 16.17
C PHE C 275 18.22 19.30 14.69
N LEU C 276 17.78 20.51 14.35
CA LEU C 276 17.81 21.00 12.98
C LEU C 276 19.25 21.17 12.51
N GLU C 277 20.13 21.55 13.43
CA GLU C 277 21.53 21.76 13.11
C GLU C 277 22.18 20.48 12.58
N GLU C 278 21.60 19.33 12.94
CA GLU C 278 22.12 18.04 12.50
C GLU C 278 21.59 17.78 11.09
N LEU C 279 20.35 18.23 10.86
CA LEU C 279 19.71 18.06 9.56
C LEU C 279 20.46 18.88 8.52
N THR C 280 21.01 20.01 8.96
CA THR C 280 21.77 20.89 8.09
C THR C 280 23.15 20.33 7.81
N LYS C 281 23.63 19.48 8.72
CA LYS C 281 24.95 18.86 8.57
C LYS C 281 24.85 17.63 7.67
N GLN C 282 23.74 16.91 7.81
CA GLN C 282 23.50 15.70 7.02
C GLN C 282 23.11 16.05 5.59
N TYR C 283 22.27 17.06 5.44
CA TYR C 283 21.82 17.50 4.13
C TYR C 283 22.14 18.98 3.93
N PRO C 284 22.40 19.39 2.67
CA PRO C 284 22.73 20.78 2.35
C PRO C 284 21.55 21.74 2.48
N ILE C 285 20.90 21.72 3.65
CA ILE C 285 19.76 22.59 3.93
C ILE C 285 20.30 23.96 4.33
N VAL C 286 20.31 24.89 3.39
CA VAL C 286 20.82 26.23 3.64
C VAL C 286 19.74 27.25 4.06
N SER C 287 18.50 26.79 4.20
CA SER C 287 17.42 27.69 4.59
C SER C 287 16.38 27.01 5.46
N ILE C 288 16.07 27.63 6.59
CA ILE C 288 15.08 27.10 7.52
C ILE C 288 14.05 28.17 7.85
N GLU C 289 12.79 27.90 7.51
CA GLU C 289 11.71 28.84 7.76
C GLU C 289 10.99 28.47 9.05
N ASP C 290 10.82 29.45 9.93
CA ASP C 290 10.16 29.24 11.20
C ASP C 290 10.83 28.10 11.98
N GLY C 291 11.93 28.42 12.64
CA GLY C 291 12.65 27.41 13.41
C GLY C 291 11.85 26.88 14.58
N LEU C 292 10.79 27.60 14.94
CA LEU C 292 9.91 27.20 16.04
C LEU C 292 8.69 28.11 16.12
N ASP C 293 7.94 28.00 17.22
CA ASP C 293 6.75 28.82 17.39
C ASP C 293 7.12 30.30 17.45
N GLU C 294 6.36 31.12 16.73
CA GLU C 294 6.62 32.55 16.67
C GLU C 294 6.50 33.23 18.03
N SER C 295 5.90 32.53 19.00
CA SER C 295 5.73 33.10 20.34
C SER C 295 7.01 32.98 21.16
N ASP C 296 7.80 31.95 20.86
CA ASP C 296 9.05 31.73 21.59
C ASP C 296 10.22 32.52 21.00
N TRP C 297 10.29 33.80 21.32
CA TRP C 297 11.36 34.66 20.86
C TRP C 297 12.65 34.31 21.60
N ASP C 298 12.50 33.93 22.86
CA ASP C 298 13.65 33.56 23.69
C ASP C 298 14.43 32.45 22.99
N GLY C 299 13.71 31.55 22.33
CA GLY C 299 14.35 30.47 21.62
C GLY C 299 14.92 30.93 20.29
N PHE C 300 14.16 31.74 19.58
CA PHE C 300 14.59 32.26 18.27
C PHE C 300 15.92 32.99 18.39
N ALA C 301 16.07 33.78 19.44
CA ALA C 301 17.29 34.53 19.67
C ALA C 301 18.47 33.57 19.81
N TYR C 302 18.23 32.47 20.51
CA TYR C 302 19.25 31.45 20.73
C TYR C 302 19.36 30.55 19.50
N GLN C 303 18.27 30.47 18.75
CA GLN C 303 18.21 29.64 17.55
C GLN C 303 19.05 30.27 16.44
N THR C 304 19.09 31.60 16.41
CA THR C 304 19.85 32.33 15.40
C THR C 304 21.30 32.50 15.82
N LYS C 305 21.54 32.50 17.12
CA LYS C 305 22.89 32.66 17.66
C LYS C 305 23.75 31.42 17.41
N VAL C 306 23.15 30.39 16.82
CA VAL C 306 23.88 29.16 16.55
C VAL C 306 23.86 28.80 15.06
N LEU C 307 22.75 29.08 14.39
CA LEU C 307 22.60 28.76 12.97
C LEU C 307 22.65 30.00 12.09
N GLY C 308 22.05 31.08 12.57
CA GLY C 308 22.01 32.33 11.81
C GLY C 308 23.26 32.71 11.04
N ASP C 309 24.44 32.35 11.57
CA ASP C 309 25.69 32.69 10.93
C ASP C 309 26.06 31.85 9.71
N LYS C 310 25.36 30.74 9.51
CA LYS C 310 25.67 29.88 8.37
C LYS C 310 24.41 29.43 7.61
N ILE C 311 23.30 29.36 8.32
CA ILE C 311 22.03 28.96 7.71
C ILE C 311 21.07 30.14 7.70
N GLN C 312 20.21 30.20 6.67
CA GLN C 312 19.25 31.28 6.56
C GLN C 312 17.98 31.00 7.35
N LEU C 313 17.66 31.90 8.28
CA LEU C 313 16.47 31.75 9.11
C LEU C 313 15.39 32.73 8.64
N VAL C 314 14.35 32.19 8.01
CA VAL C 314 13.26 33.02 7.51
C VAL C 314 12.12 33.09 8.51
N GLY C 315 11.50 34.26 8.62
CA GLY C 315 10.40 34.43 9.54
C GLY C 315 9.09 34.67 8.82
N ASP C 316 8.27 33.63 8.71
CA ASP C 316 6.98 33.72 8.02
C ASP C 316 5.87 34.13 8.98
N ASP C 317 5.58 33.27 9.94
CA ASP C 317 4.52 33.54 10.92
C ASP C 317 5.07 34.43 12.05
N LEU C 318 6.38 34.54 12.13
CA LEU C 318 7.03 35.34 13.15
C LEU C 318 6.86 36.83 12.89
N PHE C 319 7.26 37.27 11.70
CA PHE C 319 7.15 38.69 11.34
C PHE C 319 5.86 39.03 10.60
N VAL C 320 5.20 37.99 10.06
CA VAL C 320 3.95 38.17 9.31
C VAL C 320 3.93 39.44 8.46
N THR C 321 4.99 39.63 7.68
CA THR C 321 5.13 40.77 6.80
C THR C 321 4.72 42.08 7.50
N ASN C 322 4.98 42.15 8.80
CA ASN C 322 4.63 43.33 9.58
C ASN C 322 5.90 44.01 10.11
N THR C 323 6.11 45.26 9.72
CA THR C 323 7.28 46.01 10.13
C THR C 323 7.39 46.14 11.65
N LYS C 324 6.25 46.29 12.33
CA LYS C 324 6.26 46.42 13.78
C LYS C 324 7.01 45.26 14.42
N ILE C 325 6.66 44.04 14.04
CA ILE C 325 7.30 42.86 14.59
C ILE C 325 8.71 42.66 14.03
N LEU C 326 8.88 42.92 12.74
CA LEU C 326 10.19 42.76 12.12
C LEU C 326 11.23 43.71 12.70
N LYS C 327 10.79 44.86 13.20
CA LYS C 327 11.72 45.84 13.77
C LYS C 327 12.22 45.31 15.11
N GLU C 328 11.29 44.97 16.00
CA GLU C 328 11.63 44.45 17.32
C GLU C 328 12.37 43.13 17.16
N GLY C 329 12.24 42.53 15.99
CA GLY C 329 12.89 41.26 15.72
C GLY C 329 14.32 41.44 15.25
N ILE C 330 14.57 42.52 14.51
CA ILE C 330 15.90 42.79 14.00
C ILE C 330 16.83 43.23 15.14
N GLU C 331 16.28 43.99 16.08
CA GLU C 331 17.06 44.47 17.20
C GLU C 331 17.35 43.35 18.21
N LYS C 332 16.35 42.53 18.48
CA LYS C 332 16.51 41.41 19.41
C LYS C 332 17.15 40.21 18.75
N GLY C 333 17.91 40.46 17.68
CA GLY C 333 18.59 39.38 16.97
C GLY C 333 17.74 38.15 16.72
N ILE C 334 16.51 38.36 16.24
CA ILE C 334 15.60 37.25 15.95
C ILE C 334 15.57 37.00 14.44
N ALA C 335 15.91 35.78 14.04
CA ALA C 335 15.93 35.40 12.64
C ALA C 335 16.87 36.33 11.87
N ASN C 336 16.91 36.18 10.54
CA ASN C 336 17.75 37.02 9.72
C ASN C 336 17.25 37.01 8.28
N SER C 337 15.97 36.72 8.14
CA SER C 337 15.32 36.69 6.82
C SER C 337 13.80 36.77 7.03
N ILE C 338 13.08 37.24 6.02
CA ILE C 338 11.63 37.36 6.15
C ILE C 338 10.88 36.93 4.89
N LEU C 339 9.70 36.36 5.09
CA LEU C 339 8.85 35.93 3.99
C LEU C 339 7.89 37.07 3.68
N ILE C 340 7.87 37.51 2.42
CA ILE C 340 7.00 38.62 2.03
C ILE C 340 5.68 38.21 1.36
N LYS C 341 4.58 38.50 2.05
CA LYS C 341 3.25 38.20 1.57
C LYS C 341 2.45 39.50 1.63
N PHE C 342 2.33 40.18 0.50
CA PHE C 342 1.60 41.45 0.48
C PHE C 342 0.16 41.37 0.97
N ASN C 343 -0.48 40.22 0.81
CA ASN C 343 -1.87 40.08 1.26
C ASN C 343 -1.89 40.00 2.78
N GLN C 344 -0.73 39.76 3.36
CA GLN C 344 -0.60 39.62 4.79
C GLN C 344 -0.48 41.01 5.43
N ILE C 345 -0.07 42.00 4.65
CA ILE C 345 0.07 43.36 5.16
C ILE C 345 -1.10 44.25 4.69
N GLY C 346 -1.56 44.04 3.48
CA GLY C 346 -2.69 44.84 3.01
C GLY C 346 -2.52 45.66 1.74
N SER C 347 -1.37 46.32 1.60
CA SER C 347 -1.13 47.16 0.42
C SER C 347 0.26 46.97 -0.16
N LEU C 348 0.48 47.53 -1.34
CA LEU C 348 1.77 47.45 -2.01
C LEU C 348 2.79 48.37 -1.34
N THR C 349 2.34 49.56 -0.98
CA THR C 349 3.23 50.52 -0.34
C THR C 349 3.81 49.95 0.95
N GLU C 350 2.95 49.31 1.74
CA GLU C 350 3.39 48.71 3.01
C GLU C 350 4.31 47.52 2.76
N THR C 351 4.12 46.83 1.64
CA THR C 351 4.95 45.67 1.30
C THR C 351 6.36 46.13 0.95
N LEU C 352 6.48 47.25 0.25
CA LEU C 352 7.78 47.79 -0.15
C LEU C 352 8.53 48.28 1.09
N ALA C 353 7.78 48.73 2.09
CA ALA C 353 8.36 49.23 3.33
C ALA C 353 8.92 48.07 4.15
N ALA C 354 8.30 46.91 4.06
CA ALA C 354 8.75 45.74 4.79
C ALA C 354 9.98 45.16 4.12
N ILE C 355 10.05 45.31 2.80
CA ILE C 355 11.18 44.81 2.02
C ILE C 355 12.37 45.73 2.21
N LYS C 356 12.09 47.02 2.40
CA LYS C 356 13.15 48.01 2.58
C LYS C 356 13.77 47.83 3.97
N MET C 357 12.96 47.45 4.95
CA MET C 357 13.43 47.28 6.31
C MET C 357 14.38 46.08 6.43
N ALA C 358 13.99 44.95 5.82
CA ALA C 358 14.81 43.75 5.87
C ALA C 358 16.14 44.00 5.19
N LYS C 359 16.09 44.56 3.98
CA LYS C 359 17.28 44.85 3.21
C LYS C 359 18.23 45.76 3.98
N ASP C 360 17.70 46.78 4.64
CA ASP C 360 18.54 47.69 5.40
C ASP C 360 19.27 46.98 6.55
N ALA C 361 18.56 46.13 7.27
CA ALA C 361 19.14 45.40 8.39
C ALA C 361 19.95 44.18 7.94
N GLY C 362 20.26 44.11 6.65
CA GLY C 362 21.04 42.99 6.14
C GLY C 362 20.20 41.74 5.92
N TYR C 363 18.97 41.75 6.44
CA TYR C 363 18.07 40.61 6.28
C TYR C 363 17.75 40.37 4.82
N THR C 364 17.30 39.15 4.51
CA THR C 364 16.92 38.80 3.14
C THR C 364 15.40 38.74 3.02
N ALA C 365 14.88 39.22 1.91
CA ALA C 365 13.44 39.23 1.66
C ALA C 365 13.05 38.19 0.64
N VAL C 366 12.18 37.26 1.04
CA VAL C 366 11.72 36.21 0.15
C VAL C 366 10.27 36.45 -0.25
N ILE C 367 10.07 36.82 -1.53
CA ILE C 367 8.72 37.09 -2.02
C ILE C 367 7.97 35.77 -2.10
N SER C 368 6.96 35.62 -1.24
CA SER C 368 6.19 34.39 -1.17
C SER C 368 4.76 34.45 -1.71
N HIS C 369 4.25 33.29 -2.09
CA HIS C 369 2.91 33.14 -2.59
C HIS C 369 2.03 32.75 -1.41
N ARG C 370 0.87 32.17 -1.69
CA ARG C 370 -0.05 31.73 -0.65
C ARG C 370 -0.62 30.38 -1.04
N SER C 371 -1.20 29.67 -0.07
CA SER C 371 -1.78 28.37 -0.32
C SER C 371 -2.83 28.49 -1.44
N GLY C 372 -3.66 29.52 -1.32
CA GLY C 372 -4.69 29.75 -2.33
C GLY C 372 -4.25 30.85 -3.27
N GLU C 373 -3.87 30.48 -4.49
CA GLU C 373 -3.43 31.46 -5.48
C GLU C 373 -4.42 31.58 -6.63
N THR C 374 -4.04 32.38 -7.62
CA THR C 374 -4.84 32.62 -8.82
C THR C 374 -3.91 32.69 -10.01
N GLU C 375 -4.44 33.13 -11.16
CA GLU C 375 -3.63 33.25 -12.37
C GLU C 375 -2.68 34.41 -12.22
N ASP C 376 -2.97 35.28 -11.25
CA ASP C 376 -2.14 36.45 -10.98
C ASP C 376 -0.67 36.08 -10.73
N ALA C 377 0.25 36.89 -11.26
CA ALA C 377 1.67 36.66 -11.10
C ALA C 377 2.41 37.92 -10.68
N THR C 378 1.75 38.74 -9.88
CA THR C 378 2.32 40.00 -9.41
C THR C 378 3.60 39.82 -8.59
N ILE C 379 3.66 38.77 -7.78
CA ILE C 379 4.83 38.54 -6.94
C ILE C 379 6.13 38.37 -7.77
N ALA C 380 5.98 37.97 -9.03
CA ALA C 380 7.14 37.82 -9.89
C ALA C 380 7.66 39.21 -10.22
N ASP C 381 6.77 40.11 -10.64
CA ASP C 381 7.17 41.47 -10.93
C ASP C 381 7.71 42.17 -9.68
N LEU C 382 7.07 41.90 -8.55
CA LEU C 382 7.49 42.48 -7.28
C LEU C 382 8.93 42.06 -6.96
N ALA C 383 9.21 40.78 -7.12
CA ALA C 383 10.55 40.25 -6.85
C ALA C 383 11.60 40.93 -7.74
N VAL C 384 11.30 41.04 -9.03
CA VAL C 384 12.19 41.68 -9.97
C VAL C 384 12.26 43.19 -9.80
N GLY C 385 11.12 43.81 -9.48
CA GLY C 385 11.08 45.24 -9.31
C GLY C 385 11.77 45.75 -8.05
N THR C 386 11.85 44.91 -7.03
CA THR C 386 12.50 45.29 -5.79
C THR C 386 13.85 44.59 -5.63
N ALA C 387 14.16 43.68 -6.54
CA ALA C 387 15.41 42.94 -6.49
C ALA C 387 15.54 42.20 -5.16
N ALA C 388 14.45 41.61 -4.69
CA ALA C 388 14.44 40.89 -3.43
C ALA C 388 15.51 39.81 -3.43
N GLY C 389 15.74 39.19 -4.59
CA GLY C 389 16.75 38.17 -4.70
C GLY C 389 16.23 36.74 -4.54
N GLN C 390 15.09 36.59 -3.89
CA GLN C 390 14.52 35.28 -3.68
C GLN C 390 12.99 35.24 -3.82
N ILE C 391 12.48 34.12 -4.34
CA ILE C 391 11.05 33.96 -4.50
C ILE C 391 10.65 32.53 -4.14
N LYS C 392 9.47 32.40 -3.54
CA LYS C 392 8.94 31.10 -3.14
C LYS C 392 7.51 31.02 -3.64
N THR C 393 7.32 30.46 -4.84
CA THR C 393 6.00 30.37 -5.43
C THR C 393 5.56 28.97 -5.84
N GLY C 394 5.72 28.00 -4.93
CA GLY C 394 5.29 26.64 -5.21
C GLY C 394 6.21 25.78 -6.07
N SER C 395 5.79 24.54 -6.33
CA SER C 395 6.58 23.63 -7.13
C SER C 395 6.37 23.90 -8.60
N MET C 396 6.78 22.97 -9.45
CA MET C 396 6.63 23.11 -10.89
C MET C 396 5.38 22.42 -11.38
N SER C 397 4.27 22.64 -10.68
CA SER C 397 2.98 22.04 -11.04
C SER C 397 1.85 22.99 -10.65
N ARG C 398 0.77 22.96 -11.42
CA ARG C 398 -0.39 23.83 -11.21
C ARG C 398 -0.07 25.25 -11.69
N SER C 399 -0.85 25.73 -12.66
CA SER C 399 -0.66 27.07 -13.23
C SER C 399 -0.67 28.17 -12.18
N ASP C 400 -1.37 27.96 -11.07
CA ASP C 400 -1.39 28.97 -10.01
C ASP C 400 0.02 29.18 -9.49
N ARG C 401 0.92 28.26 -9.84
CA ARG C 401 2.32 28.35 -9.44
C ARG C 401 3.18 28.66 -10.65
N VAL C 402 3.10 27.79 -11.64
CA VAL C 402 3.88 27.94 -12.85
C VAL C 402 3.63 29.29 -13.55
N ALA C 403 2.47 29.87 -13.31
CA ALA C 403 2.16 31.17 -13.91
C ALA C 403 3.23 32.16 -13.50
N LYS C 404 3.67 32.08 -12.25
CA LYS C 404 4.70 32.96 -11.75
C LYS C 404 6.02 32.72 -12.49
N TYR C 405 6.39 31.44 -12.64
CA TYR C 405 7.62 31.08 -13.32
C TYR C 405 7.61 31.58 -14.76
N ASN C 406 6.48 31.37 -15.44
CA ASN C 406 6.37 31.82 -16.83
C ASN C 406 6.57 33.31 -16.90
N GLN C 407 6.15 34.01 -15.84
CA GLN C 407 6.30 35.47 -15.81
C GLN C 407 7.78 35.82 -15.63
N LEU C 408 8.46 35.07 -14.77
CA LEU C 408 9.88 35.27 -14.53
C LEU C 408 10.65 35.08 -15.84
N ILE C 409 10.20 34.12 -16.62
CA ILE C 409 10.80 33.83 -17.92
C ILE C 409 10.60 35.01 -18.86
N ARG C 410 9.37 35.50 -18.94
CA ARG C 410 9.04 36.61 -19.81
C ARG C 410 9.87 37.82 -19.44
N ILE C 411 9.90 38.15 -18.14
CA ILE C 411 10.64 39.31 -17.66
C ILE C 411 12.13 39.21 -17.99
N GLU C 412 12.76 38.09 -17.61
CA GLU C 412 14.17 37.90 -17.88
C GLU C 412 14.47 37.96 -19.36
N GLU C 413 13.53 37.47 -20.17
CA GLU C 413 13.69 37.49 -21.62
C GLU C 413 13.85 38.92 -22.13
N ALA C 414 13.27 39.87 -21.41
CA ALA C 414 13.35 41.27 -21.80
C ALA C 414 14.47 42.04 -21.10
N LEU C 415 14.79 41.64 -19.89
CA LEU C 415 15.84 42.32 -19.13
C LEU C 415 17.25 41.78 -19.38
N GLY C 416 17.35 40.48 -19.61
CA GLY C 416 18.64 39.87 -19.86
C GLY C 416 19.69 40.22 -18.82
N GLU C 417 20.79 40.80 -19.30
CA GLU C 417 21.90 41.20 -18.43
C GLU C 417 21.44 42.15 -17.33
N LYS C 418 20.42 42.95 -17.60
CA LYS C 418 19.90 43.90 -16.62
C LYS C 418 19.32 43.20 -15.38
N ALA C 419 18.87 41.96 -15.56
CA ALA C 419 18.30 41.19 -14.47
C ALA C 419 19.13 39.92 -14.24
N PRO C 420 20.29 40.07 -13.59
CA PRO C 420 21.18 38.95 -13.31
C PRO C 420 20.65 37.93 -12.29
N TYR C 421 21.09 36.69 -12.45
CA TYR C 421 20.70 35.60 -11.56
C TYR C 421 21.93 35.34 -10.69
N ASN C 422 21.91 35.86 -9.47
CA ASN C 422 23.03 35.70 -8.55
C ASN C 422 23.09 34.37 -7.80
N GLY C 423 22.15 33.48 -8.12
CA GLY C 423 22.13 32.18 -7.48
C GLY C 423 22.33 32.16 -5.98
N ARG C 424 23.09 31.18 -5.50
CA ARG C 424 23.37 31.00 -4.06
C ARG C 424 23.72 32.29 -3.32
N LYS C 425 24.33 33.25 -4.03
CA LYS C 425 24.74 34.52 -3.41
C LYS C 425 23.58 35.20 -2.68
N GLU C 426 22.36 35.09 -3.23
CA GLU C 426 21.18 35.70 -2.63
C GLU C 426 20.89 35.15 -1.24
N ILE C 427 20.99 33.84 -1.09
CA ILE C 427 20.73 33.19 0.19
C ILE C 427 21.64 33.73 1.28
N LYS C 428 21.16 33.72 2.52
CA LYS C 428 21.93 34.21 3.64
C LYS C 428 22.29 33.06 4.59
N SER D 1 -4.01 46.70 -39.27
CA SER D 1 -3.71 45.62 -38.29
C SER D 1 -2.55 44.77 -38.78
N LYS D 2 -1.53 45.42 -39.32
CA LYS D 2 -0.35 44.73 -39.84
C LYS D 2 0.54 44.22 -38.73
N ILE D 3 0.98 42.98 -38.87
CA ILE D 3 1.86 42.36 -37.89
C ILE D 3 3.26 42.96 -38.01
N VAL D 4 3.75 43.54 -36.91
CA VAL D 4 5.06 44.16 -36.91
C VAL D 4 6.08 43.30 -36.16
N LYS D 5 5.59 42.34 -35.39
CA LYS D 5 6.47 41.47 -34.63
C LYS D 5 5.72 40.24 -34.10
N ILE D 6 6.44 39.12 -34.00
CA ILE D 6 5.88 37.88 -33.50
C ILE D 6 6.95 37.15 -32.71
N ILE D 7 6.77 37.07 -31.39
CA ILE D 7 7.74 36.41 -30.53
C ILE D 7 7.25 35.05 -30.05
N GLY D 8 8.18 34.13 -29.88
CA GLY D 8 7.84 32.80 -29.41
C GLY D 8 8.79 32.38 -28.32
N ARG D 9 8.24 31.87 -27.22
CA ARG D 9 9.07 31.43 -26.11
C ARG D 9 8.61 30.11 -25.52
N GLU D 10 9.49 29.45 -24.79
CA GLU D 10 9.21 28.17 -24.16
C GLU D 10 8.83 28.37 -22.70
N ILE D 11 7.54 28.21 -22.41
CA ILE D 11 7.05 28.33 -21.04
C ILE D 11 6.64 26.96 -20.52
N ILE D 12 6.39 26.87 -19.22
CA ILE D 12 5.98 25.60 -18.62
C ILE D 12 4.46 25.52 -18.46
N ASP D 13 3.89 24.34 -18.69
CA ASP D 13 2.46 24.15 -18.56
C ASP D 13 2.08 23.75 -17.13
N SER D 14 0.81 23.44 -16.94
CA SER D 14 0.29 23.06 -15.63
C SER D 14 0.87 21.76 -15.10
N ARG D 15 1.40 20.93 -15.99
CA ARG D 15 1.95 19.65 -15.59
C ARG D 15 3.46 19.72 -15.38
N GLY D 16 4.06 20.85 -15.75
CA GLY D 16 5.49 21.02 -15.60
C GLY D 16 6.25 20.82 -16.89
N ASN D 17 5.54 20.54 -17.97
CA ASN D 17 6.14 20.32 -19.27
C ASN D 17 6.13 21.59 -20.12
N PRO D 18 7.21 21.82 -20.90
CA PRO D 18 7.33 22.99 -21.76
C PRO D 18 6.24 23.05 -22.83
N THR D 19 5.84 24.27 -23.17
CA THR D 19 4.83 24.46 -24.20
C THR D 19 5.16 25.74 -24.96
N VAL D 20 4.47 25.96 -26.06
CA VAL D 20 4.74 27.15 -26.88
C VAL D 20 3.79 28.32 -26.63
N GLU D 21 4.38 29.46 -26.28
CA GLU D 21 3.62 30.68 -26.07
C GLU D 21 4.07 31.67 -27.14
N ALA D 22 3.12 32.35 -27.77
CA ALA D 22 3.46 33.29 -28.81
C ALA D 22 2.88 34.68 -28.58
N GLU D 23 3.65 35.70 -28.96
CA GLU D 23 3.25 37.08 -28.85
C GLU D 23 3.11 37.68 -30.23
N VAL D 24 1.94 38.24 -30.53
CA VAL D 24 1.72 38.85 -31.83
C VAL D 24 1.45 40.35 -31.69
N HIS D 25 2.43 41.14 -32.13
CA HIS D 25 2.34 42.60 -32.05
C HIS D 25 1.91 43.20 -33.38
N LEU D 26 0.89 44.05 -33.34
CA LEU D 26 0.38 44.71 -34.52
C LEU D 26 0.78 46.18 -34.51
N GLU D 27 0.66 46.84 -35.65
CA GLU D 27 1.00 48.26 -35.73
C GLU D 27 -0.01 49.02 -34.87
N GLY D 28 0.50 49.95 -34.07
CA GLY D 28 -0.37 50.72 -33.20
C GLY D 28 -0.19 50.31 -31.74
N GLY D 29 0.71 49.35 -31.51
CA GLY D 29 0.97 48.89 -30.16
C GLY D 29 0.11 47.73 -29.71
N PHE D 30 -0.96 47.46 -30.44
CA PHE D 30 -1.87 46.36 -30.11
C PHE D 30 -1.10 45.04 -30.02
N VAL D 31 -1.36 44.29 -28.94
CA VAL D 31 -0.67 43.02 -28.74
C VAL D 31 -1.63 41.93 -28.24
N GLY D 32 -1.32 40.69 -28.59
CA GLY D 32 -2.13 39.56 -28.18
C GLY D 32 -1.23 38.37 -27.88
N MET D 33 -1.40 37.76 -26.71
CA MET D 33 -0.57 36.61 -26.34
C MET D 33 -1.42 35.38 -26.08
N ALA D 34 -0.91 34.22 -26.45
CA ALA D 34 -1.62 32.96 -26.26
C ALA D 34 -0.63 31.78 -26.15
N ALA D 35 -1.04 30.73 -25.46
CA ALA D 35 -0.20 29.55 -25.30
C ALA D 35 -0.94 28.31 -25.74
N ALA D 36 -0.21 27.31 -26.20
CA ALA D 36 -0.81 26.07 -26.66
C ALA D 36 -0.92 25.06 -25.53
N PRO D 37 -2.07 24.38 -25.43
CA PRO D 37 -2.30 23.38 -24.37
C PRO D 37 -1.71 22.04 -24.81
N SER D 38 -1.51 21.14 -23.84
CA SER D 38 -0.96 19.81 -24.15
C SER D 38 -1.75 18.72 -23.45
N GLY D 39 -2.06 17.65 -24.17
CA GLY D 39 -2.81 16.55 -23.59
C GLY D 39 -1.99 15.30 -23.38
N ALA D 40 -2.48 14.41 -22.52
CA ALA D 40 -1.80 13.15 -22.25
C ALA D 40 -2.41 12.06 -23.12
N SER D 41 -3.71 11.83 -22.96
CA SER D 41 -4.42 10.82 -23.74
C SER D 41 -4.73 11.39 -25.13
N THR D 42 -3.68 11.71 -25.87
CA THR D 42 -3.82 12.27 -27.22
C THR D 42 -4.35 11.26 -28.23
N GLY D 43 -5.21 11.73 -29.13
CA GLY D 43 -5.76 10.87 -30.15
C GLY D 43 -4.73 10.58 -31.21
N SER D 44 -4.79 9.40 -31.80
CA SER D 44 -3.83 8.99 -32.83
C SER D 44 -3.90 9.91 -34.07
N ARG D 45 -5.11 10.23 -34.51
CA ARG D 45 -5.31 11.07 -35.68
C ARG D 45 -5.25 12.55 -35.31
N GLU D 46 -4.65 12.85 -34.16
CA GLU D 46 -4.53 14.21 -33.67
C GLU D 46 -3.26 14.87 -34.22
N ALA D 47 -3.37 16.14 -34.63
CA ALA D 47 -2.23 16.87 -35.16
C ALA D 47 -1.05 16.76 -34.19
N LEU D 48 0.01 16.11 -34.65
CA LEU D 48 1.20 15.89 -33.83
C LEU D 48 1.74 17.15 -33.14
N GLU D 49 2.02 17.00 -31.85
CA GLU D 49 2.56 18.06 -31.02
C GLU D 49 4.09 17.91 -31.05
N LEU D 50 4.76 18.78 -31.79
CA LEU D 50 6.21 18.71 -31.92
C LEU D 50 7.00 18.92 -30.63
N ARG D 51 7.80 17.92 -30.28
CA ARG D 51 8.63 17.96 -29.08
C ARG D 51 10.09 17.94 -29.55
N ASP D 52 11.03 18.21 -28.64
CA ASP D 52 12.44 18.22 -29.00
C ASP D 52 13.04 16.83 -29.08
N GLY D 53 12.98 16.10 -27.96
CA GLY D 53 13.54 14.77 -27.92
C GLY D 53 14.87 14.76 -27.20
N ASP D 54 15.47 15.94 -27.07
CA ASP D 54 16.75 16.08 -26.38
C ASP D 54 16.58 15.77 -24.90
N LYS D 55 16.86 14.52 -24.54
CA LYS D 55 16.73 14.05 -23.15
C LYS D 55 17.64 14.75 -22.15
N SER D 56 18.40 15.74 -22.62
CA SER D 56 19.29 16.46 -21.72
C SER D 56 18.56 17.58 -20.99
N ARG D 57 17.36 17.92 -21.48
CA ARG D 57 16.56 18.97 -20.86
C ARG D 57 15.07 18.60 -20.88
N PHE D 58 14.41 18.75 -19.74
CA PHE D 58 12.99 18.43 -19.62
C PHE D 58 12.70 16.99 -20.05
N LEU D 59 13.66 16.10 -19.81
CA LEU D 59 13.53 14.70 -20.18
C LEU D 59 13.12 14.53 -21.64
N GLY D 60 13.60 15.44 -22.49
CA GLY D 60 13.29 15.38 -23.90
C GLY D 60 11.92 15.89 -24.30
N LYS D 61 11.35 16.78 -23.49
CA LYS D 61 10.03 17.33 -23.76
C LYS D 61 10.08 18.80 -24.16
N GLY D 62 11.29 19.31 -24.40
CA GLY D 62 11.43 20.70 -24.79
C GLY D 62 10.68 21.00 -26.08
N VAL D 63 10.35 22.27 -26.29
CA VAL D 63 9.64 22.68 -27.50
C VAL D 63 10.40 23.74 -28.27
N THR D 64 11.72 23.78 -28.05
CA THR D 64 12.59 24.75 -28.72
C THR D 64 12.37 24.73 -30.23
N LYS D 65 12.26 23.54 -30.79
CA LYS D 65 12.05 23.41 -32.23
C LYS D 65 10.80 24.16 -32.64
N ALA D 66 9.68 23.80 -32.01
CA ALA D 66 8.40 24.46 -32.29
C ALA D 66 8.54 25.96 -32.07
N VAL D 67 9.22 26.34 -31.00
CA VAL D 67 9.44 27.75 -30.71
C VAL D 67 10.16 28.43 -31.87
N ALA D 68 11.28 27.84 -32.28
CA ALA D 68 12.05 28.37 -33.40
C ALA D 68 11.16 28.53 -34.62
N ALA D 69 10.30 27.53 -34.87
CA ALA D 69 9.40 27.56 -36.00
C ALA D 69 8.54 28.82 -35.96
N VAL D 70 8.20 29.26 -34.75
CA VAL D 70 7.39 30.45 -34.55
C VAL D 70 8.22 31.73 -34.69
N ASN D 71 9.46 31.67 -34.20
CA ASN D 71 10.35 32.83 -34.27
C ASN D 71 10.91 33.12 -35.66
N GLY D 72 11.00 32.09 -36.51
CA GLY D 72 11.56 32.28 -37.83
C GLY D 72 10.60 32.21 -39.00
N PRO D 73 10.44 31.03 -39.61
CA PRO D 73 9.55 30.81 -40.77
C PRO D 73 8.15 31.39 -40.65
N ILE D 74 7.46 31.06 -39.56
CA ILE D 74 6.11 31.57 -39.36
C ILE D 74 6.10 33.09 -39.24
N ALA D 75 6.90 33.60 -38.29
CA ALA D 75 7.00 35.02 -38.05
C ALA D 75 7.35 35.80 -39.33
N GLN D 76 8.44 35.42 -39.98
CA GLN D 76 8.87 36.09 -41.20
C GLN D 76 7.80 36.05 -42.28
N ALA D 77 7.04 34.96 -42.31
CA ALA D 77 5.99 34.79 -43.31
C ALA D 77 4.73 35.59 -42.94
N LEU D 78 4.68 36.08 -41.70
CA LEU D 78 3.53 36.84 -41.22
C LEU D 78 3.78 38.33 -41.14
N ILE D 79 5.05 38.72 -41.07
CA ILE D 79 5.39 40.14 -40.97
C ILE D 79 4.74 40.92 -42.11
N GLY D 80 3.91 41.90 -41.75
CA GLY D 80 3.25 42.71 -42.75
C GLY D 80 1.85 42.25 -43.07
N LYS D 81 1.54 41.00 -42.72
CA LYS D 81 0.22 40.43 -42.99
C LYS D 81 -0.84 41.09 -42.08
N ASP D 82 -2.10 41.01 -42.50
CA ASP D 82 -3.20 41.60 -41.72
C ASP D 82 -3.76 40.60 -40.73
N ALA D 83 -3.80 41.00 -39.46
CA ALA D 83 -4.32 40.14 -38.39
C ALA D 83 -5.83 39.93 -38.49
N LYS D 84 -6.55 40.98 -38.85
CA LYS D 84 -8.00 40.90 -38.99
C LYS D 84 -8.39 39.75 -39.92
N ASP D 85 -7.48 39.41 -40.83
CA ASP D 85 -7.72 38.33 -41.79
C ASP D 85 -7.33 37.01 -41.11
N GLN D 86 -8.16 36.60 -40.15
CA GLN D 86 -7.94 35.37 -39.40
C GLN D 86 -7.66 34.15 -40.26
N ALA D 87 -8.61 33.82 -41.14
CA ALA D 87 -8.47 32.66 -42.02
C ALA D 87 -7.24 32.78 -42.93
N GLY D 88 -6.84 34.01 -43.23
CA GLY D 88 -5.69 34.23 -44.08
C GLY D 88 -4.39 33.97 -43.35
N ILE D 89 -4.36 34.32 -42.06
CA ILE D 89 -3.18 34.12 -41.24
C ILE D 89 -2.92 32.63 -41.01
N ASP D 90 -4.00 31.88 -40.81
CA ASP D 90 -3.88 30.45 -40.57
C ASP D 90 -3.48 29.74 -41.87
N LYS D 91 -4.14 30.13 -42.96
CA LYS D 91 -3.84 29.54 -44.27
C LYS D 91 -2.35 29.63 -44.59
N ILE D 92 -1.78 30.81 -44.34
CA ILE D 92 -0.37 31.04 -44.60
C ILE D 92 0.50 30.06 -43.79
N MET D 93 0.11 29.82 -42.55
CA MET D 93 0.87 28.91 -41.69
C MET D 93 0.62 27.46 -42.07
N ILE D 94 -0.63 27.15 -42.42
CA ILE D 94 -1.01 25.80 -42.81
C ILE D 94 -0.21 25.36 -44.03
N ASP D 95 -0.13 26.25 -45.03
CA ASP D 95 0.60 25.94 -46.25
C ASP D 95 2.10 25.89 -46.00
N LEU D 96 2.63 26.92 -45.35
CA LEU D 96 4.06 26.99 -45.06
C LEU D 96 4.52 25.68 -44.40
N ASP D 97 3.68 25.14 -43.54
CA ASP D 97 3.99 23.90 -42.85
C ASP D 97 4.09 22.78 -43.89
N GLY D 98 3.09 22.70 -44.75
CA GLY D 98 3.09 21.66 -45.78
C GLY D 98 2.34 20.40 -45.43
N THR D 99 2.85 19.66 -44.46
CA THR D 99 2.23 18.41 -44.03
C THR D 99 0.76 18.58 -43.67
N GLU D 100 0.03 17.47 -43.63
CA GLU D 100 -1.39 17.48 -43.31
C GLU D 100 -1.62 17.66 -41.81
N ASN D 101 -0.90 16.87 -41.01
CA ASN D 101 -1.02 16.92 -39.56
C ASN D 101 -0.22 18.06 -38.93
N LYS D 102 0.43 18.88 -39.75
CA LYS D 102 1.22 20.00 -39.26
C LYS D 102 2.43 19.47 -38.47
N SER D 103 3.11 18.49 -39.04
CA SER D 103 4.27 17.88 -38.39
C SER D 103 5.59 18.61 -38.65
N LYS D 104 5.57 19.64 -39.49
CA LYS D 104 6.78 20.39 -39.77
C LYS D 104 7.04 21.39 -38.65
N PHE D 105 6.16 22.38 -38.53
CA PHE D 105 6.30 23.39 -37.48
C PHE D 105 5.76 22.85 -36.16
N GLY D 106 4.59 22.21 -36.23
CA GLY D 106 3.97 21.66 -35.05
C GLY D 106 2.68 22.38 -34.72
N ALA D 107 1.64 21.62 -34.40
CA ALA D 107 0.33 22.20 -34.07
C ALA D 107 0.50 23.23 -32.94
N ASN D 108 1.32 22.91 -31.96
CA ASN D 108 1.56 23.80 -30.84
C ASN D 108 2.13 25.14 -31.27
N ALA D 109 2.87 25.15 -32.39
CA ALA D 109 3.46 26.37 -32.90
C ALA D 109 2.45 27.20 -33.70
N ILE D 110 1.69 26.52 -34.55
CA ILE D 110 0.70 27.19 -35.39
C ILE D 110 -0.51 27.65 -34.58
N LEU D 111 -0.86 26.88 -33.55
CA LEU D 111 -2.00 27.21 -32.71
C LEU D 111 -1.67 28.42 -31.83
N ALA D 112 -0.43 28.47 -31.34
CA ALA D 112 0.02 29.57 -30.49
C ALA D 112 -0.08 30.90 -31.23
N VAL D 113 0.36 30.90 -32.48
CA VAL D 113 0.33 32.12 -33.29
C VAL D 113 -1.10 32.46 -33.71
N SER D 114 -1.86 31.43 -34.07
CA SER D 114 -3.25 31.61 -34.49
C SER D 114 -4.07 32.32 -33.42
N LEU D 115 -4.01 31.78 -32.20
CA LEU D 115 -4.77 32.37 -31.09
C LEU D 115 -4.23 33.76 -30.74
N ALA D 116 -2.91 33.86 -30.63
CA ALA D 116 -2.28 35.14 -30.31
C ALA D 116 -2.72 36.19 -31.34
N ASN D 117 -2.78 35.79 -32.61
CA ASN D 117 -3.19 36.68 -33.67
C ASN D 117 -4.62 37.13 -33.43
N ALA D 118 -5.50 36.18 -33.14
CA ALA D 118 -6.91 36.48 -32.88
C ALA D 118 -7.07 37.53 -31.77
N LYS D 119 -6.34 37.35 -30.67
CA LYS D 119 -6.40 38.28 -29.55
C LYS D 119 -5.86 39.65 -29.95
N ALA D 120 -4.79 39.64 -30.75
CA ALA D 120 -4.18 40.89 -31.21
C ALA D 120 -5.18 41.66 -32.06
N ALA D 121 -5.84 40.96 -32.97
CA ALA D 121 -6.83 41.57 -33.84
C ALA D 121 -7.99 42.11 -33.01
N ALA D 122 -8.35 41.36 -31.97
CA ALA D 122 -9.44 41.76 -31.08
C ALA D 122 -9.15 43.12 -30.48
N ALA D 123 -7.94 43.29 -29.97
CA ALA D 123 -7.54 44.56 -29.37
C ALA D 123 -7.46 45.65 -30.43
N ALA D 124 -6.95 45.28 -31.61
CA ALA D 124 -6.83 46.22 -32.72
C ALA D 124 -8.20 46.81 -33.07
N LYS D 125 -9.25 46.04 -32.83
CA LYS D 125 -10.60 46.49 -33.13
C LYS D 125 -11.27 46.99 -31.86
N GLY D 126 -10.47 47.17 -30.81
CA GLY D 126 -11.00 47.66 -29.54
C GLY D 126 -12.20 46.91 -29.02
N MET D 127 -12.16 45.58 -29.06
CA MET D 127 -13.26 44.77 -28.57
C MET D 127 -12.78 43.49 -27.89
N PRO D 128 -13.61 42.91 -27.01
CA PRO D 128 -13.27 41.67 -26.30
C PRO D 128 -13.06 40.52 -27.28
N LEU D 129 -12.29 39.52 -26.86
CA LEU D 129 -12.00 38.37 -27.70
C LEU D 129 -13.26 37.64 -28.14
N TYR D 130 -14.21 37.44 -27.22
CA TYR D 130 -15.44 36.75 -27.55
C TYR D 130 -16.27 37.51 -28.58
N GLU D 131 -16.16 38.83 -28.54
CA GLU D 131 -16.89 39.68 -29.48
C GLU D 131 -16.25 39.53 -30.86
N HIS D 132 -14.93 39.67 -30.90
CA HIS D 132 -14.19 39.55 -32.15
C HIS D 132 -14.41 38.16 -32.75
N ILE D 133 -14.34 37.13 -31.91
CA ILE D 133 -14.55 35.76 -32.39
C ILE D 133 -15.94 35.64 -33.00
N ALA D 134 -16.92 36.24 -32.34
CA ALA D 134 -18.29 36.20 -32.82
C ALA D 134 -18.36 36.75 -34.24
N GLU D 135 -17.56 37.77 -34.53
CA GLU D 135 -17.55 38.36 -35.86
C GLU D 135 -16.90 37.40 -36.86
N LEU D 136 -15.77 36.81 -36.46
CA LEU D 136 -15.07 35.87 -37.32
C LEU D 136 -15.97 34.69 -37.67
N ASN D 137 -16.88 34.37 -36.77
CA ASN D 137 -17.80 33.25 -36.98
C ASN D 137 -18.97 33.67 -37.87
N GLY D 138 -18.90 34.89 -38.38
CA GLY D 138 -19.97 35.38 -39.24
C GLY D 138 -21.28 35.50 -38.47
N THR D 139 -21.18 35.47 -37.14
CA THR D 139 -22.34 35.58 -36.27
C THR D 139 -22.08 36.57 -35.15
N PRO D 140 -22.15 37.88 -35.46
CA PRO D 140 -21.91 38.94 -34.48
C PRO D 140 -23.08 39.15 -33.52
N GLY D 141 -22.74 39.45 -32.27
CA GLY D 141 -23.77 39.69 -31.25
C GLY D 141 -24.42 38.47 -30.66
N LYS D 142 -24.18 37.29 -31.24
CA LYS D 142 -24.78 36.07 -30.73
C LYS D 142 -23.88 35.42 -29.67
N TYR D 143 -24.22 35.65 -28.41
CA TYR D 143 -23.43 35.11 -27.30
C TYR D 143 -24.19 34.06 -26.49
N SER D 144 -23.48 33.42 -25.59
CA SER D 144 -24.06 32.39 -24.74
C SER D 144 -23.06 31.88 -23.70
N MET D 145 -23.51 31.74 -22.46
CA MET D 145 -22.65 31.26 -21.40
C MET D 145 -22.78 29.74 -21.39
N PRO D 146 -21.68 29.03 -21.67
CA PRO D 146 -21.63 27.56 -21.70
C PRO D 146 -21.96 26.83 -20.40
N VAL D 147 -22.61 25.69 -20.52
CA VAL D 147 -22.95 24.84 -19.39
C VAL D 147 -21.72 23.97 -19.20
N PRO D 148 -21.03 24.14 -18.06
CA PRO D 148 -19.81 23.35 -17.77
C PRO D 148 -19.97 22.01 -17.08
N MET D 149 -19.14 21.07 -17.50
CA MET D 149 -19.12 19.74 -16.90
C MET D 149 -17.78 19.70 -16.17
N MET D 150 -17.84 19.71 -14.83
CA MET D 150 -16.65 19.73 -14.00
C MET D 150 -16.13 18.38 -13.56
N ASN D 151 -14.92 18.06 -14.00
CA ASN D 151 -14.27 16.79 -13.67
C ASN D 151 -13.70 16.81 -12.25
N ILE D 152 -14.51 16.40 -11.29
CA ILE D 152 -14.10 16.40 -9.87
C ILE D 152 -13.42 15.10 -9.41
N ILE D 153 -13.49 14.06 -10.21
CA ILE D 153 -12.85 12.80 -9.90
C ILE D 153 -11.98 12.40 -11.09
N ASN D 154 -10.67 12.63 -10.97
CA ASN D 154 -9.73 12.34 -12.04
C ASN D 154 -9.23 10.89 -11.97
N GLY D 155 -8.87 10.36 -13.13
CA GLY D 155 -8.38 8.99 -13.22
C GLY D 155 -7.65 8.75 -14.53
N GLY D 156 -7.47 7.47 -14.87
CA GLY D 156 -6.79 7.13 -16.10
C GLY D 156 -5.43 7.78 -16.23
N GLU D 157 -5.19 8.42 -17.37
CA GLU D 157 -3.92 9.08 -17.65
C GLU D 157 -3.76 10.40 -16.90
N HIS D 158 -4.85 10.90 -16.34
CA HIS D 158 -4.81 12.17 -15.61
C HIS D 158 -4.42 12.02 -14.15
N ALA D 159 -4.06 10.81 -13.75
CA ALA D 159 -3.66 10.56 -12.37
C ALA D 159 -2.94 9.22 -12.23
N ASP D 160 -2.57 8.90 -11.00
CA ASP D 160 -1.89 7.63 -10.70
C ASP D 160 -2.70 6.78 -9.74
N ASN D 161 -3.84 6.29 -10.21
CA ASN D 161 -4.72 5.44 -9.41
C ASN D 161 -5.25 4.27 -10.23
N ASN D 162 -6.24 3.58 -9.67
CA ASN D 162 -6.82 2.41 -10.34
C ASN D 162 -8.06 2.71 -11.18
N VAL D 163 -8.58 3.94 -11.09
CA VAL D 163 -9.76 4.31 -11.86
C VAL D 163 -9.44 4.29 -13.36
N ASP D 164 -10.12 3.41 -14.09
CA ASP D 164 -9.89 3.29 -15.53
C ASP D 164 -10.53 4.45 -16.29
N ILE D 165 -11.74 4.82 -15.89
CA ILE D 165 -12.44 5.92 -16.53
C ILE D 165 -11.68 7.21 -16.21
N GLN D 166 -11.36 7.96 -17.25
CA GLN D 166 -10.58 9.18 -17.12
C GLN D 166 -11.27 10.36 -16.40
N GLU D 167 -12.53 10.63 -16.70
CA GLU D 167 -13.20 11.77 -16.08
C GLU D 167 -14.64 11.52 -15.58
N PHE D 168 -14.95 12.08 -14.41
CA PHE D 168 -16.27 12.00 -13.81
C PHE D 168 -16.65 13.44 -13.51
N MET D 169 -17.62 13.97 -14.25
CA MET D 169 -18.02 15.37 -14.10
C MET D 169 -19.44 15.62 -13.66
N ILE D 170 -19.65 16.78 -13.04
CA ILE D 170 -20.97 17.22 -12.61
C ILE D 170 -21.34 18.43 -13.46
N GLN D 171 -22.63 18.65 -13.67
CA GLN D 171 -23.07 19.77 -14.49
C GLN D 171 -24.18 20.57 -13.81
N PRO D 172 -23.87 21.80 -13.37
CA PRO D 172 -24.83 22.69 -12.70
C PRO D 172 -25.94 23.17 -13.64
N VAL D 173 -26.65 22.22 -14.26
CA VAL D 173 -27.72 22.54 -15.18
C VAL D 173 -28.84 23.34 -14.49
N GLY D 174 -28.92 23.23 -13.16
CA GLY D 174 -29.94 23.94 -12.43
C GLY D 174 -29.67 25.43 -12.32
N ALA D 175 -28.41 25.83 -12.58
CA ALA D 175 -28.03 27.24 -12.49
C ALA D 175 -28.74 28.08 -13.54
N LYS D 176 -28.86 29.38 -13.27
CA LYS D 176 -29.51 30.30 -14.17
C LYS D 176 -28.45 31.21 -14.79
N THR D 177 -27.25 31.16 -14.22
CA THR D 177 -26.11 31.93 -14.69
C THR D 177 -24.86 31.06 -14.52
N VAL D 178 -23.83 31.31 -15.30
CA VAL D 178 -22.61 30.54 -15.19
C VAL D 178 -21.94 30.82 -13.84
N LYS D 179 -22.10 32.04 -13.35
CA LYS D 179 -21.53 32.40 -12.06
C LYS D 179 -22.11 31.52 -10.97
N GLU D 180 -23.43 31.35 -11.00
CA GLU D 180 -24.10 30.53 -10.02
C GLU D 180 -23.61 29.07 -10.17
N ALA D 181 -23.54 28.62 -11.41
CA ALA D 181 -23.10 27.27 -11.70
C ALA D 181 -21.70 27.02 -11.14
N ILE D 182 -20.81 28.03 -11.29
CA ILE D 182 -19.47 27.91 -10.78
C ILE D 182 -19.45 27.70 -9.28
N ARG D 183 -20.32 28.40 -8.57
CA ARG D 183 -20.41 28.28 -7.12
C ARG D 183 -20.90 26.88 -6.73
N MET D 184 -21.88 26.38 -7.47
CA MET D 184 -22.43 25.05 -7.23
C MET D 184 -21.34 23.99 -7.30
N GLY D 185 -20.51 24.06 -8.34
CA GLY D 185 -19.44 23.08 -8.48
C GLY D 185 -18.44 23.22 -7.35
N SER D 186 -18.20 24.46 -6.91
CA SER D 186 -17.27 24.73 -5.85
C SER D 186 -17.71 24.03 -4.55
N GLU D 187 -18.96 24.27 -4.17
CA GLU D 187 -19.52 23.67 -2.97
C GLU D 187 -19.48 22.14 -3.03
N VAL D 188 -19.92 21.58 -4.14
CA VAL D 188 -19.91 20.15 -4.32
C VAL D 188 -18.50 19.62 -4.21
N PHE D 189 -17.58 20.26 -4.92
CA PHE D 189 -16.17 19.87 -4.91
C PHE D 189 -15.64 19.80 -3.49
N HIS D 190 -15.92 20.82 -2.70
CA HIS D 190 -15.46 20.88 -1.32
C HIS D 190 -16.15 19.83 -0.46
N HIS D 191 -17.46 19.64 -0.64
CA HIS D 191 -18.19 18.64 0.12
C HIS D 191 -17.71 17.24 -0.23
N LEU D 192 -17.29 17.06 -1.47
CA LEU D 192 -16.80 15.76 -1.91
C LEU D 192 -15.49 15.44 -1.20
N ALA D 193 -14.76 16.49 -0.82
CA ALA D 193 -13.49 16.32 -0.12
C ALA D 193 -13.75 15.70 1.25
N LYS D 194 -14.77 16.21 1.93
CA LYS D 194 -15.15 15.71 3.25
C LYS D 194 -15.58 14.25 3.14
N VAL D 195 -16.30 13.93 2.07
CA VAL D 195 -16.77 12.58 1.83
C VAL D 195 -15.60 11.61 1.67
N LEU D 196 -14.63 11.99 0.84
CA LEU D 196 -13.45 11.18 0.60
C LEU D 196 -12.64 11.00 1.88
N LYS D 197 -12.63 12.05 2.71
CA LYS D 197 -11.91 12.01 3.98
C LYS D 197 -12.65 11.09 4.96
N ALA D 198 -13.97 11.15 4.93
CA ALA D 198 -14.79 10.32 5.81
C ALA D 198 -14.57 8.84 5.51
N LYS D 199 -13.98 8.56 4.35
CA LYS D 199 -13.70 7.19 3.95
C LYS D 199 -12.19 6.97 3.81
N GLY D 200 -11.42 7.77 4.54
CA GLY D 200 -9.97 7.67 4.51
C GLY D 200 -9.35 7.63 3.13
N MET D 201 -10.04 8.21 2.15
CA MET D 201 -9.54 8.25 0.79
C MET D 201 -8.72 9.51 0.55
N ASN D 202 -7.68 9.38 -0.27
CA ASN D 202 -6.78 10.50 -0.59
C ASN D 202 -7.57 11.70 -1.09
N THR D 203 -7.13 12.89 -0.70
CA THR D 203 -7.79 14.13 -1.11
C THR D 203 -6.93 14.89 -2.13
N ALA D 204 -5.77 14.34 -2.48
CA ALA D 204 -4.89 14.97 -3.44
C ALA D 204 -5.62 15.04 -4.79
N VAL D 205 -5.08 15.81 -5.73
CA VAL D 205 -5.74 15.97 -7.02
C VAL D 205 -4.89 15.58 -8.22
N GLY D 206 -5.56 15.16 -9.29
CA GLY D 206 -4.88 14.78 -10.50
C GLY D 206 -4.47 16.01 -11.28
N ASP D 207 -4.25 15.85 -12.58
CA ASP D 207 -3.84 16.96 -13.43
C ASP D 207 -4.97 17.95 -13.74
N GLU D 208 -6.21 17.50 -13.59
CA GLU D 208 -7.35 18.36 -13.88
C GLU D 208 -8.01 18.96 -12.65
N GLY D 209 -7.29 18.94 -11.53
CA GLY D 209 -7.81 19.49 -10.30
C GLY D 209 -8.83 18.64 -9.56
N GLY D 210 -9.00 17.40 -10.00
CA GLY D 210 -9.94 16.53 -9.33
C GLY D 210 -9.25 15.55 -8.39
N TYR D 211 -9.96 15.10 -7.37
CA TYR D 211 -9.40 14.15 -6.42
C TYR D 211 -9.07 12.86 -7.15
N ALA D 212 -7.92 12.26 -6.83
CA ALA D 212 -7.52 11.03 -7.51
C ALA D 212 -7.21 9.87 -6.54
N PRO D 213 -8.18 9.46 -5.72
CA PRO D 213 -7.96 8.37 -4.78
C PRO D 213 -8.27 7.01 -5.42
N ASN D 214 -7.94 5.94 -4.71
CA ASN D 214 -8.22 4.60 -5.20
C ASN D 214 -9.63 4.20 -4.81
N LEU D 215 -10.39 3.70 -5.78
CA LEU D 215 -11.78 3.30 -5.53
C LEU D 215 -11.97 1.81 -5.76
N GLY D 216 -13.01 1.25 -5.16
CA GLY D 216 -13.29 -0.16 -5.32
C GLY D 216 -13.63 -0.47 -6.76
N SER D 217 -14.59 0.27 -7.30
CA SER D 217 -15.02 0.11 -8.69
C SER D 217 -15.13 1.50 -9.34
N ASN D 218 -14.96 1.55 -10.65
CA ASN D 218 -15.06 2.82 -11.37
C ASN D 218 -16.40 3.50 -11.08
N ALA D 219 -17.43 2.70 -10.84
CA ALA D 219 -18.75 3.23 -10.56
C ALA D 219 -18.84 3.94 -9.20
N GLU D 220 -18.01 3.50 -8.26
CA GLU D 220 -18.02 4.10 -6.93
C GLU D 220 -17.70 5.59 -7.00
N ALA D 221 -17.02 5.99 -8.06
CA ALA D 221 -16.68 7.41 -8.25
C ALA D 221 -17.99 8.18 -8.38
N LEU D 222 -18.97 7.54 -9.02
CA LEU D 222 -20.28 8.13 -9.21
C LEU D 222 -21.01 8.15 -7.88
N ALA D 223 -20.73 7.13 -7.06
CA ALA D 223 -21.36 6.99 -5.74
C ALA D 223 -20.93 8.12 -4.81
N VAL D 224 -19.62 8.33 -4.70
CA VAL D 224 -19.09 9.38 -3.84
C VAL D 224 -19.52 10.77 -4.30
N ILE D 225 -19.63 10.97 -5.61
CA ILE D 225 -20.05 12.25 -6.16
C ILE D 225 -21.52 12.49 -5.85
N ALA D 226 -22.33 11.45 -6.03
CA ALA D 226 -23.77 11.55 -5.76
C ALA D 226 -23.97 11.95 -4.31
N GLU D 227 -23.20 11.31 -3.43
CA GLU D 227 -23.27 11.58 -2.00
C GLU D 227 -22.85 13.01 -1.70
N ALA D 228 -21.75 13.44 -2.32
CA ALA D 228 -21.24 14.78 -2.13
C ALA D 228 -22.26 15.81 -2.61
N VAL D 229 -22.97 15.48 -3.69
CA VAL D 229 -23.99 16.35 -4.25
C VAL D 229 -25.09 16.65 -3.23
N LYS D 230 -25.75 15.60 -2.75
CA LYS D 230 -26.82 15.76 -1.78
C LYS D 230 -26.31 16.44 -0.51
N ALA D 231 -25.09 16.11 -0.12
CA ALA D 231 -24.48 16.69 1.07
C ALA D 231 -24.32 18.20 0.93
N ALA D 232 -24.19 18.65 -0.32
CA ALA D 232 -24.01 20.08 -0.60
C ALA D 232 -25.36 20.81 -0.58
N GLY D 233 -26.45 20.04 -0.53
CA GLY D 233 -27.77 20.65 -0.52
C GLY D 233 -28.37 20.70 -1.91
N TYR D 234 -27.85 19.86 -2.79
CA TYR D 234 -28.34 19.80 -4.18
C TYR D 234 -28.76 18.37 -4.50
N GLU D 235 -29.79 18.24 -5.32
CA GLU D 235 -30.29 16.92 -5.70
C GLU D 235 -29.90 16.55 -7.13
N LEU D 236 -29.34 15.35 -7.30
CA LEU D 236 -28.93 14.86 -8.60
C LEU D 236 -30.10 14.88 -9.57
N GLY D 237 -29.79 14.94 -10.86
CA GLY D 237 -30.83 14.93 -11.87
C GLY D 237 -31.57 16.23 -12.03
N LYS D 238 -31.76 16.97 -10.95
CA LYS D 238 -32.50 18.23 -11.03
C LYS D 238 -31.57 19.44 -11.08
N ASP D 239 -30.72 19.56 -10.06
CA ASP D 239 -29.78 20.69 -10.01
C ASP D 239 -28.51 20.34 -10.78
N ILE D 240 -28.01 19.14 -10.57
CA ILE D 240 -26.80 18.69 -11.21
C ILE D 240 -26.97 17.34 -11.90
N THR D 241 -26.47 17.25 -13.13
CA THR D 241 -26.54 16.01 -13.90
C THR D 241 -25.11 15.48 -13.95
N LEU D 242 -24.96 14.22 -14.35
CA LEU D 242 -23.64 13.63 -14.42
C LEU D 242 -23.12 13.43 -15.85
N ALA D 243 -21.80 13.48 -15.98
CA ALA D 243 -21.15 13.28 -17.27
C ALA D 243 -19.82 12.60 -16.99
N MET D 244 -19.27 11.93 -17.99
CA MET D 244 -17.99 11.25 -17.81
C MET D 244 -17.26 11.05 -19.13
N ASP D 245 -15.95 10.89 -19.05
CA ASP D 245 -15.12 10.66 -20.22
C ASP D 245 -14.34 9.37 -20.05
N CYS D 246 -14.82 8.31 -20.69
CA CYS D 246 -14.19 7.00 -20.61
C CYS D 246 -12.79 6.97 -21.21
N ALA D 247 -12.59 7.70 -22.31
CA ALA D 247 -11.31 7.70 -23.00
C ALA D 247 -10.94 6.24 -23.27
N ALA D 248 -11.94 5.45 -23.66
CA ALA D 248 -11.80 4.04 -23.93
C ALA D 248 -10.51 3.65 -24.64
N SER D 249 -10.09 4.45 -25.61
CA SER D 249 -8.86 4.18 -26.33
C SER D 249 -7.71 3.84 -25.40
N GLU D 250 -7.65 4.52 -24.27
CA GLU D 250 -6.60 4.29 -23.29
C GLU D 250 -6.58 2.88 -22.71
N PHE D 251 -7.74 2.24 -22.64
CA PHE D 251 -7.81 0.89 -22.10
C PHE D 251 -8.36 -0.10 -23.12
N TYR D 252 -8.07 0.14 -24.39
CA TYR D 252 -8.51 -0.73 -25.47
C TYR D 252 -7.29 -1.50 -25.99
N LYS D 253 -7.18 -2.76 -25.57
CA LYS D 253 -6.07 -3.60 -25.98
C LYS D 253 -6.57 -4.88 -26.64
N ASP D 254 -6.09 -5.16 -27.85
CA ASP D 254 -6.49 -6.35 -28.58
C ASP D 254 -7.99 -6.46 -28.79
N GLY D 255 -8.53 -5.58 -29.64
CA GLY D 255 -9.96 -5.59 -29.93
C GLY D 255 -10.88 -5.80 -28.75
N LYS D 256 -10.50 -5.31 -27.58
CA LYS D 256 -11.34 -5.44 -26.39
C LYS D 256 -11.05 -4.36 -25.36
N TYR D 257 -12.03 -4.11 -24.49
CA TYR D 257 -11.90 -3.09 -23.45
C TYR D 257 -11.78 -3.75 -22.09
N VAL D 258 -10.62 -3.61 -21.46
CA VAL D 258 -10.39 -4.20 -20.15
C VAL D 258 -10.17 -3.13 -19.08
N LEU D 259 -10.65 -3.41 -17.88
CA LEU D 259 -10.52 -2.48 -16.77
C LEU D 259 -9.51 -3.02 -15.76
N ALA D 260 -8.24 -2.66 -15.96
CA ALA D 260 -7.17 -3.11 -15.08
C ALA D 260 -7.45 -2.79 -13.62
N GLY D 261 -8.19 -1.71 -13.39
CA GLY D 261 -8.52 -1.31 -12.03
C GLY D 261 -9.51 -2.26 -11.39
N GLU D 262 -9.96 -3.24 -12.16
CA GLU D 262 -10.92 -4.23 -11.69
C GLU D 262 -10.46 -5.63 -12.08
N GLY D 263 -9.17 -5.88 -11.92
CA GLY D 263 -8.62 -7.17 -12.29
C GLY D 263 -8.65 -7.39 -13.78
N ASN D 264 -8.39 -6.33 -14.52
CA ASN D 264 -8.38 -6.38 -15.98
C ASN D 264 -9.64 -7.04 -16.52
N LYS D 265 -10.79 -6.68 -15.95
CA LYS D 265 -12.06 -7.25 -16.38
C LYS D 265 -12.29 -6.85 -17.85
N ALA D 266 -12.54 -7.84 -18.69
CA ALA D 266 -12.73 -7.58 -20.12
C ALA D 266 -14.17 -7.37 -20.55
N PHE D 267 -14.33 -6.53 -21.58
CA PHE D 267 -15.65 -6.21 -22.14
C PHE D 267 -15.51 -6.08 -23.64
N THR D 268 -16.58 -6.39 -24.36
CA THR D 268 -16.58 -6.26 -25.81
C THR D 268 -17.23 -4.90 -26.07
N SER D 269 -17.02 -4.34 -27.25
CA SER D 269 -17.60 -3.04 -27.58
C SER D 269 -19.07 -2.99 -27.14
N GLU D 270 -19.82 -4.04 -27.45
CA GLU D 270 -21.23 -4.09 -27.08
C GLU D 270 -21.42 -4.24 -25.58
N GLU D 271 -20.67 -5.15 -24.98
CA GLU D 271 -20.75 -5.38 -23.54
C GLU D 271 -20.45 -4.11 -22.75
N PHE D 272 -19.43 -3.37 -23.17
CA PHE D 272 -19.06 -2.15 -22.47
C PHE D 272 -20.16 -1.09 -22.65
N THR D 273 -20.80 -1.09 -23.81
CA THR D 273 -21.87 -0.15 -24.08
C THR D 273 -23.02 -0.39 -23.10
N HIS D 274 -23.35 -1.65 -22.86
CA HIS D 274 -24.44 -1.97 -21.94
C HIS D 274 -23.99 -1.76 -20.51
N PHE D 275 -22.68 -1.81 -20.29
CA PHE D 275 -22.14 -1.57 -18.96
C PHE D 275 -22.37 -0.09 -18.66
N LEU D 276 -22.09 0.74 -19.66
CA LEU D 276 -22.28 2.18 -19.53
C LEU D 276 -23.76 2.49 -19.43
N GLU D 277 -24.57 1.75 -20.19
CA GLU D 277 -26.02 1.92 -20.19
C GLU D 277 -26.57 1.71 -18.78
N GLU D 278 -26.12 0.66 -18.11
CA GLU D 278 -26.59 0.38 -16.76
C GLU D 278 -26.31 1.53 -15.83
N LEU D 279 -25.14 2.15 -15.98
CA LEU D 279 -24.79 3.29 -15.13
C LEU D 279 -25.76 4.45 -15.36
N THR D 280 -26.14 4.67 -16.62
CA THR D 280 -27.07 5.76 -16.93
C THR D 280 -28.44 5.48 -16.35
N LYS D 281 -28.61 4.27 -15.81
CA LYS D 281 -29.89 3.89 -15.20
C LYS D 281 -29.84 4.15 -13.70
N GLN D 282 -28.73 3.77 -13.08
CA GLN D 282 -28.54 3.96 -11.65
C GLN D 282 -28.23 5.42 -11.33
N TYR D 283 -27.52 6.07 -12.24
CA TYR D 283 -27.14 7.47 -12.06
C TYR D 283 -27.61 8.35 -13.22
N PRO D 284 -27.84 9.64 -12.94
CA PRO D 284 -28.31 10.61 -13.95
C PRO D 284 -27.20 11.09 -14.90
N ILE D 285 -26.55 10.13 -15.56
CA ILE D 285 -25.49 10.43 -16.50
C ILE D 285 -26.11 10.77 -17.86
N VAL D 286 -26.01 12.03 -18.27
CA VAL D 286 -26.58 12.46 -19.52
C VAL D 286 -25.54 12.69 -20.62
N SER D 287 -24.28 12.41 -20.32
CA SER D 287 -23.23 12.60 -21.30
C SER D 287 -22.06 11.66 -21.08
N ILE D 288 -21.62 11.03 -22.17
CA ILE D 288 -20.49 10.10 -22.12
C ILE D 288 -19.57 10.34 -23.32
N GLU D 289 -18.35 10.79 -23.03
CA GLU D 289 -17.34 11.06 -24.06
C GLU D 289 -16.45 9.84 -24.33
N ASP D 290 -16.18 9.60 -25.60
CA ASP D 290 -15.33 8.47 -26.01
C ASP D 290 -15.64 7.19 -25.24
N GLY D 291 -16.81 6.63 -25.47
CA GLY D 291 -17.18 5.40 -24.79
C GLY D 291 -16.49 4.19 -25.39
N LEU D 292 -15.90 4.38 -26.57
CA LEU D 292 -15.20 3.31 -27.25
C LEU D 292 -13.91 3.82 -27.90
N ASP D 293 -13.14 2.89 -28.45
CA ASP D 293 -11.86 3.24 -29.10
C ASP D 293 -12.05 4.25 -30.24
N GLU D 294 -11.05 5.09 -30.43
CA GLU D 294 -11.07 6.12 -31.46
C GLU D 294 -11.30 5.54 -32.85
N SER D 295 -11.05 4.26 -33.01
CA SER D 295 -11.22 3.61 -34.32
C SER D 295 -12.34 2.58 -34.35
N ASP D 296 -12.95 2.32 -33.19
CA ASP D 296 -14.03 1.33 -33.12
C ASP D 296 -15.33 1.94 -33.65
N TRP D 297 -15.29 2.44 -34.88
CA TRP D 297 -16.46 3.06 -35.50
C TRP D 297 -17.67 2.13 -35.53
N ASP D 298 -17.44 0.85 -35.78
CA ASP D 298 -18.55 -0.11 -35.80
C ASP D 298 -19.17 -0.18 -34.42
N GLY D 299 -18.33 -0.08 -33.40
CA GLY D 299 -18.81 -0.13 -32.03
C GLY D 299 -19.57 1.15 -31.68
N PHE D 300 -19.06 2.28 -32.16
CA PHE D 300 -19.69 3.57 -31.91
C PHE D 300 -21.05 3.64 -32.59
N ALA D 301 -21.19 2.93 -33.71
CA ALA D 301 -22.45 2.91 -34.44
C ALA D 301 -23.47 2.16 -33.59
N TYR D 302 -23.00 1.12 -32.91
CA TYR D 302 -23.86 0.31 -32.05
C TYR D 302 -24.17 1.02 -30.76
N GLN D 303 -23.20 1.78 -30.24
CA GLN D 303 -23.40 2.53 -29.00
C GLN D 303 -24.34 3.71 -29.22
N THR D 304 -24.27 4.29 -30.42
CA THR D 304 -25.12 5.43 -30.76
C THR D 304 -26.57 4.97 -30.90
N LYS D 305 -26.77 3.72 -31.28
CA LYS D 305 -28.11 3.18 -31.46
C LYS D 305 -28.76 2.80 -30.14
N VAL D 306 -27.94 2.38 -29.17
CA VAL D 306 -28.46 1.98 -27.86
C VAL D 306 -28.61 3.13 -26.87
N LEU D 307 -27.71 4.11 -26.94
CA LEU D 307 -27.74 5.24 -26.01
C LEU D 307 -27.96 6.57 -26.70
N GLY D 308 -27.87 6.58 -28.03
CA GLY D 308 -28.02 7.82 -28.78
C GLY D 308 -29.22 8.71 -28.51
N ASP D 309 -30.38 8.10 -28.30
CA ASP D 309 -31.59 8.88 -28.05
C ASP D 309 -31.71 9.57 -26.69
N LYS D 310 -31.10 9.00 -25.66
CA LYS D 310 -31.21 9.60 -24.33
C LYS D 310 -29.91 10.14 -23.73
N ILE D 311 -28.77 9.83 -24.35
CA ILE D 311 -27.50 10.30 -23.82
C ILE D 311 -26.65 11.02 -24.85
N GLN D 312 -26.01 12.11 -24.43
CA GLN D 312 -25.13 12.86 -25.31
C GLN D 312 -23.84 12.07 -25.48
N LEU D 313 -23.59 11.60 -26.69
CA LEU D 313 -22.39 10.84 -26.99
C LEU D 313 -21.36 11.75 -27.65
N VAL D 314 -20.46 12.29 -26.84
CA VAL D 314 -19.44 13.21 -27.32
C VAL D 314 -18.22 12.49 -27.91
N GLY D 315 -17.82 12.91 -29.11
CA GLY D 315 -16.67 12.32 -29.74
C GLY D 315 -15.45 13.21 -29.53
N ASP D 316 -14.42 12.65 -28.88
CA ASP D 316 -13.19 13.40 -28.63
C ASP D 316 -12.05 12.91 -29.53
N ASP D 317 -11.44 11.79 -29.15
CA ASP D 317 -10.37 11.23 -29.96
C ASP D 317 -10.96 10.71 -31.26
N LEU D 318 -12.25 10.39 -31.21
CA LEU D 318 -12.97 9.89 -32.36
C LEU D 318 -13.00 10.88 -33.52
N PHE D 319 -13.11 12.16 -33.20
CA PHE D 319 -13.16 13.20 -34.23
C PHE D 319 -11.96 14.14 -34.20
N VAL D 320 -11.18 14.08 -33.13
CA VAL D 320 -10.02 14.95 -32.97
C VAL D 320 -10.21 16.34 -33.58
N THR D 321 -11.38 16.91 -33.35
CA THR D 321 -11.73 18.25 -33.85
C THR D 321 -11.35 18.41 -35.32
N ASN D 322 -11.50 17.33 -36.10
CA ASN D 322 -11.17 17.37 -37.51
C ASN D 322 -12.43 17.41 -38.36
N THR D 323 -12.58 18.48 -39.13
CA THR D 323 -13.74 18.64 -40.00
C THR D 323 -14.00 17.43 -40.88
N LYS D 324 -12.94 16.89 -41.48
CA LYS D 324 -13.06 15.72 -42.34
C LYS D 324 -13.63 14.52 -41.58
N ILE D 325 -13.02 14.19 -40.46
CA ILE D 325 -13.47 13.06 -39.66
C ILE D 325 -14.90 13.23 -39.14
N LEU D 326 -15.23 14.42 -38.65
CA LEU D 326 -16.57 14.68 -38.13
C LEU D 326 -17.65 14.46 -39.18
N LYS D 327 -17.37 14.85 -40.43
CA LYS D 327 -18.33 14.69 -41.50
C LYS D 327 -18.69 13.22 -41.68
N GLU D 328 -17.68 12.35 -41.69
CA GLU D 328 -17.91 10.93 -41.82
C GLU D 328 -18.83 10.42 -40.71
N GLY D 329 -18.49 10.77 -39.48
CA GLY D 329 -19.31 10.33 -38.36
C GLY D 329 -20.76 10.75 -38.56
N ILE D 330 -20.97 11.99 -38.99
CA ILE D 330 -22.31 12.51 -39.21
C ILE D 330 -23.06 11.70 -40.26
N GLU D 331 -22.36 11.31 -41.33
CA GLU D 331 -22.98 10.52 -42.39
C GLU D 331 -23.19 9.06 -41.97
N LYS D 332 -22.35 8.58 -41.06
CA LYS D 332 -22.46 7.22 -40.58
C LYS D 332 -23.36 7.18 -39.35
N GLY D 333 -23.88 8.34 -38.96
CA GLY D 333 -24.74 8.41 -37.80
C GLY D 333 -24.00 8.01 -36.54
N ILE D 334 -22.75 8.44 -36.43
CA ILE D 334 -21.92 8.13 -35.28
C ILE D 334 -21.94 9.26 -34.25
N ALA D 335 -22.35 8.93 -33.02
CA ALA D 335 -22.41 9.91 -31.93
C ALA D 335 -23.35 11.06 -32.27
N ASN D 336 -23.37 12.08 -31.40
CA ASN D 336 -24.24 13.23 -31.60
C ASN D 336 -23.64 14.49 -30.99
N SER D 337 -22.37 14.40 -30.60
CA SER D 337 -21.69 15.54 -29.98
C SER D 337 -20.19 15.45 -30.27
N ILE D 338 -19.49 16.58 -30.14
CA ILE D 338 -18.06 16.62 -30.39
C ILE D 338 -17.31 17.53 -29.43
N LEU D 339 -16.16 17.06 -28.95
CA LEU D 339 -15.34 17.83 -28.03
C LEU D 339 -14.43 18.73 -28.88
N ILE D 340 -14.51 20.04 -28.66
CA ILE D 340 -13.74 20.99 -29.42
C ILE D 340 -12.42 21.41 -28.77
N LYS D 341 -11.31 20.97 -29.37
CA LYS D 341 -9.97 21.30 -28.89
C LYS D 341 -9.19 21.86 -30.07
N PHE D 342 -8.99 23.17 -30.09
CA PHE D 342 -8.27 23.79 -31.19
C PHE D 342 -6.83 23.29 -31.37
N ASN D 343 -6.28 22.65 -30.34
CA ASN D 343 -4.91 22.14 -30.42
C ASN D 343 -4.87 20.77 -31.08
N GLN D 344 -6.04 20.19 -31.34
CA GLN D 344 -6.12 18.89 -31.98
C GLN D 344 -6.08 19.06 -33.49
N ILE D 345 -6.51 20.23 -33.97
CA ILE D 345 -6.52 20.50 -35.38
C ILE D 345 -5.39 21.45 -35.78
N GLY D 346 -5.13 22.46 -34.95
CA GLY D 346 -4.03 23.37 -35.25
C GLY D 346 -4.32 24.86 -35.32
N SER D 347 -5.49 25.23 -35.82
CA SER D 347 -5.81 26.65 -35.93
C SER D 347 -7.23 27.00 -35.49
N LEU D 348 -7.48 28.30 -35.31
CA LEU D 348 -8.77 28.79 -34.90
C LEU D 348 -9.79 28.69 -36.02
N THR D 349 -9.35 28.96 -37.26
CA THR D 349 -10.22 28.89 -38.41
C THR D 349 -10.72 27.45 -38.60
N GLU D 350 -9.81 26.50 -38.43
CA GLU D 350 -10.15 25.09 -38.57
C GLU D 350 -11.10 24.67 -37.45
N THR D 351 -10.88 25.25 -36.27
CA THR D 351 -11.71 24.96 -35.10
C THR D 351 -13.14 25.47 -35.31
N LEU D 352 -13.25 26.74 -35.70
CA LEU D 352 -14.55 27.34 -35.93
C LEU D 352 -15.32 26.57 -37.00
N ALA D 353 -14.58 25.93 -37.90
CA ALA D 353 -15.21 25.15 -38.97
C ALA D 353 -15.83 23.88 -38.40
N ALA D 354 -15.16 23.28 -37.41
CA ALA D 354 -15.66 22.08 -36.78
C ALA D 354 -16.93 22.40 -35.99
N ILE D 355 -16.90 23.51 -35.26
CA ILE D 355 -18.04 23.93 -34.46
C ILE D 355 -19.29 24.16 -35.32
N LYS D 356 -19.10 24.75 -36.50
CA LYS D 356 -20.20 25.03 -37.41
C LYS D 356 -20.80 23.75 -37.98
N MET D 357 -19.94 22.83 -38.37
CA MET D 357 -20.39 21.55 -38.94
C MET D 357 -21.27 20.80 -37.95
N ALA D 358 -20.83 20.72 -36.70
CA ALA D 358 -21.59 20.02 -35.67
C ALA D 358 -23.00 20.64 -35.56
N LYS D 359 -23.04 21.93 -35.25
CA LYS D 359 -24.29 22.65 -35.11
C LYS D 359 -25.23 22.45 -36.31
N ASP D 360 -24.69 22.60 -37.53
CA ASP D 360 -25.50 22.42 -38.71
C ASP D 360 -25.99 20.99 -38.86
N ALA D 361 -25.33 20.08 -38.14
CA ALA D 361 -25.70 18.67 -38.22
C ALA D 361 -26.56 18.21 -37.04
N GLY D 362 -26.77 19.11 -36.07
CA GLY D 362 -27.57 18.77 -34.91
C GLY D 362 -26.70 18.25 -33.77
N TYR D 363 -25.39 18.22 -33.99
CA TYR D 363 -24.45 17.78 -32.97
C TYR D 363 -24.09 18.94 -32.06
N THR D 364 -24.01 18.68 -30.76
CA THR D 364 -23.63 19.71 -29.81
C THR D 364 -22.12 19.85 -29.79
N ALA D 365 -21.65 21.07 -29.55
CA ALA D 365 -20.21 21.34 -29.50
C ALA D 365 -19.78 21.67 -28.09
N VAL D 366 -18.79 20.93 -27.58
CA VAL D 366 -18.29 21.15 -26.23
C VAL D 366 -16.84 21.66 -26.28
N ILE D 367 -16.67 22.97 -26.10
CA ILE D 367 -15.34 23.56 -26.12
C ILE D 367 -14.55 22.94 -24.94
N SER D 368 -13.40 22.35 -25.23
CA SER D 368 -12.62 21.70 -24.21
C SER D 368 -11.18 22.21 -24.05
N HIS D 369 -10.56 21.79 -22.95
CA HIS D 369 -9.20 22.12 -22.63
C HIS D 369 -8.39 20.83 -22.80
N ARG D 370 -7.17 20.81 -22.27
CA ARG D 370 -6.33 19.62 -22.31
C ARG D 370 -5.89 19.35 -20.88
N SER D 371 -5.41 18.14 -20.61
CA SER D 371 -4.96 17.79 -19.26
C SER D 371 -3.79 18.69 -18.88
N GLY D 372 -3.12 19.25 -19.88
CA GLY D 372 -2.01 20.15 -19.64
C GLY D 372 -2.39 21.54 -20.15
N GLU D 373 -2.62 22.46 -19.22
CA GLU D 373 -3.00 23.82 -19.57
C GLU D 373 -2.00 24.87 -19.11
N THR D 374 -2.37 26.14 -19.27
CA THR D 374 -1.56 27.27 -18.87
C THR D 374 -2.52 28.31 -18.29
N GLU D 375 -1.99 29.51 -17.99
CA GLU D 375 -2.80 30.58 -17.44
C GLU D 375 -3.86 31.02 -18.48
N ASP D 376 -3.59 30.71 -19.75
CA ASP D 376 -4.48 31.06 -20.84
C ASP D 376 -5.93 30.63 -20.57
N ALA D 377 -6.87 31.38 -21.12
CA ALA D 377 -8.30 31.08 -20.95
C ALA D 377 -9.10 31.41 -22.22
N THR D 378 -8.47 31.14 -23.36
CA THR D 378 -9.10 31.41 -24.65
C THR D 378 -10.40 30.63 -24.87
N ILE D 379 -10.40 29.35 -24.48
CA ILE D 379 -11.58 28.52 -24.67
C ILE D 379 -12.86 29.12 -24.08
N ALA D 380 -12.70 29.97 -23.07
CA ALA D 380 -13.85 30.59 -22.45
C ALA D 380 -14.46 31.56 -23.47
N ASP D 381 -13.64 32.42 -24.02
CA ASP D 381 -14.10 33.38 -25.03
C ASP D 381 -14.57 32.63 -26.26
N LEU D 382 -13.93 31.51 -26.56
CA LEU D 382 -14.31 30.69 -27.70
C LEU D 382 -15.71 30.10 -27.52
N ALA D 383 -15.99 29.67 -26.29
CA ALA D 383 -17.29 29.08 -25.97
C ALA D 383 -18.41 30.14 -26.14
N VAL D 384 -18.22 31.29 -25.53
CA VAL D 384 -19.19 32.36 -25.61
C VAL D 384 -19.29 32.96 -27.03
N GLY D 385 -18.13 33.28 -27.60
CA GLY D 385 -18.10 33.85 -28.94
C GLY D 385 -18.73 32.98 -30.01
N THR D 386 -18.85 31.68 -29.73
CA THR D 386 -19.45 30.75 -30.69
C THR D 386 -20.76 30.18 -30.18
N ALA D 387 -21.18 30.63 -29.00
CA ALA D 387 -22.42 30.14 -28.40
C ALA D 387 -22.46 28.62 -28.44
N ALA D 388 -21.32 28.00 -28.14
CA ALA D 388 -21.23 26.54 -28.15
C ALA D 388 -22.32 25.93 -27.29
N GLY D 389 -22.44 26.42 -26.06
CA GLY D 389 -23.46 25.90 -25.16
C GLY D 389 -22.90 25.12 -24.00
N GLN D 390 -21.77 24.43 -24.24
CA GLN D 390 -21.14 23.62 -23.20
C GLN D 390 -19.63 23.87 -23.16
N ILE D 391 -19.01 23.54 -22.03
CA ILE D 391 -17.58 23.72 -21.86
C ILE D 391 -17.03 22.77 -20.82
N LYS D 392 -15.87 22.17 -21.11
CA LYS D 392 -15.21 21.25 -20.20
C LYS D 392 -13.83 21.83 -19.94
N THR D 393 -13.65 22.46 -18.78
CA THR D 393 -12.38 23.07 -18.47
C THR D 393 -11.82 22.70 -17.09
N GLY D 394 -12.10 21.49 -16.64
CA GLY D 394 -11.54 21.01 -15.37
C GLY D 394 -12.37 21.14 -14.12
N SER D 395 -11.82 20.66 -13.02
CA SER D 395 -12.45 20.70 -11.73
C SER D 395 -12.48 22.13 -11.19
N MET D 396 -12.84 22.30 -9.94
CA MET D 396 -12.90 23.62 -9.33
C MET D 396 -11.66 23.86 -8.47
N SER D 397 -10.52 23.36 -8.93
CA SER D 397 -9.24 23.54 -8.23
C SER D 397 -8.14 23.64 -9.28
N ARG D 398 -7.04 24.29 -8.91
CA ARG D 398 -5.91 24.49 -9.82
C ARG D 398 -6.24 25.63 -10.78
N SER D 399 -5.48 26.71 -10.69
CA SER D 399 -5.68 27.87 -11.51
C SER D 399 -5.69 27.59 -13.00
N ASP D 400 -5.06 26.51 -13.42
CA ASP D 400 -5.04 26.17 -14.84
C ASP D 400 -6.44 25.77 -15.29
N ARG D 401 -7.30 25.47 -14.32
CA ARG D 401 -8.69 25.10 -14.62
C ARG D 401 -9.61 26.28 -14.27
N VAL D 402 -9.46 26.77 -13.05
CA VAL D 402 -10.29 27.87 -12.57
C VAL D 402 -10.02 29.21 -13.26
N ALA D 403 -8.96 29.27 -14.06
CA ALA D 403 -8.65 30.49 -14.79
C ALA D 403 -9.75 30.70 -15.83
N LYS D 404 -10.24 29.61 -16.40
CA LYS D 404 -11.29 29.67 -17.39
C LYS D 404 -12.61 30.10 -16.75
N TYR D 405 -12.93 29.51 -15.59
CA TYR D 405 -14.17 29.85 -14.89
C TYR D 405 -14.19 31.31 -14.52
N ASN D 406 -13.05 31.83 -14.09
CA ASN D 406 -12.95 33.23 -13.70
C ASN D 406 -13.21 34.11 -14.94
N GLN D 407 -12.68 33.67 -16.09
CA GLN D 407 -12.86 34.41 -17.31
C GLN D 407 -14.34 34.31 -17.72
N LEU D 408 -14.96 33.19 -17.39
CA LEU D 408 -16.37 32.97 -17.69
C LEU D 408 -17.22 33.92 -16.82
N ILE D 409 -16.72 34.23 -15.63
CA ILE D 409 -17.42 35.14 -14.73
C ILE D 409 -17.28 36.56 -15.22
N ARG D 410 -16.06 36.92 -15.65
CA ARG D 410 -15.80 38.27 -16.14
C ARG D 410 -16.67 38.57 -17.35
N ILE D 411 -16.76 37.61 -18.26
CA ILE D 411 -17.54 37.77 -19.48
C ILE D 411 -19.04 37.92 -19.21
N GLU D 412 -19.60 37.03 -18.39
CA GLU D 412 -21.00 37.08 -18.09
C GLU D 412 -21.35 38.37 -17.36
N GLU D 413 -20.37 38.90 -16.62
CA GLU D 413 -20.55 40.14 -15.88
C GLU D 413 -20.70 41.31 -16.84
N ALA D 414 -20.09 41.19 -18.02
CA ALA D 414 -20.14 42.25 -19.02
C ALA D 414 -21.22 42.03 -20.08
N LEU D 415 -21.52 40.78 -20.38
CA LEU D 415 -22.53 40.46 -21.38
C LEU D 415 -23.96 40.46 -20.84
N GLY D 416 -24.10 40.04 -19.58
CA GLY D 416 -25.42 39.99 -18.99
C GLY D 416 -26.36 39.06 -19.74
N GLU D 417 -27.61 39.48 -19.90
CA GLU D 417 -28.61 38.68 -20.59
C GLU D 417 -28.27 38.49 -22.07
N LYS D 418 -27.25 39.19 -22.55
CA LYS D 418 -26.85 39.06 -23.93
C LYS D 418 -26.19 37.69 -24.13
N ALA D 419 -25.83 37.07 -23.01
CA ALA D 419 -25.20 35.75 -23.02
C ALA D 419 -25.97 34.84 -22.07
N PRO D 420 -27.13 34.35 -22.52
CA PRO D 420 -28.00 33.47 -21.73
C PRO D 420 -27.39 32.11 -21.37
N TYR D 421 -27.73 31.63 -20.18
CA TYR D 421 -27.27 30.34 -19.70
C TYR D 421 -28.45 29.38 -19.89
N ASN D 422 -28.55 28.83 -21.10
CA ASN D 422 -29.64 27.92 -21.45
C ASN D 422 -29.77 26.67 -20.58
N GLY D 423 -28.70 26.32 -19.87
CA GLY D 423 -28.74 25.15 -19.01
C GLY D 423 -28.88 23.81 -19.70
N ARG D 424 -29.60 22.89 -19.06
CA ARG D 424 -29.81 21.55 -19.59
C ARG D 424 -30.17 21.47 -21.06
N LYS D 425 -30.84 22.49 -21.58
CA LYS D 425 -31.25 22.53 -22.97
C LYS D 425 -30.07 22.41 -23.93
N GLU D 426 -28.86 22.61 -23.40
CA GLU D 426 -27.65 22.53 -24.21
C GLU D 426 -27.21 21.08 -24.46
N ILE D 427 -27.34 20.24 -23.45
CA ILE D 427 -26.96 18.83 -23.55
C ILE D 427 -27.82 18.09 -24.56
N LYS D 428 -27.18 17.55 -25.59
CA LYS D 428 -27.86 16.80 -26.65
C LYS D 428 -28.73 15.68 -26.10
N GLY D 429 -30.02 15.72 -26.44
CA GLY D 429 -30.94 14.71 -25.97
C GLY D 429 -31.79 15.17 -24.79
N GLN D 430 -31.65 16.44 -24.44
CA GLN D 430 -32.41 17.00 -23.33
C GLN D 430 -33.50 17.95 -23.82
N ALA D 431 -34.33 17.44 -24.74
CA ALA D 431 -35.43 18.23 -25.32
C ALA D 431 -34.90 19.47 -26.05
#